data_7X22
#
_entry.id   7X22
#
_cell.length_a   1.00
_cell.length_b   1.00
_cell.length_c   1.00
_cell.angle_alpha   90.00
_cell.angle_beta   90.00
_cell.angle_gamma   90.00
#
_symmetry.space_group_name_H-M   'P 1'
#
loop_
_entity.id
_entity.type
_entity.pdbx_description
1 polymer 'Potassium-transporting ATPase alpha chain 2'
2 polymer 'Sodium/potassium-transporting ATPase subunit beta-1'
3 non-polymer 'TETRAFLUOROALUMINATE ION'
4 non-polymer 'MAGNESIUM ION'
5 non-polymer 'POTASSIUM ION'
6 non-polymer CHOLESTEROL
7 non-polymer 1,2-DIOLEOYL-SN-GLYCERO-3-PHOSPHOCHOLINE
8 non-polymer 2-acetamido-2-deoxy-beta-D-glucopyranose
9 water water
#
loop_
_entity_poly.entity_id
_entity_poly.type
_entity_poly.pdbx_seq_one_letter_code
_entity_poly.pdbx_strand_id
1 'polypeptide(L)'
;GMDLDDHRLSNTELEQKYGTNIIQGLSSVRATELLARDGPNTLTPPKQTPEIIKFLKQMVGGFSILLWIGAALCWIAFVI
QYVNNSASLDNVYLGAILVLVVILTGIFAYYQEAKSTNIMASFSKMIPQQALVIRDAEKKVISAEQLVVGDVVEIKGGDQ
IPADIRLVFSQGCKVDNSSLTGESEPQARSTEFTHENPLETKNIGFYSTTCLEGTATGIVINTGDRTIIGRIASLASGVG
SEKTPIAIEIEHFVHIVAGVAVSIGIIFFITAVCMKYYVLDAIIFLISIIVANVPEGLLATVTVTLSLTAKRMAKKNCLV
KNLEAVETLGSTSIICSDKTGTLTQNRMTVAHLWFDNQIFVADTSENQTKQAFDQSSGTWASLSKIITLCNRAEFRPGQE
SVPIMKRTVVGDASETALLKFSEVILGDVMGIRKRNHKVAEIPFNSTNKFQLSIHETEDPNNKRFLVVMKGAPERILEKC
STIMINGQEQPLDKSSADSFHTAYMELGGLGERVLGFCHLYLPAEQFPQSYIFDVDSVNFPTSNFCFVGLLSMIDPPRST
VPDAVSKCRSAGIKVIMVTGDHPITAKAIAKSVGIISANNETVEDIAKRRNIAVEQVNKREAKAAVVTGMELKDMTPEQL
DELLTNYQEIVFARTSPQQKLIIVEGCQRQDAIVAVTGDGVNDSPALKKADIGIAMGIAGSDAAKNAADMVLLDDNFASI
VTGVEEGRLIFDNLKKTIAYTLTSNIAELCPFLIYIVAGLPLPIGTITILFIDLGTDIIPSIALAYEKAESDIMNRKPRH
KKKDRLVNTQLAIYSYLHIGLMQALGGFLVYFTVYAQQGFWPTSLINLRVAWETDDINDLEDSYGQEWTRYQRKYLEWTG
STAFFVAIMIQQIADLIIRKTRRNSIFQQGLFRNKVIWVGIASQVIVALILSYGLGSVPALSFTMLRVQYWFVAVPHAIL
IWVYDEMRKLFIRLYPGSWWDKNMYY
;
A
2 'polypeptide(L)'
;MGDYKDDDDKSSGENLYFQGMARGKAKEEGSWKKFIWNSEKKEFLGRTGGSWFKILLFYVIFYGCLAGIFIGTIQVMLLT
ISELKPTYQDRVAPPGLTQIPQIQKTEISFRPNDPKSYEAYVLNIIRFLEKYKDSAQKDDMIFEDCGSMPSEPKERGEFN
HERGERKVCRFKLDWLGNCSGLNDESYGYKEGKPCIIIKLNRVLGFKPKPPKNESLETYPLTMKYNPNVLPVQCTGKRDE
DKDKVGNIEYFGMGGFYGFPLQYYPYYGKLLQPKYLQPLLAVQFTNLTLDTEIRIECKAYGENIGYSEKDRFQGRFDVKI
EVKS
;
B
#
loop_
_chem_comp.id
_chem_comp.type
_chem_comp.name
_chem_comp.formula
ALF non-polymer 'TETRAFLUOROALUMINATE ION' 'Al F4 -1'
CLR non-polymer CHOLESTEROL 'C27 H46 O'
K non-polymer 'POTASSIUM ION' 'K 1'
MG non-polymer 'MAGNESIUM ION' 'Mg 2'
NAG D-saccharide, beta linking 2-acetamido-2-deoxy-beta-D-glucopyranose 'C8 H15 N O6'
PCW non-polymer 1,2-DIOLEOYL-SN-GLYCERO-3-PHOSPHOCHOLINE 'C44 H85 N O8 P 1'
#
# COMPACT_ATOMS: atom_id res chain seq x y z
N GLY A 1 -16.79 -37.08 -4.99
CA GLY A 1 -15.37 -37.40 -5.04
C GLY A 1 -15.10 -38.86 -5.30
N MET A 2 -15.31 -39.28 -6.54
CA MET A 2 -15.08 -40.67 -6.94
C MET A 2 -13.65 -40.80 -7.46
N ASP A 3 -12.72 -41.02 -6.54
CA ASP A 3 -11.32 -41.19 -6.90
C ASP A 3 -10.97 -42.60 -7.32
N LEU A 4 -11.91 -43.54 -7.25
CA LEU A 4 -11.67 -44.92 -7.65
C LEU A 4 -11.85 -45.05 -9.16
N ASP A 5 -10.82 -44.60 -9.89
CA ASP A 5 -10.86 -44.62 -11.33
C ASP A 5 -10.94 -46.05 -11.86
N ASP A 6 -11.69 -46.24 -12.95
CA ASP A 6 -11.94 -47.55 -13.53
C ASP A 6 -11.74 -47.47 -15.04
N HIS A 7 -10.53 -47.77 -15.50
CA HIS A 7 -10.25 -47.87 -16.93
C HIS A 7 -9.75 -49.24 -17.36
N ARG A 8 -9.17 -50.02 -16.44
CA ARG A 8 -8.77 -51.38 -16.77
C ARG A 8 -9.97 -52.28 -17.06
N LEU A 9 -11.17 -51.87 -16.68
CA LEU A 9 -12.34 -52.70 -16.89
C LEU A 9 -12.61 -52.87 -18.38
N SER A 10 -13.05 -54.07 -18.75
CA SER A 10 -13.42 -54.35 -20.13
C SER A 10 -14.83 -53.85 -20.41
N ASN A 11 -15.28 -54.06 -21.66
CA ASN A 11 -16.60 -53.57 -22.04
C ASN A 11 -17.69 -54.23 -21.21
N THR A 12 -17.60 -55.54 -21.01
CA THR A 12 -18.60 -56.23 -20.21
C THR A 12 -18.59 -55.74 -18.77
N GLU A 13 -17.40 -55.52 -18.21
CA GLU A 13 -17.32 -55.01 -16.84
C GLU A 13 -17.94 -53.62 -16.74
N LEU A 14 -17.67 -52.76 -17.72
CA LEU A 14 -18.28 -51.43 -17.71
C LEU A 14 -19.79 -51.53 -17.80
N GLU A 15 -20.30 -52.40 -18.67
CA GLU A 15 -21.75 -52.56 -18.80
C GLU A 15 -22.36 -53.02 -17.49
N GLN A 16 -21.73 -53.99 -16.83
CA GLN A 16 -22.24 -54.47 -15.54
C GLN A 16 -22.20 -53.37 -14.49
N LYS A 17 -21.11 -52.61 -14.45
CA LYS A 17 -20.97 -51.57 -13.44
C LYS A 17 -22.02 -50.47 -13.62
N TYR A 18 -22.15 -49.95 -14.84
CA TYR A 18 -23.07 -48.88 -15.12
C TYR A 18 -24.43 -49.37 -15.60
N GLY A 19 -24.60 -50.67 -15.75
CA GLY A 19 -25.91 -51.20 -16.13
C GLY A 19 -26.42 -50.64 -17.44
N THR A 20 -25.57 -50.58 -18.46
CA THR A 20 -25.94 -50.06 -19.76
C THR A 20 -25.43 -51.01 -20.84
N ASN A 21 -25.82 -50.71 -22.09
CA ASN A 21 -25.41 -51.50 -23.23
C ASN A 21 -24.84 -50.58 -24.30
N ILE A 22 -23.82 -51.06 -25.01
CA ILE A 22 -23.21 -50.25 -26.06
C ILE A 22 -24.22 -49.99 -27.17
N ILE A 23 -24.97 -51.02 -27.59
CA ILE A 23 -25.95 -50.88 -28.66
C ILE A 23 -27.18 -50.14 -28.13
N GLN A 24 -27.66 -50.54 -26.96
CA GLN A 24 -28.90 -49.97 -26.43
C GLN A 24 -28.67 -48.61 -25.79
N GLY A 25 -27.83 -48.56 -24.75
CA GLY A 25 -27.62 -47.34 -24.01
C GLY A 25 -28.68 -47.11 -22.95
N LEU A 26 -28.47 -46.03 -22.19
CA LEU A 26 -29.39 -45.71 -21.11
C LEU A 26 -30.77 -45.37 -21.66
N SER A 27 -31.80 -45.81 -20.94
CA SER A 27 -33.17 -45.49 -21.32
C SER A 27 -33.54 -44.08 -20.90
N SER A 28 -34.56 -43.53 -21.56
CA SER A 28 -35.00 -42.18 -21.25
C SER A 28 -35.45 -42.05 -19.80
N VAL A 29 -36.24 -43.01 -19.32
CA VAL A 29 -36.65 -43.00 -17.91
C VAL A 29 -35.44 -43.16 -17.00
N ARG A 30 -34.55 -44.10 -17.34
CA ARG A 30 -33.33 -44.28 -16.56
C ARG A 30 -32.47 -43.02 -16.61
N ALA A 31 -32.40 -42.38 -17.78
CA ALA A 31 -31.64 -41.14 -17.90
C ALA A 31 -32.21 -40.06 -16.99
N THR A 32 -33.53 -39.93 -16.94
CA THR A 32 -34.15 -38.94 -16.08
C THR A 32 -33.89 -39.25 -14.61
N GLU A 33 -33.98 -40.53 -14.24
CA GLU A 33 -33.70 -40.90 -12.85
C GLU A 33 -32.26 -40.58 -12.47
N LEU A 34 -31.32 -40.88 -13.37
CA LEU A 34 -29.93 -40.56 -13.11
C LEU A 34 -29.71 -39.06 -13.01
N LEU A 35 -30.38 -38.29 -13.86
CA LEU A 35 -30.28 -36.84 -13.76
C LEU A 35 -30.77 -36.35 -12.41
N ALA A 36 -31.89 -36.89 -11.95
CA ALA A 36 -32.42 -36.51 -10.64
C ALA A 36 -31.45 -36.88 -9.52
N ARG A 37 -30.85 -38.07 -9.61
CA ARG A 37 -29.97 -38.55 -8.54
C ARG A 37 -28.65 -37.79 -8.51
N ASP A 38 -27.88 -37.88 -9.60
CA ASP A 38 -26.56 -37.25 -9.64
C ASP A 38 -26.67 -35.74 -9.84
N GLY A 39 -27.25 -35.32 -10.95
CA GLY A 39 -27.40 -33.91 -11.24
C GLY A 39 -26.96 -33.56 -12.65
N PRO A 40 -27.06 -32.28 -13.01
CA PRO A 40 -26.69 -31.86 -14.35
C PRO A 40 -25.19 -31.95 -14.59
N ASN A 41 -24.83 -32.07 -15.86
CA ASN A 41 -23.43 -32.12 -16.28
C ASN A 41 -22.93 -30.71 -16.53
N THR A 42 -22.65 -30.00 -15.43
CA THR A 42 -22.18 -28.63 -15.50
C THR A 42 -21.31 -28.33 -14.29
N LEU A 43 -20.48 -27.30 -14.42
CA LEU A 43 -19.59 -26.87 -13.35
C LEU A 43 -20.30 -25.83 -12.51
N THR A 44 -20.49 -26.13 -11.22
CA THR A 44 -21.15 -25.20 -10.33
C THR A 44 -20.26 -23.99 -10.05
N PRO A 45 -20.74 -22.76 -10.29
CA PRO A 45 -19.89 -21.60 -10.04
C PRO A 45 -19.65 -21.42 -8.56
N PRO A 46 -18.52 -20.83 -8.18
CA PRO A 46 -18.25 -20.58 -6.76
C PRO A 46 -19.12 -19.47 -6.21
N LYS A 47 -19.31 -19.51 -4.89
CA LYS A 47 -20.08 -18.48 -4.20
C LYS A 47 -19.24 -17.21 -4.05
N GLN A 48 -19.81 -16.08 -4.45
CA GLN A 48 -19.14 -14.79 -4.41
C GLN A 48 -19.82 -13.89 -3.40
N THR A 49 -19.05 -13.37 -2.46
CA THR A 49 -19.60 -12.46 -1.46
C THR A 49 -19.97 -11.14 -2.12
N PRO A 50 -21.10 -10.54 -1.76
CA PRO A 50 -21.48 -9.27 -2.37
C PRO A 50 -20.45 -8.19 -2.12
N GLU A 51 -20.23 -7.34 -3.12
CA GLU A 51 -19.24 -6.28 -2.99
C GLU A 51 -19.58 -5.33 -1.85
N ILE A 52 -20.87 -5.16 -1.56
CA ILE A 52 -21.28 -4.27 -0.46
C ILE A 52 -20.75 -4.80 0.87
N ILE A 53 -20.81 -6.12 1.06
CA ILE A 53 -20.31 -6.71 2.29
C ILE A 53 -18.83 -6.44 2.44
N LYS A 54 -18.07 -6.58 1.34
CA LYS A 54 -16.65 -6.29 1.38
C LYS A 54 -16.39 -4.82 1.70
N PHE A 55 -17.16 -3.92 1.09
CA PHE A 55 -16.97 -2.50 1.37
C PHE A 55 -17.21 -2.19 2.84
N LEU A 56 -18.30 -2.71 3.41
CA LEU A 56 -18.55 -2.49 4.83
C LEU A 56 -17.49 -3.12 5.71
N LYS A 57 -17.04 -4.33 5.37
CA LYS A 57 -15.95 -4.94 6.13
C LYS A 57 -14.69 -4.07 6.08
N GLN A 58 -14.51 -3.32 5.00
CA GLN A 58 -13.38 -2.40 4.90
C GLN A 58 -13.48 -1.23 5.88
N MET A 59 -14.63 -1.04 6.52
CA MET A 59 -14.82 0.06 7.46
C MET A 59 -14.30 -0.25 8.85
N VAL A 60 -13.80 -1.46 9.09
CA VAL A 60 -13.23 -1.83 10.38
C VAL A 60 -11.76 -2.23 10.29
N GLY A 61 -11.22 -2.36 9.08
CA GLY A 61 -9.81 -2.70 8.95
C GLY A 61 -8.91 -1.51 9.25
N GLY A 62 -7.68 -1.81 9.64
CA GLY A 62 -6.72 -0.77 9.95
C GLY A 62 -6.98 -0.14 11.30
N PHE A 63 -6.86 1.19 11.38
CA PHE A 63 -7.11 1.93 12.60
C PHE A 63 -8.57 2.35 12.74
N SER A 64 -9.44 1.85 11.87
CA SER A 64 -10.82 2.32 11.86
C SER A 64 -11.50 2.06 13.20
N ILE A 65 -11.10 1.02 13.91
CA ILE A 65 -11.68 0.75 15.23
C ILE A 65 -11.36 1.91 16.18
N LEU A 66 -10.10 2.34 16.19
CA LEU A 66 -9.71 3.46 17.05
C LEU A 66 -10.44 4.73 16.67
N LEU A 67 -10.59 4.98 15.36
CA LEU A 67 -11.31 6.17 14.93
C LEU A 67 -12.78 6.13 15.32
N TRP A 68 -13.41 4.95 15.22
CA TRP A 68 -14.80 4.83 15.67
C TRP A 68 -14.91 5.08 17.17
N ILE A 69 -13.97 4.54 17.95
CA ILE A 69 -13.97 4.81 19.39
C ILE A 69 -13.81 6.29 19.65
N GLY A 70 -12.93 6.95 18.91
CA GLY A 70 -12.74 8.38 19.07
C GLY A 70 -13.99 9.17 18.73
N ALA A 71 -14.69 8.78 17.67
CA ALA A 71 -15.94 9.44 17.33
C ALA A 71 -16.98 9.26 18.41
N ALA A 72 -17.07 8.04 18.97
CA ALA A 72 -18.01 7.81 20.07
C ALA A 72 -17.67 8.67 21.28
N LEU A 73 -16.38 8.76 21.61
CA LEU A 73 -15.97 9.60 22.72
C LEU A 73 -16.27 11.08 22.45
N CYS A 74 -16.08 11.52 21.22
CA CYS A 74 -16.40 12.90 20.87
C CYS A 74 -17.89 13.17 21.05
N TRP A 75 -18.73 12.22 20.62
CA TRP A 75 -20.17 12.39 20.82
C TRP A 75 -20.52 12.43 22.31
N ILE A 76 -19.89 11.56 23.11
CA ILE A 76 -20.17 11.58 24.54
C ILE A 76 -19.76 12.91 25.15
N ALA A 77 -18.60 13.43 24.75
CA ALA A 77 -18.13 14.71 25.27
C ALA A 77 -19.08 15.83 24.87
N PHE A 78 -19.57 15.80 23.63
CA PHE A 78 -20.52 16.82 23.20
C PHE A 78 -21.81 16.74 24.00
N VAL A 79 -22.28 15.53 24.28
CA VAL A 79 -23.49 15.37 25.08
C VAL A 79 -23.27 15.96 26.47
N ILE A 80 -22.13 15.65 27.08
CA ILE A 80 -21.83 16.20 28.40
C ILE A 80 -21.77 17.72 28.35
N GLN A 81 -21.17 18.28 27.29
CA GLN A 81 -21.14 19.72 27.13
C GLN A 81 -22.54 20.30 27.02
N TYR A 82 -23.42 19.66 26.26
CA TYR A 82 -24.78 20.15 26.12
C TYR A 82 -25.52 20.12 27.45
N VAL A 83 -25.36 19.04 28.22
CA VAL A 83 -26.00 18.93 29.51
C VAL A 83 -25.60 20.10 30.38
N ASN A 84 -24.30 20.23 30.66
CA ASN A 84 -23.76 21.38 31.38
C ASN A 84 -23.55 22.49 30.35
N ASN A 85 -24.56 23.36 30.23
CA ASN A 85 -24.67 24.26 29.08
C ASN A 85 -23.33 24.90 28.71
N SER A 86 -22.88 24.63 27.49
CA SER A 86 -21.62 25.15 26.97
C SER A 86 -21.70 25.12 25.45
N ALA A 87 -21.65 26.31 24.83
CA ALA A 87 -21.73 26.45 23.38
C ALA A 87 -20.38 26.31 22.70
N SER A 88 -19.39 25.71 23.36
CA SER A 88 -18.05 25.62 22.78
C SER A 88 -18.07 24.84 21.47
N LEU A 89 -18.80 23.73 21.44
CA LEU A 89 -18.82 22.86 20.26
C LEU A 89 -17.38 22.42 20.00
N ASP A 90 -16.93 22.35 18.74
CA ASP A 90 -15.57 21.95 18.42
C ASP A 90 -15.37 20.46 18.63
N ASN A 91 -16.39 19.77 19.14
CA ASN A 91 -16.32 18.33 19.26
C ASN A 91 -17.08 17.64 18.14
N VAL A 92 -18.20 18.23 17.71
CA VAL A 92 -18.92 17.70 16.56
C VAL A 92 -18.04 17.76 15.32
N TYR A 93 -17.25 18.83 15.20
CA TYR A 93 -16.31 18.92 14.09
C TYR A 93 -15.31 17.76 14.11
N LEU A 94 -14.77 17.47 15.29
CA LEU A 94 -13.81 16.37 15.41
C LEU A 94 -14.47 15.04 15.05
N GLY A 95 -15.68 14.81 15.53
CA GLY A 95 -16.37 13.57 15.21
C GLY A 95 -16.63 13.42 13.73
N ALA A 96 -17.11 14.50 13.09
CA ALA A 96 -17.37 14.45 11.65
C ALA A 96 -16.09 14.21 10.87
N ILE A 97 -15.00 14.87 11.27
CA ILE A 97 -13.73 14.67 10.58
C ILE A 97 -13.26 13.24 10.71
N LEU A 98 -13.38 12.67 11.91
CA LEU A 98 -12.95 11.28 12.12
C LEU A 98 -13.79 10.33 11.28
N VAL A 99 -15.10 10.56 11.23
CA VAL A 99 -15.97 9.69 10.43
C VAL A 99 -15.59 9.77 8.95
N LEU A 100 -15.36 10.99 8.46
CA LEU A 100 -14.97 11.15 7.07
C LEU A 100 -13.64 10.48 6.78
N VAL A 101 -12.69 10.58 7.71
CA VAL A 101 -11.39 9.92 7.53
C VAL A 101 -11.58 8.42 7.46
N VAL A 102 -12.43 7.87 8.33
CA VAL A 102 -12.70 6.44 8.30
C VAL A 102 -13.28 6.04 6.96
N ILE A 103 -14.24 6.82 6.47
CA ILE A 103 -14.88 6.49 5.19
C ILE A 103 -13.85 6.51 4.06
N LEU A 104 -13.01 7.54 4.04
CA LEU A 104 -12.02 7.66 2.98
C LEU A 104 -11.03 6.51 3.02
N THR A 105 -10.55 6.16 4.21
CA THR A 105 -9.63 5.03 4.32
C THR A 105 -10.30 3.73 3.89
N GLY A 106 -11.57 3.55 4.25
CA GLY A 106 -12.28 2.36 3.81
C GLY A 106 -12.39 2.28 2.30
N ILE A 107 -12.70 3.41 1.65
CA ILE A 107 -12.80 3.42 0.20
C ILE A 107 -11.45 3.09 -0.43
N PHE A 108 -10.37 3.70 0.07
CA PHE A 108 -9.06 3.42 -0.48
C PHE A 108 -8.69 1.96 -0.31
N ALA A 109 -8.94 1.40 0.87
CA ALA A 109 -8.64 -0.01 1.10
C ALA A 109 -9.47 -0.90 0.19
N TYR A 110 -10.75 -0.58 0.00
CA TYR A 110 -11.58 -1.38 -0.90
C TYR A 110 -11.02 -1.36 -2.31
N TYR A 111 -10.65 -0.18 -2.80
CA TYR A 111 -10.05 -0.12 -4.14
C TYR A 111 -8.73 -0.86 -4.18
N GLN A 112 -8.07 -1.00 -3.03
CA GLN A 112 -6.84 -1.78 -2.97
C GLN A 112 -7.07 -3.27 -2.69
N GLU A 113 -8.31 -3.68 -2.45
CA GLU A 113 -8.61 -5.03 -1.99
C GLU A 113 -8.86 -5.96 -3.17
N ALA A 114 -7.78 -6.49 -3.73
CA ALA A 114 -7.82 -7.57 -4.72
C ALA A 114 -8.84 -7.25 -5.81
N LYS A 115 -9.37 -8.28 -6.46
CA LYS A 115 -10.37 -8.13 -7.50
C LYS A 115 -11.58 -9.04 -7.36
N SER A 116 -11.45 -10.18 -6.71
CA SER A 116 -12.56 -11.14 -6.54
C SER A 116 -12.95 -11.64 -7.93
N THR A 117 -14.23 -11.60 -8.31
CA THR A 117 -14.68 -12.14 -9.59
C THR A 117 -14.66 -13.67 -9.58
N ASN A 118 -14.98 -14.29 -10.71
CA ASN A 118 -15.07 -15.73 -10.81
C ASN A 118 -14.28 -16.21 -12.02
N ILE A 119 -13.90 -17.49 -11.99
CA ILE A 119 -13.09 -18.09 -13.05
C ILE A 119 -13.85 -19.08 -13.90
N MET A 120 -15.08 -19.46 -13.51
CA MET A 120 -15.84 -20.42 -14.29
C MET A 120 -16.15 -19.91 -15.69
N ALA A 121 -16.30 -18.59 -15.86
CA ALA A 121 -16.60 -18.06 -17.19
C ALA A 121 -15.45 -18.30 -18.15
N SER A 122 -14.23 -18.48 -17.64
CA SER A 122 -13.09 -18.73 -18.52
C SER A 122 -13.26 -20.00 -19.33
N PHE A 123 -13.97 -20.98 -18.79
CA PHE A 123 -14.21 -22.25 -19.47
C PHE A 123 -15.36 -22.19 -20.46
N SER A 124 -15.81 -20.99 -20.85
CA SER A 124 -16.91 -20.89 -21.80
C SER A 124 -16.52 -21.44 -23.17
N LYS A 125 -15.30 -21.17 -23.62
CA LYS A 125 -14.85 -21.68 -24.91
C LYS A 125 -14.88 -23.20 -24.93
N MET A 126 -14.45 -23.83 -23.84
CA MET A 126 -14.58 -25.27 -23.66
C MET A 126 -16.00 -25.57 -23.20
N ILE A 127 -16.25 -26.78 -22.71
CA ILE A 127 -17.57 -27.14 -22.21
C ILE A 127 -18.57 -27.07 -23.37
N PRO A 128 -18.54 -28.02 -24.30
CA PRO A 128 -19.40 -27.91 -25.48
C PRO A 128 -20.87 -27.93 -25.09
N GLN A 129 -21.68 -27.22 -25.87
CA GLN A 129 -23.08 -27.02 -25.53
C GLN A 129 -23.89 -28.31 -25.70
N GLN A 130 -23.67 -29.02 -26.80
CA GLN A 130 -24.45 -30.20 -27.13
C GLN A 130 -23.54 -31.38 -27.47
N ALA A 131 -24.12 -32.57 -27.47
CA ALA A 131 -23.39 -33.79 -27.77
C ALA A 131 -24.36 -34.81 -28.38
N LEU A 132 -23.79 -35.82 -29.01
CA LEU A 132 -24.55 -36.90 -29.64
C LEU A 132 -24.54 -38.10 -28.71
N VAL A 133 -25.71 -38.49 -28.23
CA VAL A 133 -25.86 -39.61 -27.31
C VAL A 133 -26.93 -40.54 -27.86
N ILE A 134 -26.68 -41.84 -27.76
CA ILE A 134 -27.62 -42.86 -28.24
C ILE A 134 -28.57 -43.20 -27.11
N ARG A 135 -29.87 -42.97 -27.34
CA ARG A 135 -30.92 -43.32 -26.41
C ARG A 135 -31.92 -44.23 -27.10
N ASP A 136 -32.35 -45.27 -26.40
CA ASP A 136 -33.28 -46.25 -26.96
C ASP A 136 -32.76 -46.79 -28.29
N ALA A 137 -31.46 -47.03 -28.35
CA ALA A 137 -30.79 -47.55 -29.55
C ALA A 137 -30.87 -46.59 -30.73
N GLU A 138 -31.00 -45.29 -30.46
CA GLU A 138 -31.07 -44.28 -31.51
C GLU A 138 -30.18 -43.10 -31.15
N LYS A 139 -29.64 -42.44 -32.17
CA LYS A 139 -28.78 -41.29 -31.95
C LYS A 139 -29.59 -40.00 -32.03
N LYS A 140 -29.50 -39.18 -30.99
CA LYS A 140 -30.20 -37.90 -30.94
C LYS A 140 -29.31 -36.87 -30.29
N VAL A 141 -29.25 -35.68 -30.88
CA VAL A 141 -28.43 -34.59 -30.34
C VAL A 141 -29.10 -34.10 -29.06
N ILE A 142 -28.35 -34.09 -27.96
CA ILE A 142 -28.85 -33.66 -26.66
C ILE A 142 -27.91 -32.64 -26.08
N SER A 143 -28.45 -31.73 -25.26
CA SER A 143 -27.63 -30.74 -24.60
C SER A 143 -26.66 -31.41 -23.64
N ALA A 144 -25.46 -30.84 -23.51
CA ALA A 144 -24.45 -31.42 -22.64
C ALA A 144 -24.89 -31.45 -21.18
N GLU A 145 -25.73 -30.50 -20.76
CA GLU A 145 -26.18 -30.48 -19.37
C GLU A 145 -26.98 -31.72 -19.04
N GLN A 146 -27.87 -32.15 -19.95
CA GLN A 146 -28.69 -33.32 -19.72
C GLN A 146 -27.89 -34.62 -19.74
N LEU A 147 -26.64 -34.57 -20.19
CA LEU A 147 -25.82 -35.78 -20.24
C LEU A 147 -25.59 -36.33 -18.83
N VAL A 148 -25.75 -37.64 -18.69
CA VAL A 148 -25.60 -38.30 -17.40
C VAL A 148 -24.68 -39.49 -17.55
N VAL A 149 -24.05 -39.87 -16.44
CA VAL A 149 -23.09 -40.97 -16.45
C VAL A 149 -23.79 -42.28 -16.82
N GLY A 150 -23.17 -43.05 -17.71
CA GLY A 150 -23.65 -44.36 -18.11
C GLY A 150 -24.08 -44.43 -19.56
N ASP A 151 -24.59 -43.34 -20.11
CA ASP A 151 -25.07 -43.36 -21.48
C ASP A 151 -23.89 -43.34 -22.47
N VAL A 152 -24.16 -43.86 -23.67
CA VAL A 152 -23.13 -44.00 -24.70
C VAL A 152 -23.11 -42.74 -25.55
N VAL A 153 -21.92 -42.20 -25.77
CA VAL A 153 -21.74 -40.99 -26.55
C VAL A 153 -20.73 -41.26 -27.66
N GLU A 154 -20.95 -40.65 -28.81
CA GLU A 154 -20.06 -40.77 -29.97
C GLU A 154 -19.50 -39.40 -30.29
N ILE A 155 -18.19 -39.34 -30.52
CA ILE A 155 -17.48 -38.10 -30.79
C ILE A 155 -16.79 -38.22 -32.14
N LYS A 156 -17.06 -37.26 -33.03
CA LYS A 156 -16.35 -37.18 -34.30
C LYS A 156 -15.14 -36.27 -34.17
N GLY A 157 -14.53 -35.90 -35.29
CA GLY A 157 -13.38 -35.02 -35.30
C GLY A 157 -13.80 -33.55 -35.25
N GLY A 158 -12.99 -32.75 -34.55
CA GLY A 158 -13.22 -31.32 -34.49
C GLY A 158 -14.33 -30.89 -33.56
N ASP A 159 -14.61 -31.65 -32.50
CA ASP A 159 -15.62 -31.28 -31.53
C ASP A 159 -15.12 -31.64 -30.13
N GLN A 160 -15.59 -30.86 -29.15
CA GLN A 160 -15.18 -31.07 -27.77
C GLN A 160 -15.83 -32.31 -27.19
N ILE A 161 -15.09 -33.00 -26.31
CA ILE A 161 -15.66 -34.18 -25.66
C ILE A 161 -16.78 -33.76 -24.72
N PRO A 162 -17.97 -34.36 -24.77
CA PRO A 162 -19.06 -33.92 -23.90
C PRO A 162 -18.81 -34.17 -22.42
N ALA A 163 -17.99 -35.16 -22.07
CA ALA A 163 -17.73 -35.48 -20.68
C ALA A 163 -16.65 -36.55 -20.64
N ASP A 164 -16.17 -36.85 -19.43
CA ASP A 164 -15.13 -37.86 -19.26
C ASP A 164 -15.69 -39.22 -19.65
N ILE A 165 -15.17 -39.78 -20.75
CA ILE A 165 -15.69 -41.03 -21.29
C ILE A 165 -14.56 -42.02 -21.44
N ARG A 166 -14.90 -43.30 -21.35
CA ARG A 166 -13.96 -44.40 -21.54
C ARG A 166 -14.20 -44.97 -22.94
N LEU A 167 -13.26 -44.73 -23.84
CA LEU A 167 -13.43 -45.13 -25.24
C LEU A 167 -13.61 -46.63 -25.35
N VAL A 168 -14.59 -47.05 -26.16
CA VAL A 168 -14.82 -48.46 -26.42
C VAL A 168 -14.60 -48.82 -27.88
N PHE A 169 -15.00 -47.95 -28.83
CA PHE A 169 -14.84 -48.20 -30.26
C PHE A 169 -14.21 -46.96 -30.87
N SER A 170 -12.87 -46.97 -30.98
CA SER A 170 -12.12 -45.86 -31.53
C SER A 170 -11.44 -46.30 -32.82
N GLN A 171 -11.51 -45.45 -33.84
CA GLN A 171 -10.85 -45.70 -35.12
C GLN A 171 -9.95 -44.52 -35.43
N GLY A 172 -8.68 -44.61 -35.04
CA GLY A 172 -7.74 -43.54 -35.29
C GLY A 172 -8.09 -42.22 -34.66
N CYS A 173 -8.66 -42.24 -33.46
CA CYS A 173 -9.03 -41.00 -32.79
C CYS A 173 -7.80 -40.34 -32.20
N LYS A 174 -7.69 -39.02 -32.41
CA LYS A 174 -6.64 -38.21 -31.83
C LYS A 174 -7.26 -37.05 -31.08
N VAL A 175 -6.72 -36.77 -29.90
CA VAL A 175 -7.26 -35.75 -29.02
C VAL A 175 -6.15 -34.81 -28.57
N ASP A 176 -6.55 -33.64 -28.10
CA ASP A 176 -5.64 -32.63 -27.58
C ASP A 176 -5.88 -32.48 -26.08
N ASN A 177 -4.84 -32.73 -25.28
CA ASN A 177 -4.91 -32.64 -23.83
C ASN A 177 -4.15 -31.43 -23.31
N SER A 178 -4.14 -30.35 -24.09
CA SER A 178 -3.43 -29.14 -23.65
C SER A 178 -4.01 -28.59 -22.35
N SER A 179 -5.30 -28.81 -22.11
CA SER A 179 -5.91 -28.35 -20.86
C SER A 179 -5.32 -29.07 -19.66
N LEU A 180 -5.10 -30.38 -19.78
CA LEU A 180 -4.58 -31.15 -18.66
C LEU A 180 -3.06 -31.07 -18.58
N THR A 181 -2.37 -31.52 -19.63
CA THR A 181 -0.91 -31.57 -19.59
C THR A 181 -0.28 -30.24 -19.99
N GLY A 182 -1.02 -29.39 -20.70
CA GLY A 182 -0.45 -28.15 -21.20
C GLY A 182 0.34 -28.29 -22.47
N GLU A 183 0.38 -29.47 -23.07
CA GLU A 183 1.11 -29.72 -24.30
C GLU A 183 0.10 -29.89 -25.43
N SER A 184 0.30 -29.17 -26.52
CA SER A 184 -0.64 -29.18 -27.64
C SER A 184 -0.42 -30.34 -28.59
N GLU A 185 0.58 -31.17 -28.35
CA GLU A 185 0.84 -32.30 -29.24
C GLU A 185 -0.35 -33.25 -29.23
N PRO A 186 -0.88 -33.63 -30.39
CA PRO A 186 -1.99 -34.58 -30.42
C PRO A 186 -1.59 -35.92 -29.80
N GLN A 187 -2.53 -36.54 -29.09
CA GLN A 187 -2.30 -37.81 -28.42
C GLN A 187 -3.20 -38.86 -29.04
N ALA A 188 -2.60 -40.00 -29.40
CA ALA A 188 -3.38 -41.09 -29.96
C ALA A 188 -4.28 -41.71 -28.89
N ARG A 189 -5.47 -42.12 -29.30
CA ARG A 189 -6.44 -42.76 -28.40
C ARG A 189 -6.71 -44.19 -28.86
N SER A 190 -6.99 -45.05 -27.91
CA SER A 190 -7.29 -46.45 -28.19
C SER A 190 -8.24 -46.97 -27.13
N THR A 191 -8.49 -48.28 -27.16
CA THR A 191 -9.46 -48.91 -26.28
C THR A 191 -8.82 -49.92 -25.33
N GLU A 192 -7.50 -49.90 -25.15
CA GLU A 192 -6.82 -50.82 -24.27
C GLU A 192 -6.13 -50.08 -23.13
N PHE A 193 -6.04 -50.76 -21.99
CA PHE A 193 -5.40 -50.18 -20.81
C PHE A 193 -3.89 -50.10 -21.03
N THR A 194 -3.40 -48.90 -21.36
CA THR A 194 -2.00 -48.73 -21.69
C THR A 194 -1.16 -48.39 -20.46
N HIS A 195 -1.54 -47.35 -19.72
CA HIS A 195 -0.79 -46.89 -18.58
C HIS A 195 -1.65 -46.94 -17.34
N GLU A 196 -1.02 -47.27 -16.20
CA GLU A 196 -1.77 -47.38 -14.95
C GLU A 196 -2.40 -46.04 -14.56
N ASN A 197 -1.67 -44.95 -14.72
CA ASN A 197 -2.19 -43.64 -14.37
C ASN A 197 -3.34 -43.28 -15.31
N PRO A 198 -4.53 -42.96 -14.79
CA PRO A 198 -5.66 -42.65 -15.69
C PRO A 198 -5.39 -41.50 -16.63
N LEU A 199 -4.61 -40.50 -16.21
CA LEU A 199 -4.34 -39.36 -17.07
C LEU A 199 -3.61 -39.78 -18.34
N GLU A 200 -2.82 -40.85 -18.27
CA GLU A 200 -2.06 -41.34 -19.40
C GLU A 200 -2.56 -42.69 -19.90
N THR A 201 -3.79 -43.07 -19.55
CA THR A 201 -4.30 -44.39 -19.93
C THR A 201 -4.40 -44.55 -21.44
N LYS A 202 -4.59 -43.47 -22.18
CA LYS A 202 -4.63 -43.51 -23.64
C LYS A 202 -5.95 -44.08 -24.14
N ASN A 203 -6.82 -44.51 -23.24
CA ASN A 203 -8.13 -45.02 -23.61
C ASN A 203 -9.25 -44.33 -22.86
N ILE A 204 -9.01 -43.12 -22.36
CA ILE A 204 -10.03 -42.33 -21.67
C ILE A 204 -10.03 -40.93 -22.27
N GLY A 205 -11.17 -40.52 -22.83
CA GLY A 205 -11.35 -39.14 -23.22
C GLY A 205 -11.74 -38.28 -22.03
N PHE A 206 -11.32 -37.02 -22.09
CA PHE A 206 -11.48 -36.10 -20.97
C PHE A 206 -12.44 -34.97 -21.32
N TYR A 207 -13.25 -34.59 -20.34
CA TYR A 207 -14.24 -33.55 -20.56
C TYR A 207 -13.57 -32.23 -20.93
N SER A 208 -14.13 -31.56 -21.93
CA SER A 208 -13.70 -30.27 -22.46
C SER A 208 -12.48 -30.38 -23.37
N THR A 209 -11.91 -31.56 -23.56
CA THR A 209 -10.84 -31.71 -24.53
C THR A 209 -11.42 -31.79 -25.94
N THR A 210 -10.56 -31.54 -26.92
CA THR A 210 -10.97 -31.47 -28.31
C THR A 210 -10.46 -32.69 -29.07
N CYS A 211 -11.35 -33.32 -29.84
CA CYS A 211 -10.97 -34.46 -30.69
C CYS A 211 -10.46 -33.92 -32.02
N LEU A 212 -9.15 -33.97 -32.20
CA LEU A 212 -8.53 -33.38 -33.39
C LEU A 212 -9.05 -34.04 -34.66
N GLU A 213 -9.01 -35.36 -34.71
CA GLU A 213 -9.40 -36.10 -35.91
C GLU A 213 -9.87 -37.50 -35.50
N GLY A 214 -10.55 -38.15 -36.44
CA GLY A 214 -11.03 -39.50 -36.21
C GLY A 214 -12.37 -39.52 -35.50
N THR A 215 -12.91 -40.73 -35.36
CA THR A 215 -14.18 -40.96 -34.72
C THR A 215 -14.03 -42.02 -33.63
N ALA A 216 -14.76 -41.86 -32.53
CA ALA A 216 -14.69 -42.79 -31.42
C ALA A 216 -16.02 -42.81 -30.69
N THR A 217 -16.24 -43.90 -29.96
CA THR A 217 -17.43 -44.09 -29.13
C THR A 217 -17.00 -44.40 -27.71
N GLY A 218 -17.60 -43.69 -26.75
CA GLY A 218 -17.21 -43.86 -25.36
C GLY A 218 -18.43 -43.87 -24.46
N ILE A 219 -18.20 -44.35 -23.24
CA ILE A 219 -19.23 -44.41 -22.20
C ILE A 219 -18.89 -43.39 -21.13
N VAL A 220 -19.86 -42.55 -20.78
CA VAL A 220 -19.62 -41.51 -19.79
C VAL A 220 -19.35 -42.14 -18.44
N ILE A 221 -18.27 -41.71 -17.78
CA ILE A 221 -17.94 -42.21 -16.46
C ILE A 221 -17.91 -41.10 -15.41
N ASN A 222 -17.88 -39.84 -15.82
CA ASN A 222 -17.89 -38.72 -14.90
C ASN A 222 -18.61 -37.55 -15.55
N THR A 223 -19.18 -36.67 -14.73
CA THR A 223 -19.92 -35.52 -15.23
C THR A 223 -19.73 -34.34 -14.28
N GLY A 224 -19.87 -33.14 -14.83
CA GLY A 224 -19.81 -31.95 -14.00
C GLY A 224 -18.51 -31.85 -13.24
N ASP A 225 -18.61 -31.50 -11.97
CA ASP A 225 -17.44 -31.30 -11.12
C ASP A 225 -16.66 -32.58 -10.86
N ARG A 226 -17.26 -33.74 -11.09
CA ARG A 226 -16.54 -35.00 -10.88
C ARG A 226 -15.47 -35.23 -11.94
N THR A 227 -15.53 -34.49 -13.05
CA THR A 227 -14.54 -34.65 -14.11
C THR A 227 -13.21 -34.01 -13.71
N ILE A 228 -12.16 -34.38 -14.43
CA ILE A 228 -10.82 -33.86 -14.12
C ILE A 228 -10.82 -32.34 -14.27
N ILE A 229 -11.37 -31.84 -15.37
CA ILE A 229 -11.46 -30.40 -15.55
C ILE A 229 -12.32 -29.78 -14.47
N GLY A 230 -13.38 -30.47 -14.05
CA GLY A 230 -14.19 -29.95 -12.97
C GLY A 230 -13.42 -29.81 -11.67
N ARG A 231 -12.61 -30.82 -11.35
CA ARG A 231 -11.80 -30.75 -10.13
C ARG A 231 -10.76 -29.65 -10.23
N ILE A 232 -10.15 -29.48 -11.40
CA ILE A 232 -9.19 -28.39 -11.59
C ILE A 232 -9.88 -27.05 -11.38
N ALA A 233 -11.09 -26.90 -11.93
CA ALA A 233 -11.83 -25.65 -11.75
C ALA A 233 -12.16 -25.43 -10.29
N SER A 234 -12.55 -26.48 -9.57
CA SER A 234 -12.85 -26.35 -8.16
C SER A 234 -11.63 -25.87 -7.39
N LEU A 235 -10.46 -26.48 -7.65
CA LEU A 235 -9.24 -26.03 -6.99
C LEU A 235 -8.93 -24.59 -7.33
N ALA A 236 -9.07 -24.20 -8.60
CA ALA A 236 -8.73 -22.85 -9.02
C ALA A 236 -9.64 -21.82 -8.37
N SER A 237 -10.93 -22.13 -8.27
CA SER A 237 -11.90 -21.14 -7.78
C SER A 237 -11.94 -21.12 -6.26
N GLY A 238 -12.24 -22.26 -5.64
CA GLY A 238 -12.38 -22.32 -4.19
C GLY A 238 -11.22 -21.70 -3.45
N VAL A 239 -10.03 -22.32 -3.57
CA VAL A 239 -8.85 -21.80 -2.90
C VAL A 239 -8.44 -20.49 -3.57
N GLY A 240 -7.75 -19.64 -2.82
CA GLY A 240 -7.27 -18.38 -3.37
C GLY A 240 -7.60 -17.17 -2.53
N SER A 241 -8.05 -17.39 -1.30
CA SER A 241 -8.40 -16.31 -0.38
C SER A 241 -7.35 -16.28 0.74
N GLU A 242 -6.26 -15.56 0.50
CA GLU A 242 -5.18 -15.45 1.46
C GLU A 242 -4.62 -14.04 1.42
N LYS A 243 -3.90 -13.67 2.49
CA LYS A 243 -3.33 -12.34 2.60
C LYS A 243 -1.94 -12.31 1.99
N THR A 244 -1.67 -11.29 1.18
CA THR A 244 -0.36 -11.14 0.58
C THR A 244 0.66 -10.70 1.63
N PRO A 245 1.95 -10.89 1.35
CA PRO A 245 2.97 -10.50 2.34
C PRO A 245 2.90 -9.03 2.72
N ILE A 246 2.61 -8.15 1.75
CA ILE A 246 2.49 -6.74 2.06
C ILE A 246 1.32 -6.50 3.01
N ALA A 247 0.21 -7.20 2.81
CA ALA A 247 -0.93 -7.07 3.72
C ALA A 247 -0.56 -7.53 5.12
N ILE A 248 0.21 -8.61 5.23
CA ILE A 248 0.63 -9.10 6.54
C ILE A 248 1.53 -8.08 7.22
N GLU A 249 2.46 -7.49 6.48
CA GLU A 249 3.33 -6.48 7.08
C GLU A 249 2.52 -5.26 7.53
N ILE A 250 1.56 -4.84 6.72
CA ILE A 250 0.71 -3.72 7.10
C ILE A 250 -0.09 -4.05 8.35
N GLU A 251 -0.60 -5.28 8.44
CA GLU A 251 -1.34 -5.69 9.63
C GLU A 251 -0.44 -5.67 10.86
N HIS A 252 0.81 -6.13 10.72
CA HIS A 252 1.73 -6.09 11.86
C HIS A 252 2.01 -4.66 12.29
N PHE A 253 2.22 -3.76 11.33
CA PHE A 253 2.45 -2.36 11.67
C PHE A 253 1.23 -1.75 12.36
N VAL A 254 0.03 -2.06 11.86
CA VAL A 254 -1.19 -1.58 12.49
C VAL A 254 -1.30 -2.12 13.90
N HIS A 255 -0.96 -3.39 14.12
CA HIS A 255 -1.02 -3.95 15.46
C HIS A 255 -0.07 -3.23 16.39
N ILE A 256 1.15 -2.95 15.92
CA ILE A 256 2.11 -2.24 16.76
C ILE A 256 1.58 -0.87 17.14
N VAL A 257 1.10 -0.11 16.15
CA VAL A 257 0.66 1.25 16.41
C VAL A 257 -0.56 1.25 17.35
N ALA A 258 -1.51 0.36 17.08
CA ALA A 258 -2.70 0.29 17.92
C ALA A 258 -2.35 -0.13 19.33
N GLY A 259 -1.43 -1.08 19.50
CA GLY A 259 -1.02 -1.47 20.84
C GLY A 259 -0.37 -0.33 21.59
N VAL A 260 0.52 0.42 20.92
CA VAL A 260 1.13 1.56 21.57
C VAL A 260 0.07 2.57 21.99
N ALA A 261 -0.85 2.90 21.08
CA ALA A 261 -1.87 3.89 21.39
C ALA A 261 -2.75 3.43 22.55
N VAL A 262 -3.17 2.17 22.54
CA VAL A 262 -4.07 1.67 23.57
C VAL A 262 -3.36 1.65 24.92
N SER A 263 -2.10 1.20 24.94
CA SER A 263 -1.37 1.15 26.19
C SER A 263 -1.18 2.54 26.78
N ILE A 264 -0.76 3.50 25.95
CA ILE A 264 -0.58 4.87 26.44
C ILE A 264 -1.91 5.43 26.93
N GLY A 265 -2.98 5.20 26.16
CA GLY A 265 -4.28 5.70 26.57
C GLY A 265 -4.71 5.15 27.92
N ILE A 266 -4.56 3.84 28.11
CA ILE A 266 -4.95 3.24 29.38
C ILE A 266 -4.12 3.81 30.52
N ILE A 267 -2.80 3.85 30.35
CA ILE A 267 -1.93 4.30 31.44
C ILE A 267 -2.27 5.73 31.83
N PHE A 268 -2.35 6.62 30.84
CA PHE A 268 -2.55 8.03 31.16
C PHE A 268 -3.99 8.32 31.57
N PHE A 269 -4.96 7.54 31.10
CA PHE A 269 -6.31 7.66 31.61
C PHE A 269 -6.37 7.31 33.09
N ILE A 270 -5.70 6.22 33.48
CA ILE A 270 -5.66 5.86 34.90
C ILE A 270 -4.96 6.95 35.71
N THR A 271 -3.86 7.47 35.18
CA THR A 271 -3.13 8.52 35.89
C THR A 271 -4.00 9.75 36.09
N ALA A 272 -4.68 10.18 35.03
CA ALA A 272 -5.55 11.36 35.13
C ALA A 272 -6.70 11.12 36.10
N VAL A 273 -7.25 9.91 36.08
CA VAL A 273 -8.34 9.59 37.01
C VAL A 273 -7.85 9.69 38.45
N CYS A 274 -6.65 9.18 38.72
CA CYS A 274 -6.09 9.23 40.05
C CYS A 274 -5.47 10.59 40.39
N MET A 275 -5.69 11.61 39.57
CA MET A 275 -5.19 12.96 39.84
C MET A 275 -6.33 13.95 40.06
N LYS A 276 -7.51 13.45 40.44
CA LYS A 276 -8.67 14.29 40.67
C LYS A 276 -9.06 15.06 39.41
N TYR A 277 -9.42 14.30 38.37
CA TYR A 277 -9.81 14.86 37.09
C TYR A 277 -11.24 14.46 36.77
N TYR A 278 -12.02 15.42 36.29
CA TYR A 278 -13.40 15.16 35.89
C TYR A 278 -13.40 14.25 34.67
N VAL A 279 -14.44 13.41 34.57
CA VAL A 279 -14.51 12.46 33.46
C VAL A 279 -14.49 13.17 32.12
N LEU A 280 -15.03 14.40 32.07
CA LEU A 280 -15.02 15.15 30.83
C LEU A 280 -13.60 15.39 30.33
N ASP A 281 -12.74 15.90 31.21
CA ASP A 281 -11.35 16.12 30.82
C ASP A 281 -10.66 14.81 30.47
N ALA A 282 -10.98 13.73 31.19
CA ALA A 282 -10.39 12.44 30.89
C ALA A 282 -10.75 11.98 29.48
N ILE A 283 -12.02 12.10 29.10
CA ILE A 283 -12.42 11.67 27.77
C ILE A 283 -11.83 12.58 26.70
N ILE A 284 -11.73 13.88 26.98
CA ILE A 284 -11.11 14.79 26.02
C ILE A 284 -9.66 14.38 25.79
N PHE A 285 -8.93 14.10 26.87
CA PHE A 285 -7.54 13.69 26.75
C PHE A 285 -7.42 12.35 26.03
N LEU A 286 -8.36 11.43 26.29
CA LEU A 286 -8.35 10.16 25.58
C LEU A 286 -8.54 10.35 24.08
N ILE A 287 -9.47 11.23 23.70
CA ILE A 287 -9.66 11.52 22.28
C ILE A 287 -8.40 12.11 21.68
N SER A 288 -7.75 13.03 22.41
CA SER A 288 -6.53 13.62 21.92
C SER A 288 -5.44 12.57 21.71
N ILE A 289 -5.30 11.65 22.66
CA ILE A 289 -4.30 10.59 22.53
C ILE A 289 -4.60 9.72 21.32
N ILE A 290 -5.88 9.34 21.15
CA ILE A 290 -6.24 8.49 20.03
C ILE A 290 -5.92 9.18 18.71
N VAL A 291 -6.26 10.46 18.60
CA VAL A 291 -5.99 11.19 17.36
C VAL A 291 -4.50 11.29 17.12
N ALA A 292 -3.72 11.58 18.16
CA ALA A 292 -2.28 11.76 17.99
C ALA A 292 -1.60 10.46 17.59
N ASN A 293 -2.04 9.33 18.16
CA ASN A 293 -1.33 8.07 17.96
C ASN A 293 -1.67 7.37 16.65
N VAL A 294 -2.73 7.77 15.97
CA VAL A 294 -3.21 7.08 14.77
C VAL A 294 -2.80 7.90 13.55
N PRO A 295 -1.89 7.40 12.71
CA PRO A 295 -1.61 8.10 11.45
C PRO A 295 -2.72 7.89 10.45
N GLU A 296 -3.53 8.93 10.21
CA GLU A 296 -4.73 8.77 9.40
C GLU A 296 -4.38 8.61 7.93
N GLY A 297 -3.46 9.43 7.42
CA GLY A 297 -3.16 9.43 6.01
C GLY A 297 -2.16 8.40 5.53
N LEU A 298 -1.66 7.54 6.43
CA LEU A 298 -0.63 6.61 6.03
C LEU A 298 -1.15 5.55 5.07
N LEU A 299 -2.29 4.93 5.39
CA LEU A 299 -2.80 3.85 4.57
C LEU A 299 -3.20 4.34 3.18
N ALA A 300 -3.85 5.50 3.12
CA ALA A 300 -4.21 6.08 1.82
C ALA A 300 -2.96 6.40 1.01
N THR A 301 -1.92 6.91 1.66
CA THR A 301 -0.67 7.16 0.96
C THR A 301 -0.05 5.88 0.43
N VAL A 302 -0.10 4.80 1.21
CA VAL A 302 0.41 3.51 0.74
C VAL A 302 -0.37 3.06 -0.49
N THR A 303 -1.69 3.17 -0.45
CA THR A 303 -2.49 2.80 -1.61
C THR A 303 -2.13 3.64 -2.83
N VAL A 304 -1.94 4.94 -2.63
CA VAL A 304 -1.63 5.82 -3.76
C VAL A 304 -0.28 5.46 -4.36
N THR A 305 0.72 5.21 -3.51
CA THR A 305 2.04 4.85 -4.02
C THR A 305 2.00 3.51 -4.76
N LEU A 306 1.25 2.54 -4.23
CA LEU A 306 1.11 1.28 -4.94
C LEU A 306 0.44 1.49 -6.29
N SER A 307 -0.58 2.35 -6.35
CA SER A 307 -1.24 2.63 -7.62
C SER A 307 -0.28 3.28 -8.60
N LEU A 308 0.57 4.19 -8.13
CA LEU A 308 1.54 4.83 -9.01
C LEU A 308 2.51 3.81 -9.58
N THR A 309 3.01 2.91 -8.73
CA THR A 309 3.91 1.88 -9.21
C THR A 309 3.21 0.97 -10.22
N ALA A 310 1.95 0.63 -9.95
CA ALA A 310 1.20 -0.19 -10.89
C ALA A 310 1.05 0.51 -12.23
N LYS A 311 0.79 1.82 -12.20
CA LYS A 311 0.67 2.58 -13.44
C LYS A 311 1.98 2.57 -14.22
N ARG A 312 3.10 2.79 -13.54
CA ARG A 312 4.38 2.77 -14.25
C ARG A 312 4.64 1.40 -14.87
N MET A 313 4.41 0.33 -14.10
CA MET A 313 4.64 -1.01 -14.62
C MET A 313 3.72 -1.33 -15.79
N ALA A 314 2.45 -0.92 -15.72
CA ALA A 314 1.55 -1.10 -16.85
C ALA A 314 2.06 -0.34 -18.08
N LYS A 315 2.58 0.87 -17.88
CA LYS A 315 3.27 1.56 -18.96
C LYS A 315 4.43 0.74 -19.50
N LYS A 316 5.05 -0.08 -18.66
CA LYS A 316 6.10 -0.99 -19.09
C LYS A 316 5.54 -2.28 -19.69
N ASN A 317 4.27 -2.29 -20.10
CA ASN A 317 3.63 -3.48 -20.67
C ASN A 317 3.63 -4.64 -19.68
N CYS A 318 3.24 -4.36 -18.44
CA CYS A 318 3.11 -5.37 -17.39
C CYS A 318 1.85 -5.05 -16.59
N LEU A 319 0.72 -5.62 -17.03
CA LEU A 319 -0.55 -5.34 -16.37
C LEU A 319 -0.57 -5.96 -14.98
N VAL A 320 -1.17 -5.25 -14.02
CA VAL A 320 -1.25 -5.69 -12.64
C VAL A 320 -2.72 -5.70 -12.26
N LYS A 321 -3.28 -6.90 -12.09
CA LYS A 321 -4.68 -7.04 -11.70
C LYS A 321 -4.90 -6.64 -10.26
N ASN A 322 -4.14 -7.24 -9.34
CA ASN A 322 -4.24 -6.91 -7.92
C ASN A 322 -3.16 -5.91 -7.55
N LEU A 323 -3.55 -4.88 -6.81
CA LEU A 323 -2.62 -3.79 -6.52
C LEU A 323 -1.43 -4.25 -5.69
N GLU A 324 -1.66 -5.11 -4.70
CA GLU A 324 -0.57 -5.58 -3.84
C GLU A 324 0.42 -6.45 -4.61
N ALA A 325 0.05 -6.95 -5.78
CA ALA A 325 0.97 -7.78 -6.56
C ALA A 325 2.23 -7.05 -6.97
N VAL A 326 2.18 -5.71 -7.06
CA VAL A 326 3.38 -4.96 -7.41
C VAL A 326 4.46 -5.16 -6.36
N GLU A 327 4.08 -5.09 -5.08
CA GLU A 327 5.04 -5.33 -4.02
C GLU A 327 5.32 -6.82 -3.84
N THR A 328 4.30 -7.67 -4.02
CA THR A 328 4.48 -9.09 -3.74
C THR A 328 5.67 -9.65 -4.50
N LEU A 329 5.79 -9.34 -5.79
CA LEU A 329 6.98 -9.70 -6.54
C LEU A 329 8.16 -8.90 -5.98
N GLY A 330 9.33 -9.53 -5.95
CA GLY A 330 10.41 -8.97 -5.17
C GLY A 330 10.20 -9.36 -3.72
N SER A 331 11.29 -9.74 -3.03
CA SER A 331 11.16 -10.38 -1.72
C SER A 331 10.70 -11.81 -1.92
N THR A 332 10.61 -12.24 -3.17
CA THR A 332 10.26 -13.63 -3.49
C THR A 332 11.51 -14.49 -3.40
N SER A 333 11.35 -15.69 -2.85
CA SER A 333 12.47 -16.60 -2.67
C SER A 333 12.51 -17.73 -3.69
N ILE A 334 11.36 -18.16 -4.19
CA ILE A 334 11.27 -19.28 -5.11
C ILE A 334 10.36 -18.90 -6.27
N ILE A 335 10.70 -19.38 -7.46
CA ILE A 335 9.93 -19.10 -8.67
C ILE A 335 9.64 -20.44 -9.34
N CYS A 336 8.38 -20.88 -9.28
CA CYS A 336 7.96 -22.08 -10.01
C CYS A 336 7.36 -21.67 -11.34
N SER A 337 7.96 -22.11 -12.43
CA SER A 337 7.59 -21.66 -13.76
C SER A 337 7.26 -22.84 -14.66
N ASP A 338 6.27 -22.66 -15.53
CA ASP A 338 5.90 -23.66 -16.51
C ASP A 338 6.89 -23.67 -17.67
N LYS A 339 7.05 -24.84 -18.29
CA LYS A 339 8.02 -24.98 -19.37
C LYS A 339 7.44 -24.50 -20.70
N THR A 340 6.37 -25.15 -21.17
CA THR A 340 5.84 -24.85 -22.49
C THR A 340 4.96 -23.60 -22.44
N GLY A 341 5.28 -22.63 -23.31
CA GLY A 341 4.55 -21.39 -23.38
C GLY A 341 5.09 -20.29 -22.48
N THR A 342 5.66 -20.65 -21.33
CA THR A 342 6.21 -19.66 -20.43
C THR A 342 7.69 -19.44 -20.69
N LEU A 343 8.50 -20.49 -20.56
CA LEU A 343 9.91 -20.43 -20.87
C LEU A 343 10.21 -20.80 -22.32
N THR A 344 9.20 -21.20 -23.07
CA THR A 344 9.37 -21.67 -24.43
C THR A 344 8.36 -21.00 -25.35
N GLN A 345 8.76 -20.83 -26.61
CA GLN A 345 7.90 -20.18 -27.59
C GLN A 345 6.65 -21.00 -27.91
N ASN A 346 6.60 -22.27 -27.53
CA ASN A 346 5.48 -23.15 -27.82
C ASN A 346 5.31 -23.37 -29.33
N ARG A 347 6.39 -23.18 -30.09
CA ARG A 347 6.37 -23.37 -31.54
C ARG A 347 7.51 -24.31 -31.91
N MET A 348 7.17 -25.44 -32.54
CA MET A 348 8.18 -26.40 -32.93
C MET A 348 9.03 -25.84 -34.06
N THR A 349 10.35 -25.81 -33.85
CA THR A 349 11.28 -25.30 -34.84
C THR A 349 12.52 -26.17 -34.90
N VAL A 350 13.20 -26.15 -36.04
CA VAL A 350 14.43 -26.92 -36.20
C VAL A 350 15.58 -26.18 -35.53
N ALA A 351 16.30 -26.88 -34.66
CA ALA A 351 17.42 -26.30 -33.92
C ALA A 351 18.75 -26.80 -34.47
N HIS A 352 18.95 -28.11 -34.54
CA HIS A 352 20.20 -28.69 -35.00
C HIS A 352 19.96 -29.57 -36.22
N LEU A 353 20.95 -29.59 -37.11
CA LEU A 353 20.90 -30.44 -38.28
C LEU A 353 22.32 -30.94 -38.58
N TRP A 354 22.43 -32.25 -38.79
CA TRP A 354 23.73 -32.90 -38.96
C TRP A 354 23.85 -33.43 -40.38
N PHE A 355 24.84 -32.96 -41.11
CA PHE A 355 25.20 -33.50 -42.41
C PHE A 355 26.66 -33.19 -42.68
N ASP A 356 27.30 -34.07 -43.45
CA ASP A 356 28.73 -33.99 -43.71
C ASP A 356 29.53 -34.39 -42.47
N ASN A 357 28.95 -35.22 -41.62
CA ASN A 357 29.62 -35.77 -40.45
C ASN A 357 30.03 -34.68 -39.46
N GLN A 358 29.30 -33.58 -39.43
CA GLN A 358 29.54 -32.52 -38.45
C GLN A 358 28.23 -31.80 -38.16
N ILE A 359 28.11 -31.27 -36.95
CA ILE A 359 26.86 -30.72 -36.44
C ILE A 359 26.82 -29.22 -36.72
N PHE A 360 25.68 -28.73 -37.18
CA PHE A 360 25.43 -27.30 -37.32
C PHE A 360 24.41 -26.86 -36.28
N VAL A 361 24.41 -25.56 -36.01
CA VAL A 361 23.48 -24.95 -35.08
C VAL A 361 22.69 -23.87 -35.82
N ALA A 362 21.37 -23.91 -35.68
CA ALA A 362 20.48 -23.00 -36.39
C ALA A 362 19.82 -22.05 -35.41
N ASP A 363 19.64 -20.80 -35.85
CA ASP A 363 18.99 -19.81 -35.00
C ASP A 363 17.57 -20.23 -34.67
N THR A 364 17.18 -20.04 -33.41
CA THR A 364 15.86 -20.42 -32.93
C THR A 364 15.08 -19.21 -32.42
N SER A 365 15.51 -18.01 -32.79
CA SER A 365 14.82 -16.81 -32.37
C SER A 365 13.50 -16.66 -33.13
N GLU A 366 12.50 -16.12 -32.44
CA GLU A 366 11.19 -15.91 -33.03
C GLU A 366 11.15 -14.71 -33.97
N ASN A 367 11.94 -13.68 -33.70
CA ASN A 367 12.00 -12.48 -34.52
C ASN A 367 13.16 -12.50 -35.50
N GLN A 368 13.91 -13.59 -35.55
CA GLN A 368 15.07 -13.66 -36.44
C GLN A 368 14.64 -13.62 -37.89
N THR A 369 15.42 -12.91 -38.72
CA THR A 369 15.09 -12.76 -40.13
C THR A 369 15.75 -13.85 -40.97
N LYS A 370 17.02 -14.14 -40.68
CA LYS A 370 17.77 -15.17 -41.40
C LYS A 370 18.91 -15.66 -40.52
N GLN A 371 19.46 -16.81 -40.90
CA GLN A 371 20.60 -17.38 -40.21
C GLN A 371 21.49 -18.08 -41.22
N ALA A 372 22.77 -18.22 -40.87
CA ALA A 372 23.75 -18.87 -41.72
C ALA A 372 24.54 -19.89 -40.92
N PHE A 373 24.62 -21.11 -41.44
CA PHE A 373 25.41 -22.18 -40.85
C PHE A 373 26.19 -22.88 -41.97
N ASP A 374 27.37 -22.34 -42.27
CA ASP A 374 28.24 -22.86 -43.33
C ASP A 374 27.42 -23.32 -44.54
N GLN A 375 26.55 -22.42 -45.01
CA GLN A 375 25.73 -22.75 -46.17
C GLN A 375 26.54 -22.83 -47.45
N SER A 376 27.73 -22.22 -47.48
CA SER A 376 28.57 -22.27 -48.67
C SER A 376 29.03 -23.68 -49.01
N SER A 377 29.13 -24.56 -48.02
CA SER A 377 29.61 -25.91 -48.26
C SER A 377 28.62 -26.68 -49.14
N GLY A 378 29.16 -27.67 -49.85
CA GLY A 378 28.34 -28.53 -50.67
C GLY A 378 27.49 -29.47 -49.85
N THR A 379 26.62 -30.20 -50.54
CA THR A 379 25.68 -31.11 -49.89
C THR A 379 24.56 -30.30 -49.23
N TRP A 380 24.66 -28.98 -49.28
CA TRP A 380 23.61 -28.14 -48.71
C TRP A 380 22.46 -27.94 -49.70
N ALA A 381 22.78 -27.83 -50.99
CA ALA A 381 21.73 -27.65 -51.99
C ALA A 381 20.80 -28.85 -52.02
N SER A 382 21.36 -30.06 -51.94
CA SER A 382 20.52 -31.26 -51.94
C SER A 382 19.60 -31.28 -50.73
N LEU A 383 20.13 -30.94 -49.55
CA LEU A 383 19.29 -30.91 -48.35
C LEU A 383 18.19 -29.86 -48.47
N SER A 384 18.53 -28.68 -49.00
CA SER A 384 17.52 -27.65 -49.18
C SER A 384 16.42 -28.12 -50.12
N LYS A 385 16.80 -28.74 -51.23
CA LYS A 385 15.81 -29.23 -52.19
C LYS A 385 14.93 -30.30 -51.56
N ILE A 386 15.54 -31.22 -50.81
CA ILE A 386 14.77 -32.31 -50.21
C ILE A 386 13.80 -31.76 -49.18
N ILE A 387 14.23 -30.78 -48.38
CA ILE A 387 13.35 -30.18 -47.39
C ILE A 387 12.20 -29.45 -48.07
N THR A 388 12.51 -28.68 -49.12
CA THR A 388 11.48 -27.86 -49.76
C THR A 388 10.46 -28.73 -50.48
N LEU A 389 10.92 -29.69 -51.28
CA LEU A 389 10.00 -30.51 -52.05
C LEU A 389 9.25 -31.49 -51.17
N CYS A 390 9.96 -32.14 -50.24
CA CYS A 390 9.36 -33.17 -49.39
C CYS A 390 8.68 -32.50 -48.19
N ASN A 391 7.56 -31.85 -48.48
CA ASN A 391 6.80 -31.16 -47.45
C ASN A 391 5.35 -31.00 -47.92
N ARG A 392 4.42 -30.99 -46.97
CA ARG A 392 3.01 -30.79 -47.26
C ARG A 392 2.42 -29.56 -46.60
N ALA A 393 3.09 -28.98 -45.61
CA ALA A 393 2.55 -27.81 -44.92
C ALA A 393 2.43 -26.63 -45.86
N GLU A 394 1.42 -25.79 -45.61
CA GLU A 394 1.16 -24.63 -46.44
C GLU A 394 0.83 -23.43 -45.56
N PHE A 395 1.20 -22.25 -46.04
CA PHE A 395 0.88 -21.01 -45.34
C PHE A 395 -0.57 -20.62 -45.60
N ARG A 396 -1.20 -20.04 -44.58
CA ARG A 396 -2.57 -19.58 -44.71
C ARG A 396 -2.63 -18.38 -45.65
N PRO A 397 -3.70 -18.20 -46.41
CA PRO A 397 -3.77 -17.10 -47.37
C PRO A 397 -3.80 -15.75 -46.67
N GLY A 398 -3.31 -14.73 -47.38
CA GLY A 398 -3.31 -13.38 -46.84
C GLY A 398 -2.22 -13.09 -45.84
N GLN A 399 -1.07 -13.76 -45.94
CA GLN A 399 0.03 -13.58 -45.02
C GLN A 399 1.30 -13.14 -45.76
N GLU A 400 1.14 -12.29 -46.77
CA GLU A 400 2.27 -11.79 -47.54
C GLU A 400 3.23 -11.01 -46.66
N SER A 401 2.76 -9.91 -46.07
CA SER A 401 3.61 -9.07 -45.25
C SER A 401 3.79 -9.59 -43.83
N VAL A 402 2.98 -10.57 -43.41
CA VAL A 402 3.07 -11.07 -42.05
C VAL A 402 4.41 -11.77 -41.85
N PRO A 403 5.04 -11.66 -40.69
CA PRO A 403 6.31 -12.36 -40.47
C PRO A 403 6.15 -13.86 -40.64
N ILE A 404 7.17 -14.49 -41.23
CA ILE A 404 7.08 -15.91 -41.56
C ILE A 404 7.00 -16.75 -40.29
N MET A 405 7.80 -16.43 -39.27
CA MET A 405 7.68 -17.15 -38.00
C MET A 405 6.30 -16.97 -37.39
N LYS A 406 5.76 -15.76 -37.46
CA LYS A 406 4.46 -15.48 -36.88
C LYS A 406 3.31 -15.84 -37.81
N ARG A 407 3.62 -16.35 -39.01
CA ARG A 407 2.57 -16.78 -39.93
C ARG A 407 1.89 -18.03 -39.39
N THR A 408 0.71 -18.32 -39.94
CA THR A 408 -0.05 -19.50 -39.60
C THR A 408 0.03 -20.52 -40.73
N VAL A 409 0.30 -21.78 -40.36
CA VAL A 409 0.49 -22.85 -41.34
C VAL A 409 -0.52 -23.94 -41.05
N VAL A 410 -1.18 -24.42 -42.11
CA VAL A 410 -2.15 -25.50 -42.00
C VAL A 410 -1.46 -26.83 -42.28
N GLY A 411 -0.98 -27.47 -41.22
CA GLY A 411 -0.30 -28.74 -41.36
C GLY A 411 0.19 -29.25 -40.03
N ASP A 412 0.95 -30.33 -40.08
CA ASP A 412 1.49 -30.94 -38.87
C ASP A 412 2.55 -30.01 -38.28
N ALA A 413 2.79 -30.16 -36.98
CA ALA A 413 3.74 -29.30 -36.29
C ALA A 413 5.14 -29.40 -36.90
N SER A 414 5.62 -30.63 -37.11
CA SER A 414 6.94 -30.80 -37.72
C SER A 414 6.95 -30.26 -39.14
N GLU A 415 5.88 -30.49 -39.89
CA GLU A 415 5.80 -29.96 -41.25
C GLU A 415 5.86 -28.45 -41.23
N THR A 416 5.14 -27.81 -40.30
CA THR A 416 5.19 -26.36 -40.18
C THR A 416 6.59 -25.88 -39.82
N ALA A 417 7.27 -26.61 -38.93
CA ALA A 417 8.62 -26.22 -38.54
C ALA A 417 9.56 -26.25 -39.75
N LEU A 418 9.49 -27.32 -40.54
CA LEU A 418 10.34 -27.40 -41.73
C LEU A 418 9.96 -26.32 -42.74
N LEU A 419 8.68 -26.03 -42.89
CA LEU A 419 8.27 -24.98 -43.81
C LEU A 419 8.84 -23.63 -43.38
N LYS A 420 8.75 -23.32 -42.08
CA LYS A 420 9.31 -22.07 -41.58
C LYS A 420 10.81 -22.01 -41.81
N PHE A 421 11.51 -23.12 -41.55
CA PHE A 421 12.95 -23.16 -41.75
C PHE A 421 13.30 -22.89 -43.21
N SER A 422 12.59 -23.56 -44.12
CA SER A 422 12.87 -23.38 -45.54
C SER A 422 12.60 -21.95 -45.97
N GLU A 423 11.50 -21.35 -45.51
CA GLU A 423 11.22 -19.97 -45.84
C GLU A 423 12.31 -19.04 -45.31
N VAL A 424 12.76 -19.26 -44.08
CA VAL A 424 13.78 -18.40 -43.50
C VAL A 424 15.07 -18.49 -44.30
N ILE A 425 15.53 -19.70 -44.58
CA ILE A 425 16.84 -19.88 -45.20
C ILE A 425 16.74 -19.83 -46.71
N LEU A 426 15.98 -20.75 -47.30
CA LEU A 426 15.91 -20.85 -48.76
C LEU A 426 15.27 -19.63 -49.38
N GLY A 427 14.00 -19.37 -49.04
CA GLY A 427 13.26 -18.29 -49.64
C GLY A 427 11.78 -18.61 -49.77
N ASP A 428 11.21 -18.35 -50.94
CA ASP A 428 9.80 -18.64 -51.20
C ASP A 428 9.71 -20.03 -51.80
N VAL A 429 9.15 -20.98 -51.03
CA VAL A 429 9.06 -22.36 -51.49
C VAL A 429 7.92 -22.53 -52.49
N MET A 430 6.97 -21.60 -52.53
CA MET A 430 5.84 -21.76 -53.45
C MET A 430 6.31 -21.85 -54.88
N GLY A 431 7.18 -20.93 -55.30
CA GLY A 431 7.73 -21.00 -56.65
C GLY A 431 8.54 -22.26 -56.88
N ILE A 432 9.35 -22.65 -55.89
CA ILE A 432 10.17 -23.85 -56.02
C ILE A 432 9.27 -25.08 -56.17
N ARG A 433 8.25 -25.17 -55.32
CA ARG A 433 7.34 -26.31 -55.40
C ARG A 433 6.60 -26.33 -56.74
N LYS A 434 6.16 -25.17 -57.20
CA LYS A 434 5.45 -25.10 -58.49
C LYS A 434 6.36 -25.53 -59.63
N ARG A 435 7.63 -25.12 -59.60
CA ARG A 435 8.56 -25.49 -60.66
C ARG A 435 8.58 -26.99 -60.86
N ASN A 436 8.74 -27.74 -59.77
CA ASN A 436 8.72 -29.20 -59.86
C ASN A 436 7.29 -29.71 -59.88
N HIS A 437 6.98 -30.55 -60.87
CA HIS A 437 5.65 -31.13 -61.01
C HIS A 437 5.55 -32.36 -60.11
N LYS A 438 5.24 -32.11 -58.84
CA LYS A 438 5.16 -33.17 -57.86
C LYS A 438 4.07 -34.17 -58.24
N VAL A 439 4.31 -35.43 -57.91
CA VAL A 439 3.36 -36.50 -58.18
C VAL A 439 2.47 -36.69 -56.96
N ALA A 440 1.16 -36.82 -57.21
CA ALA A 440 0.17 -36.88 -56.14
C ALA A 440 0.47 -37.99 -55.14
N GLU A 441 1.31 -38.96 -55.49
CA GLU A 441 1.62 -40.06 -54.58
C GLU A 441 2.50 -39.58 -53.42
N ILE A 442 1.88 -39.36 -52.27
CA ILE A 442 2.59 -38.89 -51.08
C ILE A 442 2.13 -39.74 -49.89
N PRO A 443 2.46 -41.03 -49.86
CA PRO A 443 1.93 -41.92 -48.82
C PRO A 443 2.71 -41.77 -47.52
N PHE A 444 1.99 -41.41 -46.45
CA PHE A 444 2.56 -41.35 -45.10
C PHE A 444 1.59 -41.98 -44.12
N ASN A 445 2.08 -42.90 -43.30
CA ASN A 445 1.28 -43.58 -42.30
C ASN A 445 2.07 -43.69 -41.00
N SER A 446 1.34 -43.83 -39.89
CA SER A 446 1.97 -43.96 -38.59
C SER A 446 2.88 -45.20 -38.54
N THR A 447 2.39 -46.33 -39.05
CA THR A 447 3.20 -47.54 -39.09
C THR A 447 4.39 -47.38 -40.02
N ASN A 448 4.18 -46.74 -41.17
CA ASN A 448 5.29 -46.52 -42.10
C ASN A 448 6.37 -45.65 -41.46
N LYS A 449 5.96 -44.58 -40.78
CA LYS A 449 6.87 -43.60 -40.19
C LYS A 449 7.87 -43.06 -41.20
N PHE A 450 7.55 -43.16 -42.48
CA PHE A 450 8.28 -42.52 -43.55
C PHE A 450 7.26 -42.04 -44.57
N GLN A 451 7.58 -40.95 -45.26
CA GLN A 451 6.74 -40.44 -46.34
C GLN A 451 7.65 -40.00 -47.48
N LEU A 452 7.34 -40.48 -48.68
CA LEU A 452 8.13 -40.19 -49.87
C LEU A 452 7.23 -39.51 -50.91
N SER A 453 7.83 -38.66 -51.73
CA SER A 453 7.08 -37.94 -52.76
C SER A 453 7.93 -37.83 -54.02
N ILE A 454 7.41 -38.35 -55.12
CA ILE A 454 8.15 -38.37 -56.38
C ILE A 454 8.10 -36.97 -57.00
N HIS A 455 9.25 -36.50 -57.48
CA HIS A 455 9.34 -35.20 -58.11
C HIS A 455 10.21 -35.30 -59.37
N GLU A 456 9.97 -34.38 -60.29
CA GLU A 456 10.78 -34.24 -61.50
C GLU A 456 11.45 -32.87 -61.44
N THR A 457 12.78 -32.85 -61.58
CA THR A 457 13.52 -31.62 -61.41
C THR A 457 13.14 -30.60 -62.48
N GLU A 458 13.29 -29.32 -62.12
CA GLU A 458 12.99 -28.22 -63.02
C GLU A 458 14.26 -27.70 -63.71
N ASP A 459 15.39 -28.39 -63.49
CA ASP A 459 16.63 -28.03 -64.14
C ASP A 459 16.58 -28.45 -65.60
N PRO A 460 16.73 -27.53 -66.56
CA PRO A 460 16.63 -27.92 -67.97
C PRO A 460 17.63 -28.99 -68.37
N ASN A 461 18.86 -28.93 -67.85
CA ASN A 461 19.88 -29.91 -68.21
C ASN A 461 19.49 -31.30 -67.77
N ASN A 462 19.39 -31.51 -66.46
CA ASN A 462 19.03 -32.83 -65.92
C ASN A 462 17.61 -33.22 -66.33
N LYS A 463 16.63 -32.45 -65.88
CA LYS A 463 15.21 -32.70 -66.12
C LYS A 463 14.80 -34.13 -65.77
N ARG A 464 15.52 -34.77 -64.84
CA ARG A 464 15.27 -36.15 -64.48
C ARG A 464 14.36 -36.23 -63.26
N PHE A 465 14.01 -37.45 -62.88
CA PHE A 465 13.13 -37.68 -61.74
C PHE A 465 13.89 -37.56 -60.44
N LEU A 466 13.22 -37.02 -59.42
CA LEU A 466 13.80 -36.81 -58.10
C LEU A 466 12.86 -37.39 -57.06
N VAL A 467 13.36 -38.35 -56.28
CA VAL A 467 12.58 -38.99 -55.22
C VAL A 467 13.13 -38.54 -53.88
N VAL A 468 12.24 -38.10 -52.99
CA VAL A 468 12.62 -37.56 -51.69
C VAL A 468 11.95 -38.39 -50.60
N MET A 469 12.69 -38.64 -49.52
CA MET A 469 12.23 -39.48 -48.44
C MET A 469 12.68 -38.90 -47.11
N LYS A 470 11.79 -38.94 -46.12
CA LYS A 470 12.14 -38.59 -44.75
C LYS A 470 11.27 -39.40 -43.79
N GLY A 471 11.73 -39.51 -42.56
CA GLY A 471 11.00 -40.28 -41.56
C GLY A 471 11.92 -40.61 -40.39
N ALA A 472 11.58 -41.70 -39.72
CA ALA A 472 12.39 -42.15 -38.60
C ALA A 472 13.82 -42.41 -39.08
N PRO A 473 14.84 -41.86 -38.41
CA PRO A 473 16.20 -42.00 -38.93
C PRO A 473 16.65 -43.45 -39.09
N GLU A 474 16.23 -44.36 -38.21
CA GLU A 474 16.71 -45.73 -38.30
C GLU A 474 16.24 -46.41 -39.59
N ARG A 475 14.94 -46.32 -39.89
CA ARG A 475 14.44 -46.97 -41.09
C ARG A 475 14.92 -46.25 -42.34
N ILE A 476 15.10 -44.92 -42.25
CA ILE A 476 15.67 -44.18 -43.36
C ILE A 476 17.08 -44.68 -43.66
N LEU A 477 17.87 -44.89 -42.62
CA LEU A 477 19.22 -45.43 -42.80
C LEU A 477 19.17 -46.82 -43.39
N GLU A 478 18.28 -47.68 -42.88
CA GLU A 478 18.23 -49.05 -43.38
C GLU A 478 17.60 -49.12 -44.77
N LYS A 479 17.03 -48.01 -45.25
CA LYS A 479 16.69 -47.85 -46.66
C LYS A 479 17.72 -47.05 -47.43
N CYS A 480 18.88 -46.80 -46.83
CA CYS A 480 19.93 -46.01 -47.46
C CYS A 480 21.08 -46.93 -47.82
N SER A 481 21.43 -46.97 -49.11
CA SER A 481 22.55 -47.79 -49.55
C SER A 481 23.87 -47.03 -49.50
N THR A 482 23.83 -45.72 -49.76
CA THR A 482 25.03 -44.90 -49.78
C THR A 482 24.73 -43.57 -49.12
N ILE A 483 25.80 -42.89 -48.70
CA ILE A 483 25.70 -41.57 -48.07
C ILE A 483 26.53 -40.59 -48.87
N MET A 484 25.95 -39.42 -49.13
CA MET A 484 26.60 -38.40 -49.95
C MET A 484 27.28 -37.39 -49.04
N ILE A 485 28.60 -37.30 -49.16
CA ILE A 485 29.41 -36.39 -48.36
C ILE A 485 30.08 -35.40 -49.30
N ASN A 486 29.79 -34.12 -49.12
CA ASN A 486 30.36 -33.05 -49.94
C ASN A 486 30.21 -33.38 -51.43
N GLY A 487 28.98 -33.71 -51.81
CA GLY A 487 28.70 -34.05 -53.21
C GLY A 487 28.83 -35.51 -53.57
N GLN A 488 29.99 -36.11 -53.31
CA GLN A 488 30.18 -37.53 -53.62
C GLN A 488 29.28 -38.39 -52.75
N GLU A 489 28.68 -39.41 -53.35
CA GLU A 489 27.81 -40.34 -52.63
C GLU A 489 28.64 -41.53 -52.16
N GLN A 490 29.39 -41.31 -51.09
CA GLN A 490 30.23 -42.35 -50.52
C GLN A 490 29.37 -43.53 -50.07
N PRO A 491 29.71 -44.76 -50.46
CA PRO A 491 28.90 -45.90 -50.03
C PRO A 491 28.86 -46.01 -48.52
N LEU A 492 27.69 -46.39 -48.00
CA LEU A 492 27.53 -46.55 -46.56
C LEU A 492 28.45 -47.65 -46.05
N ASP A 493 29.15 -47.35 -44.96
CA ASP A 493 30.14 -48.27 -44.38
C ASP A 493 29.89 -48.38 -42.88
N LYS A 494 30.69 -49.24 -42.24
CA LYS A 494 30.59 -49.38 -40.79
C LYS A 494 30.95 -48.09 -40.07
N SER A 495 31.99 -47.40 -40.55
CA SER A 495 32.38 -46.13 -39.93
C SER A 495 31.27 -45.09 -40.08
N SER A 496 30.71 -44.98 -41.28
CA SER A 496 29.63 -44.03 -41.49
C SER A 496 28.41 -44.38 -40.66
N ALA A 497 28.08 -45.66 -40.57
CA ALA A 497 26.95 -46.08 -39.75
C ALA A 497 27.19 -45.74 -38.28
N ASP A 498 28.41 -45.97 -37.79
CA ASP A 498 28.72 -45.66 -36.40
C ASP A 498 28.61 -44.16 -36.14
N SER A 499 29.13 -43.34 -37.06
CA SER A 499 29.04 -41.90 -36.90
C SER A 499 27.60 -41.44 -36.89
N PHE A 500 26.79 -41.97 -37.80
CA PHE A 500 25.37 -41.63 -37.84
C PHE A 500 24.67 -42.03 -36.54
N HIS A 501 24.99 -43.22 -36.03
CA HIS A 501 24.36 -43.69 -34.80
C HIS A 501 24.75 -42.80 -33.63
N THR A 502 26.02 -42.42 -33.55
CA THR A 502 26.44 -41.53 -32.47
C THR A 502 25.76 -40.17 -32.56
N ALA A 503 25.66 -39.61 -33.76
CA ALA A 503 25.00 -38.32 -33.92
C ALA A 503 23.53 -38.42 -33.52
N TYR A 504 22.86 -39.51 -33.95
CA TYR A 504 21.47 -39.70 -33.58
C TYR A 504 21.31 -39.85 -32.07
N MET A 505 22.21 -40.59 -31.43
CA MET A 505 22.16 -40.74 -29.98
C MET A 505 22.28 -39.40 -29.29
N GLU A 506 23.25 -38.58 -29.71
CA GLU A 506 23.45 -37.30 -29.05
C GLU A 506 22.25 -36.38 -29.27
N LEU A 507 21.73 -36.33 -30.50
CA LEU A 507 20.59 -35.48 -30.78
C LEU A 507 19.37 -35.91 -29.98
N GLY A 508 19.13 -37.22 -29.88
CA GLY A 508 18.03 -37.70 -29.07
C GLY A 508 18.23 -37.37 -27.60
N GLY A 509 19.45 -37.52 -27.09
CA GLY A 509 19.75 -37.15 -25.74
C GLY A 509 19.57 -35.68 -25.44
N LEU A 510 19.70 -34.82 -26.44
CA LEU A 510 19.35 -33.40 -26.31
C LEU A 510 17.85 -33.18 -26.34
N GLY A 511 17.06 -34.26 -26.32
CA GLY A 511 15.62 -34.14 -26.29
C GLY A 511 15.02 -33.49 -27.52
N GLU A 512 15.47 -33.91 -28.70
CA GLU A 512 15.00 -33.33 -29.96
C GLU A 512 14.44 -34.42 -30.86
N ARG A 513 13.41 -34.06 -31.62
CA ARG A 513 12.80 -34.97 -32.59
C ARG A 513 13.71 -35.02 -33.82
N VAL A 514 14.43 -36.13 -33.95
CA VAL A 514 15.37 -36.28 -35.06
C VAL A 514 14.67 -36.95 -36.24
N LEU A 515 14.83 -36.38 -37.43
CA LEU A 515 14.24 -36.91 -38.65
C LEU A 515 15.32 -37.06 -39.72
N GLY A 516 15.26 -38.15 -40.47
CA GLY A 516 16.23 -38.44 -41.51
C GLY A 516 15.71 -38.03 -42.88
N PHE A 517 16.61 -37.54 -43.72
CA PHE A 517 16.27 -37.06 -45.05
C PHE A 517 17.17 -37.76 -46.07
N CYS A 518 16.57 -38.28 -47.14
CA CYS A 518 17.32 -38.96 -48.18
C CYS A 518 16.57 -38.84 -49.50
N HIS A 519 17.33 -38.84 -50.60
CA HIS A 519 16.75 -38.76 -51.93
C HIS A 519 17.54 -39.66 -52.87
N LEU A 520 16.92 -39.97 -54.01
CA LEU A 520 17.54 -40.78 -55.04
C LEU A 520 17.27 -40.17 -56.40
N TYR A 521 18.20 -40.37 -57.33
CA TYR A 521 18.05 -39.92 -58.70
C TYR A 521 17.60 -41.08 -59.58
N LEU A 522 16.67 -40.80 -60.50
CA LEU A 522 16.16 -41.81 -61.41
C LEU A 522 16.65 -41.52 -62.82
N PRO A 523 17.63 -42.28 -63.32
CA PRO A 523 18.05 -42.09 -64.72
C PRO A 523 16.92 -42.40 -65.68
N ALA A 524 16.95 -41.72 -66.83
CA ALA A 524 15.88 -41.86 -67.81
C ALA A 524 15.78 -43.26 -68.41
N GLU A 525 16.81 -44.10 -68.25
CA GLU A 525 16.79 -45.45 -68.80
C GLU A 525 15.68 -46.29 -68.17
N GLN A 526 15.67 -46.36 -66.83
CA GLN A 526 14.68 -47.18 -66.15
C GLN A 526 13.29 -46.56 -66.24
N PHE A 527 13.14 -45.35 -65.73
CA PHE A 527 11.85 -44.65 -65.73
C PHE A 527 11.92 -43.41 -66.61
N PRO A 528 11.39 -43.46 -67.83
CA PRO A 528 11.41 -42.27 -68.69
C PRO A 528 10.50 -41.18 -68.13
N GLN A 529 10.56 -40.02 -68.78
CA GLN A 529 9.78 -38.87 -68.32
C GLN A 529 8.28 -39.18 -68.38
N SER A 530 7.83 -39.82 -69.45
CA SER A 530 6.42 -40.15 -69.62
C SER A 530 5.99 -41.37 -68.81
N TYR A 531 6.92 -42.06 -68.17
CA TYR A 531 6.58 -43.24 -67.38
C TYR A 531 5.58 -42.86 -66.30
N ILE A 532 4.47 -43.60 -66.23
CA ILE A 532 3.42 -43.28 -65.25
C ILE A 532 3.70 -44.00 -63.94
N PHE A 533 3.22 -43.39 -62.85
CA PHE A 533 3.54 -43.84 -61.51
C PHE A 533 2.27 -44.19 -60.74
N ASP A 534 2.42 -45.07 -59.76
CA ASP A 534 1.34 -45.49 -58.89
C ASP A 534 1.76 -45.31 -57.44
N VAL A 535 0.84 -44.80 -56.61
CA VAL A 535 1.14 -44.56 -55.21
C VAL A 535 1.17 -45.83 -54.38
N ASP A 536 0.76 -46.96 -54.97
CA ASP A 536 0.69 -48.22 -54.23
C ASP A 536 2.06 -48.78 -53.87
N SER A 537 3.15 -48.08 -54.15
CA SER A 537 4.51 -48.50 -53.85
C SER A 537 4.99 -49.62 -54.75
N VAL A 538 4.21 -50.00 -55.76
CA VAL A 538 4.60 -51.09 -56.65
C VAL A 538 5.28 -50.59 -57.92
N ASN A 539 5.03 -49.34 -58.33
CA ASN A 539 5.59 -48.80 -59.55
C ASN A 539 6.98 -48.21 -59.38
N PHE A 540 7.46 -48.05 -58.15
CA PHE A 540 8.75 -47.43 -57.91
C PHE A 540 9.50 -48.17 -56.81
N PRO A 541 10.83 -48.07 -56.80
CA PRO A 541 11.60 -48.66 -55.71
C PRO A 541 11.44 -47.87 -54.41
N THR A 542 11.69 -48.56 -53.30
CA THR A 542 11.60 -47.96 -51.97
C THR A 542 12.79 -48.33 -51.10
N SER A 543 13.97 -48.45 -51.71
CA SER A 543 15.18 -48.80 -50.97
C SER A 543 16.39 -48.27 -51.73
N ASN A 544 17.59 -48.60 -51.23
CA ASN A 544 18.84 -48.20 -51.85
C ASN A 544 18.95 -46.69 -51.99
N PHE A 545 18.44 -45.96 -50.99
CA PHE A 545 18.45 -44.51 -51.03
C PHE A 545 19.83 -43.98 -50.61
N CYS A 546 20.01 -42.68 -50.83
CA CYS A 546 21.25 -41.98 -50.50
C CYS A 546 20.96 -40.99 -49.37
N PHE A 547 21.35 -41.36 -48.15
CA PHE A 547 21.16 -40.48 -47.00
C PHE A 547 21.91 -39.17 -47.23
N VAL A 548 21.26 -38.05 -46.90
CA VAL A 548 21.85 -36.75 -47.13
C VAL A 548 22.17 -36.06 -45.81
N GLY A 549 21.14 -35.82 -45.00
CA GLY A 549 21.32 -35.07 -43.77
C GLY A 549 20.36 -35.54 -42.69
N LEU A 550 20.52 -34.93 -41.52
CA LEU A 550 19.71 -35.22 -40.35
C LEU A 550 19.54 -33.96 -39.53
N LEU A 551 18.31 -33.72 -39.05
CA LEU A 551 18.02 -32.51 -38.30
C LEU A 551 16.94 -32.80 -37.26
N SER A 552 16.86 -31.92 -36.27
CA SER A 552 15.97 -32.10 -35.14
C SER A 552 15.28 -30.79 -34.78
N MET A 553 14.14 -30.90 -34.11
CA MET A 553 13.36 -29.76 -33.65
C MET A 553 13.21 -29.82 -32.14
N ILE A 554 13.30 -28.66 -31.48
CA ILE A 554 13.42 -28.61 -30.03
C ILE A 554 12.39 -27.71 -29.37
N ASP A 555 11.67 -26.88 -30.12
CA ASP A 555 10.80 -25.92 -29.45
C ASP A 555 11.64 -25.04 -28.52
N PRO A 556 12.46 -24.15 -29.08
CA PRO A 556 13.50 -23.50 -28.28
C PRO A 556 12.93 -22.53 -27.28
N PRO A 557 13.72 -22.13 -26.29
CA PRO A 557 13.24 -21.14 -25.31
C PRO A 557 13.14 -19.76 -25.92
N ARG A 558 12.46 -18.87 -25.20
CA ARG A 558 12.36 -17.49 -25.63
C ARG A 558 13.72 -16.82 -25.56
N SER A 559 13.89 -15.80 -26.39
CA SER A 559 15.20 -15.15 -26.51
C SER A 559 15.63 -14.54 -25.17
N THR A 560 14.72 -13.88 -24.47
CA THR A 560 15.07 -13.17 -23.25
C THR A 560 15.01 -14.04 -22.00
N VAL A 561 14.51 -15.27 -22.11
CA VAL A 561 14.31 -16.12 -20.94
C VAL A 561 15.63 -16.45 -20.26
N PRO A 562 16.66 -16.88 -20.98
CA PRO A 562 17.92 -17.24 -20.30
C PRO A 562 18.54 -16.10 -19.51
N ASP A 563 18.57 -14.89 -20.08
CA ASP A 563 19.16 -13.76 -19.35
C ASP A 563 18.35 -13.43 -18.12
N ALA A 564 17.03 -13.44 -18.23
CA ALA A 564 16.18 -13.16 -17.07
C ALA A 564 16.37 -14.20 -15.98
N VAL A 565 16.48 -15.48 -16.37
CA VAL A 565 16.69 -16.53 -15.38
C VAL A 565 18.04 -16.36 -14.69
N SER A 566 19.07 -16.04 -15.46
CA SER A 566 20.39 -15.83 -14.87
C SER A 566 20.35 -14.66 -13.88
N LYS A 567 19.71 -13.56 -14.26
CA LYS A 567 19.62 -12.42 -13.35
C LYS A 567 18.84 -12.77 -12.10
N CYS A 568 17.72 -13.49 -12.24
CA CYS A 568 16.93 -13.87 -11.09
C CYS A 568 17.73 -14.75 -10.13
N ARG A 569 18.47 -15.71 -10.68
CA ARG A 569 19.28 -16.57 -9.83
C ARG A 569 20.40 -15.77 -9.15
N SER A 570 21.02 -14.84 -9.87
CA SER A 570 22.02 -13.99 -9.27
C SER A 570 21.44 -13.07 -8.20
N ALA A 571 20.14 -12.80 -8.26
CA ALA A 571 19.46 -11.98 -7.27
C ALA A 571 19.05 -12.78 -6.04
N GLY A 572 19.48 -14.04 -5.93
CA GLY A 572 19.16 -14.85 -4.77
C GLY A 572 17.84 -15.58 -4.83
N ILE A 573 17.19 -15.61 -5.98
CA ILE A 573 15.89 -16.26 -6.14
C ILE A 573 16.12 -17.66 -6.69
N LYS A 574 15.55 -18.65 -6.01
CA LYS A 574 15.64 -20.02 -6.48
C LYS A 574 14.58 -20.29 -7.54
N VAL A 575 14.99 -20.85 -8.67
CA VAL A 575 14.11 -21.08 -9.81
C VAL A 575 13.86 -22.57 -9.93
N ILE A 576 12.58 -22.95 -9.91
CA ILE A 576 12.16 -24.34 -10.02
C ILE A 576 11.24 -24.45 -11.23
N MET A 577 11.50 -25.44 -12.09
CA MET A 577 10.69 -25.66 -13.27
C MET A 577 9.74 -26.84 -13.00
N VAL A 578 8.44 -26.55 -13.05
CA VAL A 578 7.41 -27.59 -12.94
C VAL A 578 6.68 -27.62 -14.28
N THR A 579 6.69 -28.79 -14.92
CA THR A 579 6.13 -28.94 -16.25
C THR A 579 5.34 -30.23 -16.34
N GLY A 580 4.43 -30.28 -17.30
CA GLY A 580 3.67 -31.48 -17.58
C GLY A 580 4.19 -32.21 -18.80
N ASP A 581 5.45 -31.97 -19.14
CA ASP A 581 6.07 -32.54 -20.33
C ASP A 581 6.98 -33.70 -19.91
N HIS A 582 7.53 -34.37 -20.91
CA HIS A 582 8.36 -35.54 -20.64
C HIS A 582 9.67 -35.12 -19.99
N PRO A 583 10.25 -35.98 -19.15
CA PRO A 583 11.45 -35.59 -18.40
C PRO A 583 12.63 -35.22 -19.29
N ILE A 584 12.80 -35.89 -20.43
CA ILE A 584 13.97 -35.63 -21.28
C ILE A 584 13.93 -34.19 -21.80
N THR A 585 12.79 -33.81 -22.39
CA THR A 585 12.65 -32.46 -22.91
C THR A 585 12.76 -31.43 -21.81
N ALA A 586 12.15 -31.71 -20.65
CA ALA A 586 12.23 -30.77 -19.54
C ALA A 586 13.67 -30.55 -19.11
N LYS A 587 14.43 -31.63 -18.98
CA LYS A 587 15.83 -31.51 -18.59
C LYS A 587 16.63 -30.74 -19.63
N ALA A 588 16.41 -31.03 -20.91
CA ALA A 588 17.15 -30.33 -21.96
C ALA A 588 16.86 -28.84 -21.92
N ILE A 589 15.58 -28.47 -21.79
CA ILE A 589 15.22 -27.06 -21.77
C ILE A 589 15.74 -26.38 -20.53
N ALA A 590 15.72 -27.10 -19.40
CA ALA A 590 16.26 -26.53 -18.16
C ALA A 590 17.74 -26.23 -18.30
N LYS A 591 18.50 -27.18 -18.87
CA LYS A 591 19.92 -26.94 -19.08
C LYS A 591 20.16 -25.77 -20.04
N SER A 592 19.39 -25.72 -21.13
CA SER A 592 19.59 -24.66 -22.11
C SER A 592 19.28 -23.29 -21.52
N VAL A 593 18.17 -23.18 -20.78
CA VAL A 593 17.74 -21.89 -20.24
C VAL A 593 18.64 -21.42 -19.11
N GLY A 594 19.22 -22.34 -18.35
CA GLY A 594 20.06 -21.98 -17.23
C GLY A 594 19.50 -22.33 -15.87
N ILE A 595 18.34 -22.99 -15.81
CA ILE A 595 17.82 -23.44 -14.52
C ILE A 595 18.79 -24.42 -13.88
N ILE A 596 19.41 -25.27 -14.69
CA ILE A 596 20.45 -26.19 -14.24
C ILE A 596 21.79 -25.71 -14.80
N SER A 597 22.75 -25.47 -13.92
CA SER A 597 24.04 -24.97 -14.36
C SER A 597 24.76 -26.02 -15.20
N ALA A 598 25.63 -25.54 -16.09
CA ALA A 598 26.32 -26.44 -17.00
C ALA A 598 27.17 -27.46 -16.25
N ASN A 599 27.91 -27.00 -15.24
CA ASN A 599 28.77 -27.90 -14.48
C ASN A 599 27.95 -28.86 -13.61
N ASN A 600 26.82 -28.39 -13.07
CA ASN A 600 26.01 -29.23 -12.21
C ASN A 600 25.50 -30.45 -12.97
N GLU A 601 25.45 -31.58 -12.29
CA GLU A 601 24.99 -32.84 -12.88
C GLU A 601 24.05 -33.54 -11.92
N THR A 602 23.13 -34.32 -12.50
CA THR A 602 22.17 -35.07 -11.71
C THR A 602 22.76 -36.40 -11.26
N VAL A 603 22.08 -37.05 -10.32
CA VAL A 603 22.57 -38.32 -9.79
C VAL A 603 22.66 -39.37 -10.90
N GLU A 604 21.67 -39.40 -11.79
CA GLU A 604 21.73 -40.32 -12.92
C GLU A 604 22.93 -40.00 -13.81
N ASP A 605 23.18 -38.71 -14.04
CA ASP A 605 24.34 -38.32 -14.84
C ASP A 605 25.64 -38.76 -14.17
N ILE A 606 25.73 -38.59 -12.85
CA ILE A 606 26.93 -39.02 -12.14
C ILE A 606 27.11 -40.52 -12.26
N ALA A 607 26.03 -41.28 -12.08
CA ALA A 607 26.13 -42.74 -12.19
C ALA A 607 26.57 -43.15 -13.60
N LYS A 608 26.01 -42.51 -14.62
CA LYS A 608 26.40 -42.81 -15.99
C LYS A 608 27.87 -42.50 -16.23
N ARG A 609 28.33 -41.36 -15.72
CA ARG A 609 29.73 -40.99 -15.89
C ARG A 609 30.65 -42.00 -15.20
N ARG A 610 30.29 -42.41 -13.99
CA ARG A 610 31.08 -43.40 -13.26
C ARG A 610 30.81 -44.83 -13.69
N ASN A 611 29.81 -45.05 -14.54
CA ASN A 611 29.48 -46.40 -15.01
C ASN A 611 29.19 -47.32 -13.83
N ILE A 612 28.35 -46.85 -12.91
CA ILE A 612 27.96 -47.59 -11.73
C ILE A 612 26.45 -47.51 -11.57
N ALA A 613 25.91 -48.35 -10.69
CA ALA A 613 24.49 -48.35 -10.41
C ALA A 613 24.08 -47.05 -9.71
N VAL A 614 22.84 -46.62 -9.97
CA VAL A 614 22.37 -45.37 -9.40
C VAL A 614 22.37 -45.40 -7.87
N GLU A 615 21.97 -46.53 -7.27
CA GLU A 615 21.94 -46.61 -5.82
C GLU A 615 23.34 -46.47 -5.22
N GLN A 616 24.36 -46.97 -5.93
CA GLN A 616 25.72 -46.92 -5.41
C GLN A 616 26.19 -45.48 -5.22
N VAL A 617 25.89 -44.61 -6.18
CA VAL A 617 26.38 -43.23 -6.12
C VAL A 617 25.69 -42.49 -4.98
N ASN A 618 26.49 -41.81 -4.16
CA ASN A 618 25.96 -41.03 -3.06
C ASN A 618 25.27 -39.78 -3.59
N LYS A 619 24.11 -39.45 -3.00
CA LYS A 619 23.31 -38.33 -3.45
C LYS A 619 23.92 -36.98 -3.09
N ARG A 620 24.94 -36.95 -2.25
CA ARG A 620 25.53 -35.68 -1.84
C ARG A 620 26.17 -34.96 -3.03
N GLU A 621 26.86 -35.70 -3.89
CA GLU A 621 27.56 -35.07 -5.00
C GLU A 621 26.61 -34.40 -5.98
N ALA A 622 25.49 -35.06 -6.29
CA ALA A 622 24.55 -34.51 -7.26
C ALA A 622 23.95 -33.22 -6.74
N LYS A 623 24.04 -32.15 -7.54
CA LYS A 623 23.51 -30.85 -7.18
C LYS A 623 22.22 -30.51 -7.92
N ALA A 624 21.77 -31.39 -8.81
CA ALA A 624 20.52 -31.17 -9.54
C ALA A 624 19.71 -32.47 -9.50
N ALA A 625 18.39 -32.31 -9.53
CA ALA A 625 17.48 -33.44 -9.42
C ALA A 625 16.33 -33.26 -10.41
N VAL A 626 16.00 -34.33 -11.12
CA VAL A 626 14.85 -34.37 -12.02
C VAL A 626 13.86 -35.37 -11.44
N VAL A 627 12.68 -34.90 -11.06
CA VAL A 627 11.68 -35.71 -10.38
C VAL A 627 10.46 -35.83 -11.30
N THR A 628 10.10 -37.05 -11.64
CA THR A 628 8.93 -37.28 -12.47
C THR A 628 7.65 -37.23 -11.64
N GLY A 629 6.52 -37.35 -12.33
CA GLY A 629 5.25 -37.30 -11.65
C GLY A 629 5.03 -38.46 -10.69
N MET A 630 5.44 -39.66 -11.09
CA MET A 630 5.21 -40.84 -10.25
C MET A 630 5.99 -40.74 -8.95
N GLU A 631 7.25 -40.31 -9.01
CA GLU A 631 8.05 -40.20 -7.80
C GLU A 631 7.43 -39.20 -6.83
N LEU A 632 6.97 -38.07 -7.34
CA LEU A 632 6.27 -37.12 -6.47
C LEU A 632 4.97 -37.71 -5.94
N LYS A 633 4.29 -38.53 -6.73
CA LYS A 633 3.07 -39.18 -6.27
C LYS A 633 3.35 -40.06 -5.06
N ASP A 634 4.40 -40.88 -5.14
CA ASP A 634 4.78 -41.74 -4.02
C ASP A 634 5.88 -41.09 -3.18
N MET A 635 5.58 -39.91 -2.64
CA MET A 635 6.53 -39.14 -1.83
C MET A 635 5.79 -38.49 -0.67
N THR A 636 6.21 -38.82 0.55
CA THR A 636 5.60 -38.22 1.73
C THR A 636 6.01 -36.76 1.85
N PRO A 637 5.23 -35.95 2.56
CA PRO A 637 5.57 -34.52 2.66
C PRO A 637 6.96 -34.28 3.22
N GLU A 638 7.41 -35.10 4.17
CA GLU A 638 8.75 -34.94 4.72
C GLU A 638 9.80 -35.15 3.64
N GLN A 639 9.61 -36.15 2.78
CA GLN A 639 10.55 -36.37 1.69
C GLN A 639 10.57 -35.20 0.73
N LEU A 640 9.41 -34.64 0.42
CA LEU A 640 9.35 -33.48 -0.47
C LEU A 640 10.09 -32.29 0.15
N ASP A 641 9.88 -32.07 1.45
CA ASP A 641 10.58 -30.98 2.12
C ASP A 641 12.08 -31.19 2.09
N GLU A 642 12.53 -32.42 2.35
CA GLU A 642 13.96 -32.72 2.31
C GLU A 642 14.53 -32.49 0.92
N LEU A 643 13.80 -32.92 -0.11
CA LEU A 643 14.26 -32.74 -1.48
C LEU A 643 14.37 -31.25 -1.81
N LEU A 644 13.37 -30.46 -1.42
CA LEU A 644 13.42 -29.03 -1.70
C LEU A 644 14.58 -28.37 -0.97
N THR A 645 14.84 -28.79 0.27
CA THR A 645 15.91 -28.18 1.05
C THR A 645 17.29 -28.54 0.48
N ASN A 646 17.47 -29.81 0.11
CA ASN A 646 18.81 -30.29 -0.22
C ASN A 646 19.29 -29.85 -1.59
N TYR A 647 18.39 -29.72 -2.57
CA TYR A 647 18.78 -29.52 -3.96
C TYR A 647 18.58 -28.06 -4.34
N GLN A 648 19.61 -27.45 -4.92
CA GLN A 648 19.52 -26.05 -5.32
C GLN A 648 18.73 -25.90 -6.61
N GLU A 649 18.91 -26.82 -7.56
CA GLU A 649 18.24 -26.78 -8.85
C GLU A 649 17.40 -28.03 -9.02
N ILE A 650 16.09 -27.85 -9.21
CA ILE A 650 15.14 -28.95 -9.26
C ILE A 650 14.25 -28.78 -10.49
N VAL A 651 13.97 -29.88 -11.17
CA VAL A 651 13.09 -29.91 -12.32
C VAL A 651 12.03 -30.98 -12.10
N PHE A 652 10.76 -30.58 -12.22
CA PHE A 652 9.63 -31.50 -12.09
C PHE A 652 9.00 -31.70 -13.47
N ALA A 653 8.75 -32.96 -13.82
CA ALA A 653 8.22 -33.30 -15.12
C ALA A 653 7.03 -34.24 -14.96
N ARG A 654 6.14 -34.21 -15.95
CA ARG A 654 4.95 -35.07 -15.97
C ARG A 654 4.12 -34.88 -14.70
N THR A 655 3.88 -33.62 -14.34
CA THR A 655 3.14 -33.29 -13.13
C THR A 655 1.73 -32.81 -13.50
N SER A 656 0.73 -33.40 -12.86
CA SER A 656 -0.64 -32.95 -13.02
C SER A 656 -0.88 -31.67 -12.23
N PRO A 657 -1.96 -30.95 -12.51
CA PRO A 657 -2.21 -29.69 -11.79
C PRO A 657 -2.24 -29.87 -10.28
N GLN A 658 -2.82 -30.97 -9.79
CA GLN A 658 -2.78 -31.24 -8.36
C GLN A 658 -1.36 -31.32 -7.86
N GLN A 659 -0.46 -31.94 -8.65
CA GLN A 659 0.93 -32.04 -8.23
C GLN A 659 1.62 -30.68 -8.28
N LYS A 660 1.25 -29.83 -9.24
CA LYS A 660 1.77 -28.46 -9.22
C LYS A 660 1.35 -27.74 -7.95
N LEU A 661 0.09 -27.88 -7.55
CA LEU A 661 -0.37 -27.24 -6.32
C LEU A 661 0.36 -27.81 -5.11
N ILE A 662 0.60 -29.12 -5.11
CA ILE A 662 1.33 -29.75 -4.00
C ILE A 662 2.75 -29.18 -3.92
N ILE A 663 3.40 -29.02 -5.07
CA ILE A 663 4.74 -28.46 -5.09
C ILE A 663 4.75 -27.05 -4.56
N VAL A 664 3.76 -26.24 -4.98
CA VAL A 664 3.68 -24.86 -4.51
C VAL A 664 3.50 -24.83 -3.00
N GLU A 665 2.60 -25.67 -2.48
CA GLU A 665 2.40 -25.72 -1.03
C GLU A 665 3.68 -26.13 -0.32
N GLY A 666 4.37 -27.15 -0.84
CA GLY A 666 5.60 -27.59 -0.20
C GLY A 666 6.64 -26.47 -0.17
N CYS A 667 6.73 -25.71 -1.26
CA CYS A 667 7.63 -24.56 -1.26
C CYS A 667 7.21 -23.53 -0.23
N GLN A 668 5.90 -23.29 -0.09
CA GLN A 668 5.43 -22.29 0.86
C GLN A 668 5.63 -22.75 2.30
N ARG A 669 5.76 -24.05 2.54
CA ARG A 669 5.95 -24.54 3.90
C ARG A 669 7.34 -24.25 4.44
N GLN A 670 8.27 -23.79 3.59
CA GLN A 670 9.62 -23.46 4.02
C GLN A 670 9.75 -21.97 4.35
N ASP A 671 8.64 -21.30 4.65
CA ASP A 671 8.63 -19.88 4.93
C ASP A 671 9.26 -19.10 3.79
N ALA A 672 8.79 -19.38 2.58
CA ALA A 672 9.30 -18.75 1.36
C ALA A 672 8.13 -18.19 0.56
N ILE A 673 8.32 -17.01 -0.01
CA ILE A 673 7.33 -16.41 -0.88
C ILE A 673 7.56 -16.95 -2.29
N VAL A 674 6.58 -17.66 -2.83
CA VAL A 674 6.71 -18.31 -4.13
C VAL A 674 5.86 -17.58 -5.16
N ALA A 675 6.45 -17.40 -6.34
CA ALA A 675 5.76 -16.80 -7.48
C ALA A 675 5.69 -17.83 -8.60
N VAL A 676 4.50 -18.02 -9.15
CA VAL A 676 4.25 -19.03 -10.18
C VAL A 676 3.97 -18.32 -11.49
N THR A 677 4.65 -18.75 -12.55
CA THR A 677 4.44 -18.23 -13.90
C THR A 677 3.87 -19.35 -14.75
N GLY A 678 2.74 -19.09 -15.39
CA GLY A 678 2.11 -20.08 -16.26
C GLY A 678 1.23 -19.41 -17.28
N ASP A 679 0.79 -20.19 -18.27
CA ASP A 679 -0.07 -19.69 -19.33
C ASP A 679 -1.16 -20.69 -19.69
N GLY A 680 -1.37 -21.70 -18.86
CA GLY A 680 -2.29 -22.77 -19.19
C GLY A 680 -3.30 -23.00 -18.10
N VAL A 681 -4.36 -23.75 -18.46
CA VAL A 681 -5.39 -24.08 -17.50
C VAL A 681 -4.84 -24.90 -16.35
N ASN A 682 -3.92 -25.82 -16.63
CA ASN A 682 -3.36 -26.66 -15.58
C ASN A 682 -2.59 -25.84 -14.56
N ASP A 683 -2.22 -24.60 -14.91
CA ASP A 683 -1.52 -23.74 -13.98
C ASP A 683 -2.46 -22.93 -13.10
N SER A 684 -3.77 -22.99 -13.33
CA SER A 684 -4.70 -22.20 -12.54
C SER A 684 -4.63 -22.49 -11.05
N PRO A 685 -4.67 -23.74 -10.59
CA PRO A 685 -4.54 -23.99 -9.15
C PRO A 685 -3.26 -23.44 -8.57
N ALA A 686 -2.14 -23.64 -9.25
CA ALA A 686 -0.86 -23.12 -8.75
C ALA A 686 -0.86 -21.60 -8.76
N LEU A 687 -1.41 -20.98 -9.81
CA LEU A 687 -1.46 -19.53 -9.88
C LEU A 687 -2.27 -18.96 -8.72
N LYS A 688 -3.41 -19.59 -8.41
CA LYS A 688 -4.20 -19.13 -7.28
C LYS A 688 -3.45 -19.32 -5.96
N LYS A 689 -2.86 -20.50 -5.77
CA LYS A 689 -2.21 -20.81 -4.50
C LYS A 689 -0.98 -19.93 -4.27
N ALA A 690 -0.20 -19.66 -5.32
CA ALA A 690 1.05 -18.92 -5.14
C ALA A 690 0.78 -17.52 -4.62
N ASP A 691 1.77 -16.97 -3.92
CA ASP A 691 1.63 -15.62 -3.38
C ASP A 691 1.36 -14.61 -4.49
N ILE A 692 2.13 -14.70 -5.58
CA ILE A 692 1.91 -13.89 -6.77
C ILE A 692 1.93 -14.83 -7.97
N GLY A 693 0.90 -14.73 -8.81
CA GLY A 693 0.84 -15.54 -10.02
C GLY A 693 0.93 -14.72 -11.27
N ILE A 694 1.98 -14.93 -12.06
CA ILE A 694 2.18 -14.21 -13.31
C ILE A 694 1.76 -15.12 -14.46
N ALA A 695 0.88 -14.61 -15.32
CA ALA A 695 0.41 -15.34 -16.47
C ALA A 695 0.86 -14.66 -17.76
N MET A 696 1.27 -15.47 -18.73
CA MET A 696 1.74 -14.94 -19.99
C MET A 696 0.58 -14.33 -20.77
N GLY A 697 0.80 -13.15 -21.33
CA GLY A 697 -0.26 -12.41 -21.98
C GLY A 697 -0.76 -13.00 -23.27
N ILE A 698 0.08 -13.01 -24.30
CA ILE A 698 -0.35 -13.44 -25.63
C ILE A 698 -0.65 -14.94 -25.63
N ALA A 699 0.27 -15.73 -25.09
CA ALA A 699 0.14 -17.19 -25.12
C ALA A 699 -0.74 -17.73 -23.99
N GLY A 700 -1.05 -16.93 -22.98
CA GLY A 700 -1.81 -17.43 -21.85
C GLY A 700 -3.27 -17.64 -22.18
N SER A 701 -3.85 -18.66 -21.55
CA SER A 701 -5.27 -18.92 -21.68
C SER A 701 -6.07 -18.00 -20.78
N ASP A 702 -7.37 -17.92 -21.06
CA ASP A 702 -8.22 -17.03 -20.26
C ASP A 702 -8.21 -17.43 -18.79
N ALA A 703 -8.21 -18.73 -18.51
CA ALA A 703 -8.17 -19.17 -17.12
C ALA A 703 -6.92 -18.69 -16.41
N ALA A 704 -5.77 -18.80 -17.07
CA ALA A 704 -4.52 -18.35 -16.45
C ALA A 704 -4.57 -16.85 -16.14
N LYS A 705 -5.06 -16.05 -17.09
CA LYS A 705 -5.15 -14.62 -16.86
C LYS A 705 -6.11 -14.29 -15.72
N ASN A 706 -7.26 -14.98 -15.69
CA ASN A 706 -8.24 -14.71 -14.65
C ASN A 706 -7.74 -15.11 -13.28
N ALA A 707 -6.92 -16.16 -13.20
CA ALA A 707 -6.39 -16.64 -11.94
C ALA A 707 -5.01 -16.08 -11.61
N ALA A 708 -4.55 -15.10 -12.38
CA ALA A 708 -3.20 -14.55 -12.25
C ALA A 708 -3.27 -13.15 -11.67
N ASP A 709 -2.39 -12.86 -10.71
CA ASP A 709 -2.31 -11.53 -10.15
C ASP A 709 -1.66 -10.54 -11.10
N MET A 710 -0.77 -10.99 -11.97
CA MET A 710 -0.05 -10.14 -12.91
C MET A 710 -0.09 -10.79 -14.29
N VAL A 711 -0.13 -9.96 -15.32
CA VAL A 711 -0.19 -10.44 -16.70
C VAL A 711 0.89 -9.72 -17.51
N LEU A 712 1.65 -10.49 -18.27
CA LEU A 712 2.69 -9.93 -19.14
C LEU A 712 2.11 -9.81 -20.55
N LEU A 713 1.66 -8.60 -20.90
CA LEU A 713 1.00 -8.40 -22.18
C LEU A 713 1.94 -8.67 -23.35
N ASP A 714 3.20 -8.26 -23.23
CA ASP A 714 4.16 -8.42 -24.32
C ASP A 714 4.91 -9.74 -24.27
N ASP A 715 4.70 -10.55 -23.23
CA ASP A 715 5.36 -11.86 -23.13
C ASP A 715 6.87 -11.74 -23.10
N ASN A 716 7.38 -10.79 -22.32
CA ASN A 716 8.82 -10.63 -22.12
C ASN A 716 9.14 -11.04 -20.68
N PHE A 717 10.15 -11.88 -20.52
CA PHE A 717 10.47 -12.41 -19.20
C PHE A 717 11.31 -11.44 -18.37
N ALA A 718 11.90 -10.42 -18.97
CA ALA A 718 12.63 -9.42 -18.20
C ALA A 718 11.70 -8.60 -17.30
N SER A 719 10.40 -8.62 -17.58
CA SER A 719 9.47 -7.96 -16.68
C SER A 719 9.53 -8.57 -15.28
N ILE A 720 9.95 -9.83 -15.16
CA ILE A 720 10.08 -10.44 -13.85
C ILE A 720 11.17 -9.76 -13.03
N VAL A 721 12.34 -9.57 -13.63
CA VAL A 721 13.43 -8.90 -12.92
C VAL A 721 13.07 -7.44 -12.66
N THR A 722 12.42 -6.79 -13.62
CA THR A 722 11.98 -5.42 -13.41
C THR A 722 11.03 -5.33 -12.22
N GLY A 723 10.08 -6.27 -12.13
CA GLY A 723 9.17 -6.28 -11.00
C GLY A 723 9.86 -6.59 -9.69
N VAL A 724 10.88 -7.44 -9.71
CA VAL A 724 11.65 -7.72 -8.49
C VAL A 724 12.30 -6.43 -7.99
N GLU A 725 12.96 -5.71 -8.90
CA GLU A 725 13.59 -4.45 -8.51
C GLU A 725 12.55 -3.46 -7.98
N GLU A 726 11.42 -3.35 -8.68
CA GLU A 726 10.38 -2.42 -8.24
C GLU A 726 9.86 -2.78 -6.87
N GLY A 727 9.67 -4.08 -6.61
CA GLY A 727 9.16 -4.49 -5.32
C GLY A 727 10.13 -4.18 -4.19
N ARG A 728 11.42 -4.45 -4.41
CA ARG A 728 12.39 -4.14 -3.36
C ARG A 728 12.46 -2.64 -3.10
N LEU A 729 12.45 -1.84 -4.17
CA LEU A 729 12.46 -0.39 -4.01
C LEU A 729 11.22 0.09 -3.26
N ILE A 730 10.06 -0.48 -3.58
CA ILE A 730 8.83 -0.11 -2.91
C ILE A 730 8.90 -0.46 -1.44
N PHE A 731 9.48 -1.61 -1.11
CA PHE A 731 9.63 -1.98 0.30
C PHE A 731 10.46 -0.94 1.04
N ASP A 732 11.60 -0.56 0.48
CA ASP A 732 12.45 0.44 1.14
C ASP A 732 11.70 1.77 1.29
N ASN A 733 11.03 2.22 0.24
CA ASN A 733 10.34 3.50 0.31
C ASN A 733 9.19 3.46 1.30
N LEU A 734 8.51 2.31 1.44
CA LEU A 734 7.48 2.18 2.45
C LEU A 734 8.07 2.29 3.85
N LYS A 735 9.23 1.67 4.08
CA LYS A 735 9.90 1.86 5.37
C LYS A 735 10.12 3.34 5.64
N LYS A 736 10.65 4.06 4.66
CA LYS A 736 10.92 5.48 4.85
C LYS A 736 9.65 6.27 5.16
N THR A 737 8.58 6.01 4.40
CA THR A 737 7.33 6.74 4.60
C THR A 737 6.74 6.47 5.97
N ILE A 738 6.79 5.20 6.41
CA ILE A 738 6.25 4.85 7.72
C ILE A 738 7.01 5.57 8.81
N ALA A 739 8.33 5.59 8.72
CA ALA A 739 9.11 6.33 9.72
C ALA A 739 8.75 7.80 9.71
N TYR A 740 8.59 8.38 8.51
CA TYR A 740 8.28 9.80 8.41
C TYR A 740 6.96 10.12 9.11
N THR A 741 5.94 9.29 8.91
CA THR A 741 4.65 9.55 9.54
C THR A 741 4.72 9.36 11.05
N LEU A 742 5.42 8.31 11.51
CA LEU A 742 5.48 8.05 12.95
C LEU A 742 6.18 9.18 13.70
N THR A 743 7.19 9.80 13.07
CA THR A 743 7.87 10.91 13.73
C THR A 743 6.89 12.01 14.11
N SER A 744 6.08 12.47 13.14
CA SER A 744 5.10 13.50 13.42
C SER A 744 4.03 13.01 14.39
N ASN A 745 3.68 11.73 14.34
CA ASN A 745 2.74 11.21 15.34
C ASN A 745 3.24 11.47 16.75
N ILE A 746 4.48 11.10 17.04
CA ILE A 746 4.99 11.33 18.39
C ILE A 746 5.14 12.81 18.69
N ALA A 747 5.55 13.60 17.70
CA ALA A 747 5.67 15.04 17.91
C ALA A 747 4.35 15.63 18.36
N GLU A 748 3.25 15.22 17.72
CA GLU A 748 1.93 15.65 18.16
C GLU A 748 1.58 15.11 19.53
N LEU A 749 1.94 13.85 19.81
CA LEU A 749 1.51 13.22 21.06
C LEU A 749 2.09 13.92 22.28
N CYS A 750 3.38 14.24 22.25
CA CYS A 750 4.04 14.75 23.46
C CYS A 750 3.34 15.94 24.10
N PRO A 751 2.90 16.95 23.34
CA PRO A 751 2.31 18.14 23.99
C PRO A 751 1.12 17.82 24.89
N PHE A 752 0.28 16.86 24.51
CA PHE A 752 -0.88 16.55 25.35
C PHE A 752 -0.44 15.92 26.67
N LEU A 753 0.57 15.06 26.65
CA LEU A 753 1.10 14.51 27.89
C LEU A 753 1.63 15.62 28.78
N ILE A 754 2.38 16.56 28.20
CA ILE A 754 2.87 17.66 29.01
C ILE A 754 1.72 18.50 29.55
N TYR A 755 0.69 18.74 28.75
CA TYR A 755 -0.45 19.54 29.17
C TYR A 755 -1.14 18.90 30.37
N ILE A 756 -1.32 17.59 30.32
CA ILE A 756 -1.97 16.91 31.45
C ILE A 756 -1.07 16.91 32.68
N VAL A 757 0.23 16.64 32.51
CA VAL A 757 1.11 16.48 33.65
C VAL A 757 1.38 17.81 34.33
N ALA A 758 1.97 18.76 33.60
CA ALA A 758 2.39 20.02 34.18
C ALA A 758 1.27 21.06 34.23
N GLY A 759 0.11 20.78 33.64
CA GLY A 759 -0.99 21.73 33.69
C GLY A 759 -0.72 23.03 32.97
N LEU A 760 0.02 22.99 31.87
CA LEU A 760 0.23 24.16 31.05
C LEU A 760 -1.00 24.44 30.21
N PRO A 761 -1.14 25.68 29.71
CA PRO A 761 -2.20 25.94 28.73
C PRO A 761 -2.01 25.06 27.51
N LEU A 762 -3.13 24.61 26.93
CA LEU A 762 -3.08 23.62 25.86
C LEU A 762 -2.11 24.05 24.76
N PRO A 763 -0.96 23.37 24.65
CA PRO A 763 0.00 23.78 23.61
C PRO A 763 -0.52 23.65 22.20
N ILE A 764 -1.36 22.66 21.94
CA ILE A 764 -1.86 22.40 20.60
C ILE A 764 -3.21 21.70 20.68
N GLY A 765 -4.10 22.04 19.76
CA GLY A 765 -5.42 21.44 19.73
C GLY A 765 -5.49 20.20 18.87
N THR A 766 -6.56 19.43 19.07
CA THR A 766 -6.73 18.19 18.31
C THR A 766 -6.90 18.49 16.81
N ILE A 767 -7.65 19.53 16.47
CA ILE A 767 -7.85 19.86 15.07
C ILE A 767 -6.52 20.20 14.39
N THR A 768 -5.61 20.84 15.14
CA THR A 768 -4.31 21.16 14.56
C THR A 768 -3.54 19.90 14.18
N ILE A 769 -3.54 18.89 15.07
CA ILE A 769 -2.84 17.66 14.73
C ILE A 769 -3.54 16.92 13.60
N LEU A 770 -4.88 17.01 13.54
CA LEU A 770 -5.58 16.43 12.39
C LEU A 770 -5.14 17.10 11.09
N PHE A 771 -4.99 18.42 11.11
CA PHE A 771 -4.48 19.12 9.93
C PHE A 771 -3.06 18.71 9.61
N ILE A 772 -2.21 18.51 10.61
CA ILE A 772 -0.86 18.03 10.36
C ILE A 772 -0.91 16.68 9.65
N ASP A 773 -1.74 15.76 10.14
CA ASP A 773 -1.79 14.42 9.56
C ASP A 773 -2.32 14.45 8.14
N LEU A 774 -3.46 15.11 7.92
CA LEU A 774 -4.14 15.03 6.63
C LEU A 774 -3.72 16.14 5.66
N GLY A 775 -2.80 17.01 6.07
CA GLY A 775 -2.37 18.12 5.24
C GLY A 775 -0.93 18.01 4.79
N THR A 776 -0.05 18.69 5.51
CA THR A 776 1.34 18.83 5.10
C THR A 776 2.06 17.50 4.94
N ASP A 777 1.57 16.43 5.55
CA ASP A 777 2.28 15.15 5.53
C ASP A 777 1.85 14.23 4.39
N ILE A 778 0.94 14.68 3.52
CA ILE A 778 0.49 13.84 2.41
C ILE A 778 1.50 13.87 1.28
N ILE A 779 1.74 15.05 0.71
CA ILE A 779 2.64 15.16 -0.43
C ILE A 779 4.05 14.69 -0.08
N PRO A 780 4.64 15.06 1.06
CA PRO A 780 5.96 14.49 1.40
C PRO A 780 5.96 12.99 1.51
N SER A 781 4.90 12.41 2.08
CA SER A 781 4.83 10.96 2.19
C SER A 781 4.79 10.30 0.82
N ILE A 782 4.03 10.89 -0.12
CA ILE A 782 4.02 10.35 -1.47
C ILE A 782 5.38 10.55 -2.14
N ALA A 783 6.03 11.68 -1.90
CA ALA A 783 7.31 11.97 -2.53
C ALA A 783 8.38 11.00 -2.08
N LEU A 784 8.34 10.58 -0.81
CA LEU A 784 9.35 9.63 -0.34
C LEU A 784 9.32 8.32 -1.13
N ALA A 785 8.20 8.02 -1.80
CA ALA A 785 8.11 6.79 -2.58
C ALA A 785 8.86 6.86 -3.90
N TYR A 786 9.35 8.03 -4.29
CA TYR A 786 10.06 8.22 -5.54
C TYR A 786 11.57 8.10 -5.38
N GLU A 787 12.05 7.77 -4.19
CA GLU A 787 13.49 7.74 -3.93
C GLU A 787 14.15 6.63 -4.74
N LYS A 788 15.32 6.93 -5.28
CA LYS A 788 16.10 5.93 -6.00
C LYS A 788 16.80 5.00 -5.01
N ALA A 789 17.29 3.87 -5.54
CA ALA A 789 17.97 2.89 -4.70
C ALA A 789 19.30 3.44 -4.23
N GLU A 790 19.60 3.26 -2.94
CA GLU A 790 20.87 3.72 -2.40
C GLU A 790 22.01 2.81 -2.82
N SER A 791 21.77 1.49 -2.83
CA SER A 791 22.77 0.52 -3.23
C SER A 791 22.21 -0.38 -4.32
N ASP A 792 22.98 -1.40 -4.67
CA ASP A 792 22.55 -2.36 -5.69
C ASP A 792 21.47 -3.26 -5.12
N ILE A 793 20.24 -3.10 -5.61
CA ILE A 793 19.10 -3.85 -5.07
C ILE A 793 19.27 -5.34 -5.34
N MET A 794 19.69 -5.69 -6.56
CA MET A 794 19.78 -7.10 -6.94
C MET A 794 20.80 -7.86 -6.08
N ASN A 795 21.93 -7.23 -5.75
CA ASN A 795 22.96 -7.93 -5.02
C ASN A 795 22.43 -8.53 -3.72
N ARG A 796 21.52 -7.84 -3.04
CA ARG A 796 20.98 -8.35 -1.79
C ARG A 796 20.13 -9.60 -2.04
N LYS A 797 20.15 -10.52 -1.09
CA LYS A 797 19.30 -11.70 -1.15
C LYS A 797 17.86 -11.35 -0.78
N PRO A 798 16.91 -12.19 -1.16
CA PRO A 798 15.52 -11.93 -0.78
C PRO A 798 15.37 -11.88 0.74
N ARG A 799 14.51 -10.98 1.20
CA ARG A 799 14.35 -10.80 2.64
C ARG A 799 13.48 -11.91 3.22
N HIS A 800 13.92 -12.46 4.34
CA HIS A 800 13.17 -13.51 5.01
C HIS A 800 11.83 -12.96 5.49
N LYS A 801 10.76 -13.70 5.25
CA LYS A 801 9.43 -13.21 5.61
C LYS A 801 9.28 -13.07 7.12
N LYS A 802 9.85 -14.00 7.89
CA LYS A 802 9.68 -13.97 9.34
C LYS A 802 10.69 -13.04 9.99
N LYS A 803 11.98 -13.27 9.74
CA LYS A 803 13.02 -12.49 10.42
C LYS A 803 12.95 -11.02 10.05
N ASP A 804 12.70 -10.72 8.78
CA ASP A 804 12.67 -9.34 8.32
C ASP A 804 11.23 -8.87 8.17
N ARG A 805 10.88 -7.81 8.91
CA ARG A 805 9.55 -7.24 8.88
C ARG A 805 9.60 -5.84 8.28
N LEU A 806 8.47 -5.40 7.72
CA LEU A 806 8.41 -4.06 7.18
C LEU A 806 8.65 -3.01 8.25
N VAL A 807 8.04 -3.18 9.43
CA VAL A 807 8.24 -2.30 10.56
C VAL A 807 8.84 -3.11 11.69
N ASN A 808 10.11 -2.85 12.00
CA ASN A 808 10.82 -3.56 13.05
C ASN A 808 10.97 -2.67 14.28
N THR A 809 11.53 -3.25 15.34
CA THR A 809 11.66 -2.52 16.59
C THR A 809 12.56 -1.29 16.44
N GLN A 810 13.65 -1.41 15.68
CA GLN A 810 14.56 -0.28 15.53
C GLN A 810 13.87 0.91 14.87
N LEU A 811 13.07 0.67 13.83
CA LEU A 811 12.38 1.76 13.16
C LEU A 811 11.45 2.49 14.12
N ALA A 812 10.64 1.72 14.87
CA ALA A 812 9.71 2.34 15.81
C ALA A 812 10.44 3.11 16.90
N ILE A 813 11.52 2.53 17.43
CA ILE A 813 12.28 3.21 18.48
C ILE A 813 12.87 4.51 17.95
N TYR A 814 13.46 4.48 16.76
CA TYR A 814 14.06 5.68 16.21
C TYR A 814 13.02 6.76 15.94
N SER A 815 11.88 6.37 15.34
CA SER A 815 10.88 7.37 14.97
C SER A 815 10.20 7.95 16.21
N TYR A 816 9.90 7.10 17.19
CA TYR A 816 9.12 7.53 18.34
C TYR A 816 9.97 8.29 19.35
N LEU A 817 11.10 7.71 19.76
CA LEU A 817 11.90 8.33 20.81
C LEU A 817 12.90 9.34 20.24
N HIS A 818 13.73 8.91 19.29
CA HIS A 818 14.81 9.74 18.80
C HIS A 818 14.33 11.03 18.15
N ILE A 819 13.58 10.91 17.05
CA ILE A 819 13.27 12.10 16.27
C ILE A 819 11.99 12.77 16.73
N GLY A 820 11.05 12.01 17.30
CA GLY A 820 9.82 12.62 17.78
C GLY A 820 10.07 13.61 18.90
N LEU A 821 10.91 13.23 19.86
CA LEU A 821 11.19 14.11 20.99
C LEU A 821 11.88 15.40 20.56
N MET A 822 12.76 15.33 19.56
CA MET A 822 13.41 16.55 19.08
C MET A 822 12.38 17.54 18.55
N GLN A 823 11.44 17.06 17.74
CA GLN A 823 10.39 17.93 17.24
C GLN A 823 9.51 18.46 18.36
N ALA A 824 9.19 17.62 19.34
CA ALA A 824 8.42 18.10 20.49
C ALA A 824 9.15 19.22 21.21
N LEU A 825 10.46 19.06 21.41
CA LEU A 825 11.24 20.09 22.09
C LEU A 825 11.27 21.38 21.28
N GLY A 826 11.46 21.29 19.96
CA GLY A 826 11.42 22.49 19.14
C GLY A 826 10.08 23.20 19.21
N GLY A 827 8.99 22.44 19.12
CA GLY A 827 7.67 23.03 19.25
C GLY A 827 7.47 23.70 20.59
N PHE A 828 7.95 23.06 21.66
CA PHE A 828 7.81 23.67 22.98
C PHE A 828 8.64 24.95 23.10
N LEU A 829 9.82 24.99 22.47
CA LEU A 829 10.59 26.22 22.47
C LEU A 829 9.81 27.34 21.79
N VAL A 830 9.20 27.04 20.64
CA VAL A 830 8.41 28.06 19.96
C VAL A 830 7.22 28.49 20.81
N TYR A 831 6.57 27.51 21.47
CA TYR A 831 5.42 27.81 22.31
C TYR A 831 5.80 28.75 23.46
N PHE A 832 6.91 28.44 24.13
CA PHE A 832 7.36 29.30 25.23
C PHE A 832 7.76 30.68 24.72
N THR A 833 8.38 30.75 23.54
CA THR A 833 8.70 32.07 22.99
C THR A 833 7.43 32.87 22.73
N VAL A 834 6.41 32.22 22.18
CA VAL A 834 5.16 32.91 21.89
C VAL A 834 4.54 33.44 23.18
N TYR A 835 4.50 32.61 24.21
CA TYR A 835 3.84 33.00 25.45
C TYR A 835 4.62 34.07 26.19
N ALA A 836 5.95 33.94 26.26
CA ALA A 836 6.76 34.86 27.06
C ALA A 836 6.66 36.29 26.54
N GLN A 837 6.71 36.47 25.22
CA GLN A 837 6.73 37.81 24.67
C GLN A 837 5.44 38.57 24.97
N GLN A 838 4.37 37.86 25.30
CA GLN A 838 3.10 38.51 25.62
C GLN A 838 2.93 38.77 27.10
N GLY A 839 3.90 38.41 27.93
CA GLY A 839 3.85 38.69 29.35
C GLY A 839 3.69 37.49 30.26
N PHE A 840 3.73 36.27 29.71
CA PHE A 840 3.61 35.05 30.50
C PHE A 840 4.93 34.31 30.44
N TRP A 841 5.70 34.35 31.53
CA TRP A 841 6.98 33.68 31.58
C TRP A 841 6.77 32.18 31.77
N PRO A 842 7.73 31.36 31.33
CA PRO A 842 7.52 29.90 31.37
C PRO A 842 7.20 29.38 32.76
N THR A 843 7.84 29.90 33.81
CA THR A 843 7.57 29.41 35.15
C THR A 843 6.19 29.77 35.64
N SER A 844 5.57 30.82 35.09
CA SER A 844 4.24 31.20 35.53
C SER A 844 3.16 30.34 34.90
N LEU A 845 3.52 29.55 33.88
CA LEU A 845 2.53 28.71 33.20
C LEU A 845 2.31 27.37 33.89
N ILE A 846 3.07 27.06 34.94
CA ILE A 846 2.94 25.77 35.60
C ILE A 846 1.64 25.75 36.40
N ASN A 847 0.83 24.71 36.20
CA ASN A 847 -0.42 24.53 36.93
C ASN A 847 -1.37 25.71 36.72
N LEU A 848 -1.29 26.36 35.56
CA LEU A 848 -2.11 27.53 35.27
C LEU A 848 -3.29 27.20 34.37
N ARG A 849 -3.43 25.96 33.92
CA ARG A 849 -4.51 25.63 32.99
C ARG A 849 -5.88 25.79 33.64
N VAL A 850 -6.03 25.40 34.90
CA VAL A 850 -7.32 25.42 35.57
C VAL A 850 -7.87 26.85 35.60
N ALA A 851 -7.04 27.79 36.05
CA ALA A 851 -7.46 29.19 36.07
C ALA A 851 -7.51 29.77 34.67
N TRP A 852 -6.64 29.30 33.79
CA TRP A 852 -6.61 29.80 32.41
C TRP A 852 -7.94 29.54 31.71
N GLU A 853 -8.50 28.35 31.89
CA GLU A 853 -9.70 27.96 31.17
C GLU A 853 -10.99 28.42 31.84
N THR A 854 -10.90 28.94 33.06
CA THR A 854 -12.09 29.37 33.78
C THR A 854 -12.72 30.56 33.07
N ASP A 855 -13.87 30.35 32.44
CA ASP A 855 -14.54 31.43 31.73
C ASP A 855 -15.00 32.55 32.66
N ASP A 856 -15.23 32.24 33.94
CA ASP A 856 -15.69 33.25 34.88
C ASP A 856 -14.62 34.31 35.10
N ILE A 857 -13.36 33.88 35.20
CA ILE A 857 -12.27 34.82 35.48
C ILE A 857 -11.97 35.64 34.24
N ASN A 858 -11.99 36.96 34.39
CA ASN A 858 -11.69 37.87 33.28
C ASN A 858 -10.58 38.86 33.65
N ASP A 859 -9.87 38.61 34.74
CA ASP A 859 -8.80 39.51 35.18
C ASP A 859 -7.60 38.69 35.66
N LEU A 860 -7.25 37.65 34.91
CA LEU A 860 -6.10 36.83 35.27
C LEU A 860 -4.82 37.66 35.13
N GLU A 861 -3.94 37.56 36.11
CA GLU A 861 -2.74 38.37 36.14
C GLU A 861 -1.55 37.61 35.58
N ASP A 862 -0.79 38.28 34.72
CA ASP A 862 0.39 37.70 34.10
C ASP A 862 1.64 38.08 34.89
N SER A 863 2.81 37.78 34.33
CA SER A 863 4.06 38.00 35.05
C SER A 863 4.35 39.48 35.27
N TYR A 864 3.83 40.36 34.43
CA TYR A 864 4.03 41.79 34.58
C TYR A 864 2.91 42.47 35.36
N GLY A 865 1.98 41.70 35.91
CA GLY A 865 0.88 42.26 36.66
C GLY A 865 -0.32 42.67 35.84
N GLN A 866 -0.23 42.59 34.51
CA GLN A 866 -1.36 42.95 33.66
C GLN A 866 -2.48 41.93 33.82
N GLU A 867 -3.70 42.37 33.56
CA GLU A 867 -4.88 41.50 33.68
C GLU A 867 -5.41 41.14 32.30
N TRP A 868 -5.74 39.87 32.11
CA TRP A 868 -6.18 39.34 30.84
C TRP A 868 -7.63 38.91 30.93
N THR A 869 -8.43 39.27 29.93
CA THR A 869 -9.78 38.76 29.83
C THR A 869 -9.77 37.32 29.31
N ARG A 870 -10.91 36.65 29.44
CA ARG A 870 -10.99 35.26 29.02
C ARG A 870 -10.70 35.12 27.54
N TYR A 871 -11.30 35.99 26.72
CA TYR A 871 -11.13 35.85 25.27
C TYR A 871 -9.68 36.08 24.86
N GLN A 872 -9.01 37.06 25.48
CA GLN A 872 -7.62 37.32 25.13
C GLN A 872 -6.75 36.11 25.46
N ARG A 873 -7.04 35.45 26.58
CA ARG A 873 -6.27 34.27 26.95
C ARG A 873 -6.42 33.17 25.89
N LYS A 874 -7.64 32.94 25.43
CA LYS A 874 -7.85 31.88 24.43
C LYS A 874 -7.28 32.28 23.07
N TYR A 875 -7.29 33.57 22.74
CA TYR A 875 -6.61 33.99 21.51
C TYR A 875 -5.12 33.75 21.59
N LEU A 876 -4.51 34.05 22.74
CA LEU A 876 -3.09 33.74 22.92
C LEU A 876 -2.85 32.24 22.85
N GLU A 877 -3.78 31.45 23.38
CA GLU A 877 -3.66 30.00 23.30
C GLU A 877 -3.69 29.53 21.84
N TRP A 878 -4.59 30.10 21.04
CA TRP A 878 -4.65 29.75 19.63
C TRP A 878 -3.36 30.16 18.92
N THR A 879 -2.82 31.33 19.25
CA THR A 879 -1.56 31.74 18.64
C THR A 879 -0.44 30.77 18.99
N GLY A 880 -0.38 30.33 20.25
CA GLY A 880 0.62 29.36 20.64
C GLY A 880 0.44 28.03 19.91
N SER A 881 -0.81 27.59 19.76
CA SER A 881 -1.08 26.36 19.02
C SER A 881 -0.63 26.46 17.57
N THR A 882 -0.92 27.60 16.93
CA THR A 882 -0.48 27.80 15.56
C THR A 882 1.03 27.81 15.46
N ALA A 883 1.70 28.47 16.41
CA ALA A 883 3.16 28.46 16.41
C ALA A 883 3.70 27.05 16.56
N PHE A 884 3.09 26.26 17.44
CA PHE A 884 3.53 24.87 17.61
C PHE A 884 3.35 24.08 16.33
N PHE A 885 2.21 24.25 15.66
CA PHE A 885 1.96 23.55 14.40
C PHE A 885 3.00 23.95 13.35
N VAL A 886 3.30 25.24 13.26
CA VAL A 886 4.28 25.70 12.27
C VAL A 886 5.66 25.14 12.59
N ALA A 887 6.01 25.07 13.88
CA ALA A 887 7.29 24.48 14.25
C ALA A 887 7.34 23.01 13.88
N ILE A 888 6.24 22.30 14.09
CA ILE A 888 6.19 20.89 13.69
C ILE A 888 6.39 20.75 12.20
N MET A 889 5.75 21.60 11.41
CA MET A 889 5.93 21.54 9.95
C MET A 889 7.38 21.82 9.57
N ILE A 890 7.97 22.85 10.18
CA ILE A 890 9.35 23.22 9.85
C ILE A 890 10.29 22.07 10.14
N GLN A 891 10.12 21.44 11.30
CA GLN A 891 10.96 20.30 11.64
C GLN A 891 10.65 19.08 10.78
N GLN A 892 9.40 18.93 10.32
CA GLN A 892 9.08 17.83 9.43
C GLN A 892 9.75 18.00 8.08
N ILE A 893 10.04 19.23 7.67
CA ILE A 893 10.83 19.42 6.46
C ILE A 893 12.18 18.74 6.58
N ALA A 894 12.89 19.01 7.68
CA ALA A 894 14.18 18.36 7.89
C ALA A 894 14.02 16.87 8.12
N ASP A 895 12.91 16.47 8.73
CA ASP A 895 12.61 15.05 8.90
C ASP A 895 12.55 14.35 7.55
N LEU A 896 11.83 14.94 6.60
CA LEU A 896 11.77 14.38 5.25
C LEU A 896 13.14 14.36 4.60
N ILE A 897 13.90 15.45 4.73
CA ILE A 897 15.22 15.50 4.11
C ILE A 897 16.08 14.35 4.62
N ILE A 898 16.08 14.12 5.95
CA ILE A 898 16.89 13.04 6.50
C ILE A 898 16.33 11.68 6.11
N ARG A 899 15.01 11.54 6.08
CA ARG A 899 14.38 10.26 5.79
C ARG A 899 14.50 9.85 4.34
N LYS A 900 14.88 10.76 3.44
CA LYS A 900 14.97 10.37 2.03
C LYS A 900 16.08 9.34 1.79
N THR A 901 16.95 9.09 2.77
CA THR A 901 17.98 8.08 2.64
C THR A 901 18.19 7.40 3.98
N ARG A 902 18.46 6.10 3.95
CA ARG A 902 18.60 5.31 5.17
C ARG A 902 20.05 5.01 5.52
N ARG A 903 20.93 4.92 4.53
CA ARG A 903 22.34 4.69 4.81
C ARG A 903 23.24 5.74 4.18
N ASN A 904 22.95 6.20 2.97
CA ASN A 904 23.78 7.18 2.31
C ASN A 904 23.57 8.57 2.92
N SER A 905 24.58 9.42 2.76
CA SER A 905 24.49 10.81 3.17
C SER A 905 23.76 11.61 2.11
N ILE A 906 23.20 12.75 2.54
CA ILE A 906 22.47 13.60 1.60
C ILE A 906 23.40 14.10 0.50
N PHE A 907 24.69 14.25 0.80
CA PHE A 907 25.63 14.68 -0.23
C PHE A 907 25.77 13.64 -1.33
N GLN A 908 25.81 12.36 -0.95
CA GLN A 908 25.92 11.30 -1.96
C GLN A 908 24.64 11.16 -2.76
N GLN A 909 23.49 11.13 -2.08
CA GLN A 909 22.23 10.94 -2.77
C GLN A 909 21.84 12.12 -3.63
N GLY A 910 22.33 13.32 -3.31
CA GLY A 910 21.97 14.50 -4.06
C GLY A 910 20.70 15.14 -3.54
N LEU A 911 20.77 16.43 -3.20
CA LEU A 911 19.62 17.11 -2.60
C LEU A 911 18.50 17.29 -3.63
N PHE A 912 18.85 17.64 -4.86
CA PHE A 912 17.87 17.97 -5.88
C PHE A 912 17.64 16.82 -6.86
N ARG A 913 18.13 15.63 -6.55
CA ARG A 913 17.96 14.49 -7.44
C ARG A 913 16.48 14.17 -7.62
N ASN A 914 15.73 14.18 -6.53
CA ASN A 914 14.30 13.89 -6.55
C ASN A 914 13.52 15.20 -6.40
N LYS A 915 12.79 15.58 -7.45
CA LYS A 915 12.06 16.83 -7.42
C LYS A 915 10.74 16.73 -6.66
N VAL A 916 10.20 15.52 -6.49
CA VAL A 916 8.98 15.38 -5.72
C VAL A 916 9.21 15.76 -4.27
N ILE A 917 10.44 15.63 -3.78
CA ILE A 917 10.76 16.08 -2.43
C ILE A 917 10.53 17.58 -2.33
N TRP A 918 10.98 18.34 -3.31
CA TRP A 918 10.78 19.78 -3.28
C TRP A 918 9.33 20.15 -3.51
N VAL A 919 8.62 19.38 -4.33
CA VAL A 919 7.18 19.59 -4.44
C VAL A 919 6.51 19.41 -3.09
N GLY A 920 6.91 18.39 -2.33
CA GLY A 920 6.33 18.18 -1.02
C GLY A 920 6.68 19.28 -0.03
N ILE A 921 7.91 19.77 -0.08
CA ILE A 921 8.30 20.87 0.80
C ILE A 921 7.47 22.11 0.49
N ALA A 922 7.31 22.42 -0.81
CA ALA A 922 6.48 23.55 -1.19
C ALA A 922 5.05 23.35 -0.73
N SER A 923 4.52 22.12 -0.85
CA SER A 923 3.18 21.84 -0.38
C SER A 923 3.04 22.10 1.11
N GLN A 924 4.02 21.64 1.89
CA GLN A 924 3.99 21.89 3.33
C GLN A 924 3.95 23.38 3.63
N VAL A 925 4.84 24.14 2.99
CA VAL A 925 4.92 25.57 3.27
C VAL A 925 3.62 26.26 2.88
N ILE A 926 3.08 25.92 1.71
CA ILE A 926 1.85 26.57 1.24
C ILE A 926 0.69 26.23 2.15
N VAL A 927 0.58 24.97 2.57
CA VAL A 927 -0.50 24.58 3.47
C VAL A 927 -0.40 25.33 4.78
N ALA A 928 0.82 25.43 5.34
CA ALA A 928 1.00 26.16 6.58
C ALA A 928 0.62 27.63 6.43
N LEU A 929 1.07 28.26 5.34
CA LEU A 929 0.73 29.66 5.12
C LEU A 929 -0.77 29.85 5.00
N ILE A 930 -1.44 28.98 4.25
CA ILE A 930 -2.88 29.10 4.10
C ILE A 930 -3.56 28.97 5.44
N LEU A 931 -3.25 27.90 6.19
CA LEU A 931 -3.90 27.67 7.46
C LEU A 931 -3.63 28.79 8.46
N SER A 932 -2.47 29.43 8.36
CA SER A 932 -2.13 30.48 9.31
C SER A 932 -2.76 31.82 8.96
N TYR A 933 -2.84 32.15 7.66
CA TYR A 933 -3.27 33.48 7.27
C TYR A 933 -4.69 33.49 6.69
N GLY A 934 -4.96 32.67 5.68
CA GLY A 934 -6.29 32.66 5.12
C GLY A 934 -7.28 32.25 6.18
N LEU A 935 -7.18 31.00 6.63
CA LEU A 935 -7.81 30.60 7.87
C LEU A 935 -7.03 31.18 9.04
N GLY A 936 -7.74 31.72 10.01
CA GLY A 936 -7.06 32.39 11.11
C GLY A 936 -7.10 33.89 10.98
N SER A 937 -7.14 34.40 9.74
CA SER A 937 -7.45 35.81 9.54
C SER A 937 -8.75 36.17 10.23
N VAL A 938 -9.78 35.38 9.99
CA VAL A 938 -10.96 35.31 10.85
C VAL A 938 -10.77 34.11 11.77
N PRO A 939 -10.64 34.29 13.08
CA PRO A 939 -10.26 33.17 13.94
C PRO A 939 -11.21 31.99 13.77
N ALA A 940 -10.69 30.89 13.24
CA ALA A 940 -11.48 29.70 12.98
C ALA A 940 -10.60 28.47 13.13
N LEU A 941 -11.17 27.40 13.68
CA LEU A 941 -10.47 26.14 13.84
C LEU A 941 -9.18 26.32 14.64
N SER A 942 -9.21 27.23 15.61
CA SER A 942 -8.06 27.47 16.48
C SER A 942 -6.82 27.87 15.69
N PHE A 943 -7.00 28.72 14.68
CA PHE A 943 -5.89 29.23 13.88
C PHE A 943 -5.88 30.75 13.96
N THR A 944 -4.68 31.32 14.09
CA THR A 944 -4.52 32.76 14.16
C THR A 944 -3.26 33.16 13.40
N MET A 945 -3.26 34.41 12.92
CA MET A 945 -2.11 34.92 12.20
C MET A 945 -0.89 34.98 13.12
N LEU A 946 0.27 34.69 12.54
CA LEU A 946 1.51 34.60 13.29
C LEU A 946 2.46 35.72 12.88
N ARG A 947 3.24 36.20 13.85
CA ARG A 947 4.28 37.16 13.54
C ARG A 947 5.39 36.47 12.75
N VAL A 948 6.20 37.28 12.07
CA VAL A 948 7.22 36.73 11.18
C VAL A 948 8.20 35.87 11.95
N GLN A 949 8.66 36.34 13.11
CA GLN A 949 9.74 35.64 13.81
C GLN A 949 9.30 34.27 14.27
N TYR A 950 8.00 34.07 14.52
CA TYR A 950 7.54 32.77 15.01
C TYR A 950 7.68 31.68 13.96
N TRP A 951 7.90 32.04 12.70
CA TRP A 951 8.12 31.02 11.67
C TRP A 951 9.52 30.43 11.73
N PHE A 952 10.51 31.23 12.12
CA PHE A 952 11.91 30.83 12.05
C PHE A 952 12.49 30.42 13.41
N VAL A 953 11.67 30.37 14.46
CA VAL A 953 12.20 30.03 15.77
C VAL A 953 12.67 28.58 15.81
N ALA A 954 11.98 27.69 15.11
CA ALA A 954 12.28 26.26 15.17
C ALA A 954 13.31 25.80 14.16
N VAL A 955 13.86 26.72 13.35
CA VAL A 955 14.85 26.33 12.35
C VAL A 955 16.09 25.69 12.99
N PRO A 956 16.67 26.26 14.06
CA PRO A 956 17.85 25.63 14.65
C PRO A 956 17.60 24.19 15.08
N HIS A 957 16.40 23.88 15.57
CA HIS A 957 16.11 22.51 15.97
C HIS A 957 16.06 21.58 14.76
N ALA A 958 15.52 22.05 13.64
CA ALA A 958 15.55 21.26 12.42
C ALA A 958 16.99 21.02 11.98
N ILE A 959 17.84 22.05 12.06
CA ILE A 959 19.24 21.89 11.71
C ILE A 959 19.89 20.84 12.63
N LEU A 960 19.55 20.87 13.91
CA LEU A 960 20.11 19.90 14.84
C LEU A 960 19.65 18.49 14.50
N ILE A 961 18.38 18.33 14.13
CA ILE A 961 17.88 17.02 13.73
C ILE A 961 18.67 16.50 12.54
N TRP A 962 18.85 17.36 11.52
CA TRP A 962 19.59 16.94 10.34
C TRP A 962 21.02 16.57 10.69
N VAL A 963 21.67 17.36 11.53
CA VAL A 963 23.06 17.09 11.90
C VAL A 963 23.17 15.76 12.62
N TYR A 964 22.25 15.51 13.56
CA TYR A 964 22.29 14.27 14.32
C TYR A 964 22.09 13.06 13.40
N ASP A 965 21.10 13.14 12.51
CA ASP A 965 20.87 12.01 11.62
C ASP A 965 22.06 11.79 10.68
N GLU A 966 22.64 12.88 10.17
CA GLU A 966 23.80 12.74 9.29
C GLU A 966 24.97 12.10 10.02
N MET A 967 25.21 12.50 11.27
CA MET A 967 26.29 11.89 12.05
C MET A 967 26.02 10.41 12.29
N ARG A 968 24.77 10.06 12.61
CA ARG A 968 24.43 8.66 12.80
C ARG A 968 24.73 7.85 11.54
N LYS A 969 24.29 8.33 10.39
CA LYS A 969 24.50 7.59 9.16
C LYS A 969 25.97 7.52 8.79
N LEU A 970 26.72 8.60 9.06
CA LEU A 970 28.15 8.59 8.80
C LEU A 970 28.85 7.53 9.64
N PHE A 971 28.49 7.43 10.92
CA PHE A 971 29.13 6.43 11.77
C PHE A 971 28.67 5.01 11.40
N ILE A 972 27.44 4.87 10.91
CA ILE A 972 27.01 3.57 10.40
C ILE A 972 27.87 3.15 9.21
N ARG A 973 28.09 4.08 8.28
CA ARG A 973 28.91 3.77 7.11
C ARG A 973 30.35 3.46 7.51
N LEU A 974 30.91 4.24 8.43
CA LEU A 974 32.31 4.09 8.81
C LEU A 974 32.57 2.72 9.44
N TYR A 975 31.68 2.28 10.33
CA TYR A 975 31.92 1.08 11.11
C TYR A 975 30.77 0.09 10.93
N PRO A 976 30.80 -0.77 9.91
CA PRO A 976 29.74 -1.77 9.77
C PRO A 976 29.85 -2.85 10.82
N GLY A 977 28.70 -3.18 11.42
CA GLY A 977 28.65 -4.22 12.43
C GLY A 977 29.52 -3.95 13.64
N SER A 978 29.46 -2.73 14.17
CA SER A 978 30.28 -2.34 15.30
C SER A 978 29.42 -1.89 16.49
N TRP A 979 28.26 -2.52 16.67
CA TRP A 979 27.34 -2.19 17.72
C TRP A 979 26.61 -0.87 17.41
N TRP A 980 27.06 -0.19 16.37
CA TRP A 980 26.35 1.02 15.93
C TRP A 980 25.44 0.69 14.76
N ASP A 981 25.94 -0.12 13.82
CA ASP A 981 25.09 -0.62 12.75
C ASP A 981 23.99 -1.51 13.29
N LYS A 982 24.31 -2.37 14.26
CA LYS A 982 23.33 -3.29 14.81
C LYS A 982 22.17 -2.55 15.48
N ASN A 983 22.49 -1.55 16.30
CA ASN A 983 21.45 -0.85 17.06
C ASN A 983 20.90 0.34 16.30
N MET A 984 21.77 1.27 15.91
CA MET A 984 21.30 2.52 15.32
C MET A 984 20.61 2.30 13.98
N TYR A 985 21.16 1.42 13.15
CA TYR A 985 20.60 1.21 11.82
C TYR A 985 19.17 0.71 11.91
N TYR A 986 18.29 1.30 11.12
CA TYR A 986 16.89 0.88 11.06
C TYR A 986 16.47 0.60 9.63
N THR B 48 21.56 -8.95 26.66
CA THR B 48 22.47 -9.29 27.75
C THR B 48 22.65 -8.10 28.69
N GLY B 49 23.32 -8.33 29.82
CA GLY B 49 23.56 -7.25 30.76
C GLY B 49 24.46 -6.17 30.19
N GLY B 50 25.54 -6.56 29.52
CA GLY B 50 26.46 -5.58 28.97
C GLY B 50 25.80 -4.72 27.91
N SER B 51 25.08 -5.34 26.99
CA SER B 51 24.39 -4.58 25.95
C SER B 51 23.35 -3.66 26.56
N TRP B 52 22.62 -4.13 27.58
CA TRP B 52 21.67 -3.27 28.25
C TRP B 52 22.35 -2.07 28.88
N PHE B 53 23.50 -2.28 29.53
CA PHE B 53 24.23 -1.17 30.14
C PHE B 53 24.67 -0.17 29.07
N LYS B 54 25.21 -0.66 27.96
CA LYS B 54 25.66 0.24 26.91
C LYS B 54 24.50 1.05 26.34
N ILE B 55 23.36 0.41 26.09
CA ILE B 55 22.23 1.11 25.50
C ILE B 55 21.68 2.13 26.48
N LEU B 56 21.59 1.76 27.76
CA LEU B 56 21.10 2.70 28.76
C LEU B 56 22.02 3.91 28.87
N LEU B 57 23.34 3.66 28.85
CA LEU B 57 24.28 4.78 28.89
C LEU B 57 24.10 5.70 27.69
N PHE B 58 23.95 5.11 26.50
CA PHE B 58 23.76 5.93 25.31
C PHE B 58 22.51 6.77 25.42
N TYR B 59 21.40 6.17 25.87
CA TYR B 59 20.16 6.92 25.96
C TYR B 59 20.24 8.00 27.03
N VAL B 60 20.91 7.72 28.15
CA VAL B 60 21.09 8.76 29.18
C VAL B 60 21.86 9.93 28.60
N ILE B 61 22.95 9.66 27.90
CA ILE B 61 23.74 10.76 27.33
C ILE B 61 22.92 11.53 26.30
N PHE B 62 22.20 10.81 25.45
CA PHE B 62 21.42 11.45 24.38
C PHE B 62 20.35 12.37 24.96
N TYR B 63 19.62 11.88 25.97
CA TYR B 63 18.57 12.69 26.57
C TYR B 63 19.15 13.84 27.38
N GLY B 64 20.29 13.63 28.03
CA GLY B 64 20.95 14.74 28.70
C GLY B 64 21.34 15.84 27.73
N CYS B 65 21.89 15.46 26.59
CA CYS B 65 22.24 16.46 25.58
C CYS B 65 21.01 17.17 25.04
N LEU B 66 19.92 16.42 24.81
CA LEU B 66 18.70 17.05 24.33
C LEU B 66 18.17 18.06 25.34
N ALA B 67 18.14 17.68 26.62
CA ALA B 67 17.67 18.60 27.65
C ALA B 67 18.58 19.81 27.76
N GLY B 68 19.90 19.61 27.66
CA GLY B 68 20.80 20.74 27.69
C GLY B 68 20.57 21.71 26.54
N ILE B 69 20.37 21.19 25.34
CA ILE B 69 20.10 22.04 24.19
C ILE B 69 18.79 22.79 24.40
N PHE B 70 17.76 22.10 24.89
CA PHE B 70 16.47 22.76 25.09
C PHE B 70 16.59 23.89 26.10
N ILE B 71 17.23 23.65 27.24
CA ILE B 71 17.35 24.68 28.26
C ILE B 71 18.24 25.83 27.77
N GLY B 72 19.28 25.51 26.98
CA GLY B 72 20.12 26.57 26.43
C GLY B 72 19.34 27.47 25.50
N THR B 73 18.55 26.88 24.61
CA THR B 73 17.73 27.69 23.72
C THR B 73 16.71 28.51 24.50
N ILE B 74 16.12 27.93 25.54
CA ILE B 74 15.16 28.67 26.35
C ILE B 74 15.83 29.86 27.02
N GLN B 75 17.03 29.66 27.57
CA GLN B 75 17.73 30.77 28.21
C GLN B 75 18.11 31.84 27.20
N VAL B 76 18.54 31.43 26.01
CA VAL B 76 18.88 32.41 24.97
C VAL B 76 17.67 33.23 24.61
N MET B 77 16.51 32.58 24.46
CA MET B 77 15.28 33.32 24.18
C MET B 77 14.92 34.26 25.32
N LEU B 78 15.04 33.79 26.56
CA LEU B 78 14.66 34.62 27.70
C LEU B 78 15.57 35.83 27.85
N LEU B 79 16.82 35.72 27.41
CA LEU B 79 17.71 36.87 27.48
C LEU B 79 17.12 38.07 26.75
N THR B 80 16.40 37.82 25.65
CA THR B 80 15.83 38.92 24.88
C THR B 80 14.75 39.66 25.67
N ILE B 81 13.87 38.93 26.35
CA ILE B 81 12.76 39.59 27.05
C ILE B 81 13.30 40.38 28.24
N SER B 82 12.55 41.42 28.62
CA SER B 82 12.92 42.30 29.71
C SER B 82 11.94 42.13 30.85
N GLU B 83 12.46 42.08 32.08
CA GLU B 83 11.61 41.91 33.25
C GLU B 83 10.80 43.14 33.58
N LEU B 84 11.06 44.27 32.91
CA LEU B 84 10.35 45.50 33.25
C LEU B 84 9.05 45.63 32.46
N LYS B 85 9.11 45.49 31.15
CA LYS B 85 7.95 45.69 30.29
C LYS B 85 7.81 44.53 29.32
N PRO B 86 6.59 44.17 28.96
CA PRO B 86 6.40 43.10 27.97
C PRO B 86 6.87 43.54 26.60
N THR B 87 7.32 42.56 25.82
CA THR B 87 7.79 42.86 24.46
C THR B 87 6.64 43.36 23.59
N TYR B 88 5.48 42.73 23.69
CA TYR B 88 4.32 43.09 22.91
C TYR B 88 3.10 43.21 23.80
N GLN B 89 2.16 44.06 23.40
CA GLN B 89 0.87 44.20 24.07
C GLN B 89 -0.29 44.07 23.09
N ASP B 90 -0.17 43.15 22.14
CA ASP B 90 -1.21 42.97 21.13
C ASP B 90 -2.51 42.49 21.75
N ARG B 91 -2.42 41.47 22.61
CA ARG B 91 -3.63 40.85 23.15
C ARG B 91 -4.30 41.74 24.17
N VAL B 92 -3.52 42.34 25.08
CA VAL B 92 -4.09 43.09 26.19
C VAL B 92 -4.01 44.58 25.90
N ALA B 93 -3.90 44.95 24.63
CA ALA B 93 -3.75 46.36 24.27
C ALA B 93 -4.95 47.15 24.75
N PRO B 94 -6.15 46.90 24.24
CA PRO B 94 -7.34 47.60 24.76
C PRO B 94 -7.78 46.97 26.07
N PRO B 95 -7.67 47.69 27.17
CA PRO B 95 -7.97 47.09 28.48
C PRO B 95 -9.43 46.67 28.57
N GLY B 96 -9.66 45.55 29.26
CA GLY B 96 -11.01 45.10 29.49
C GLY B 96 -11.60 45.67 30.77
N LEU B 97 -12.91 45.62 30.86
CA LEU B 97 -13.65 46.10 32.02
C LEU B 97 -14.21 44.91 32.79
N THR B 98 -14.02 44.90 34.10
CA THR B 98 -14.43 43.77 34.93
C THR B 98 -15.05 44.28 36.22
N GLN B 99 -15.90 43.45 36.83
CA GLN B 99 -16.58 43.80 38.06
C GLN B 99 -15.95 43.07 39.24
N ILE B 100 -16.19 43.58 40.44
CA ILE B 100 -15.59 43.05 41.66
C ILE B 100 -16.29 41.79 42.13
N PRO B 101 -17.62 41.80 42.27
CA PRO B 101 -18.30 40.63 42.86
C PRO B 101 -17.92 39.30 42.23
N GLN B 102 -17.36 39.30 41.02
CA GLN B 102 -16.88 38.06 40.40
C GLN B 102 -17.98 37.00 40.41
N ILE B 103 -19.06 37.28 39.69
CA ILE B 103 -20.20 36.37 39.68
C ILE B 103 -19.99 35.27 38.65
N GLN B 104 -20.72 34.16 38.84
CA GLN B 104 -20.47 32.95 38.07
C GLN B 104 -20.72 33.13 36.58
N LYS B 105 -21.96 33.40 36.18
CA LYS B 105 -22.29 33.45 34.76
C LYS B 105 -22.91 34.79 34.40
N THR B 106 -22.32 35.87 34.89
CA THR B 106 -22.88 37.21 34.69
C THR B 106 -24.30 37.29 35.21
N GLU B 107 -24.57 36.54 36.28
CA GLU B 107 -25.87 36.51 36.93
C GLU B 107 -25.70 36.89 38.39
N ILE B 108 -26.52 37.82 38.86
CA ILE B 108 -26.54 38.20 40.27
C ILE B 108 -27.96 38.06 40.79
N SER B 109 -28.27 36.90 41.35
CA SER B 109 -29.59 36.61 41.88
C SER B 109 -29.47 36.33 43.37
N PHE B 110 -30.29 36.99 44.18
CA PHE B 110 -30.28 36.82 45.61
C PHE B 110 -31.61 37.30 46.19
N ARG B 111 -31.87 36.87 47.42
CA ARG B 111 -33.05 37.31 48.16
C ARG B 111 -32.60 38.09 49.38
N PRO B 112 -32.99 39.36 49.53
CA PRO B 112 -32.49 40.15 50.67
C PRO B 112 -32.82 39.54 52.02
N ASN B 113 -33.93 38.80 52.12
CA ASN B 113 -34.31 38.24 53.42
C ASN B 113 -33.28 37.24 53.92
N ASP B 114 -32.78 36.38 53.04
CA ASP B 114 -31.85 35.33 53.46
C ASP B 114 -30.42 35.79 53.29
N PRO B 115 -29.64 35.91 54.37
CA PRO B 115 -28.24 36.34 54.21
C PRO B 115 -27.43 35.44 53.31
N LYS B 116 -27.67 34.12 53.37
CA LYS B 116 -26.86 33.19 52.57
C LYS B 116 -26.98 33.49 51.08
N SER B 117 -28.06 34.14 50.66
CA SER B 117 -28.23 34.46 49.25
C SER B 117 -27.11 35.37 48.75
N TYR B 118 -26.77 36.40 49.53
CA TYR B 118 -25.77 37.38 49.14
C TYR B 118 -24.47 37.25 49.92
N GLU B 119 -24.32 36.20 50.74
CA GLU B 119 -23.11 36.05 51.52
C GLU B 119 -21.89 35.89 50.61
N ALA B 120 -22.02 35.12 49.53
CA ALA B 120 -20.89 34.94 48.62
C ALA B 120 -20.42 36.27 48.05
N TYR B 121 -21.37 37.06 47.53
CA TYR B 121 -21.01 38.35 46.95
C TYR B 121 -20.38 39.27 47.99
N VAL B 122 -20.98 39.32 49.19
CA VAL B 122 -20.46 40.23 50.21
C VAL B 122 -19.05 39.82 50.61
N LEU B 123 -18.82 38.52 50.80
CA LEU B 123 -17.49 38.04 51.18
C LEU B 123 -16.47 38.35 50.09
N ASN B 124 -16.83 38.14 48.83
CA ASN B 124 -15.89 38.42 47.75
C ASN B 124 -15.57 39.90 47.68
N ILE B 125 -16.58 40.75 47.83
CA ILE B 125 -16.36 42.19 47.78
C ILE B 125 -15.45 42.62 48.92
N ILE B 126 -15.68 42.08 50.11
CA ILE B 126 -14.83 42.41 51.26
C ILE B 126 -13.40 41.95 51.00
N ARG B 127 -13.25 40.75 50.45
CA ARG B 127 -11.91 40.23 50.16
C ARG B 127 -11.18 41.16 49.20
N PHE B 128 -11.87 41.63 48.17
CA PHE B 128 -11.23 42.55 47.24
C PHE B 128 -10.88 43.87 47.92
N LEU B 129 -11.83 44.46 48.64
CA LEU B 129 -11.65 45.79 49.21
C LEU B 129 -10.74 45.80 50.42
N GLU B 130 -10.34 44.64 50.93
CA GLU B 130 -9.48 44.60 52.10
C GLU B 130 -8.25 45.49 51.93
N LYS B 131 -7.59 45.41 50.78
CA LYS B 131 -6.35 46.14 50.58
C LYS B 131 -6.56 47.63 50.38
N TYR B 132 -7.80 48.09 50.22
CA TYR B 132 -8.08 49.51 50.01
C TYR B 132 -8.32 50.26 51.30
N LYS B 133 -8.28 49.60 52.45
CA LYS B 133 -8.50 50.28 53.72
C LYS B 133 -7.39 51.29 53.98
N ASP B 134 -7.74 52.35 54.71
CA ASP B 134 -6.77 53.38 55.04
C ASP B 134 -5.61 52.84 55.87
N SER B 135 -5.85 51.78 56.66
CA SER B 135 -4.77 51.20 57.45
C SER B 135 -3.67 50.65 56.56
N ALA B 136 -4.04 50.03 55.44
CA ALA B 136 -3.05 49.45 54.53
C ALA B 136 -2.20 50.51 53.86
N GLN B 137 -2.65 51.77 53.83
CA GLN B 137 -1.91 52.84 53.18
C GLN B 137 -1.28 53.80 54.18
N LYS B 138 -1.15 53.39 55.44
CA LYS B 138 -0.56 54.27 56.44
C LYS B 138 0.89 54.61 56.13
N ASP B 139 1.60 53.71 55.44
CA ASP B 139 3.00 53.94 55.12
C ASP B 139 3.13 55.01 54.05
N ASP B 140 3.86 56.07 54.34
CA ASP B 140 4.10 57.13 53.38
C ASP B 140 5.36 56.90 52.55
N MET B 141 6.16 55.89 52.88
CA MET B 141 7.36 55.62 52.11
C MET B 141 7.04 55.21 50.68
N ILE B 142 5.87 54.61 50.46
CA ILE B 142 5.47 54.19 49.12
C ILE B 142 4.13 54.77 48.69
N PHE B 143 3.28 55.21 49.62
CA PHE B 143 2.00 55.81 49.28
C PHE B 143 2.10 57.33 49.43
N GLU B 144 1.61 58.05 48.42
CA GLU B 144 1.62 59.50 48.43
C GLU B 144 0.20 60.03 48.27
N ASP B 145 -0.12 61.06 49.06
CA ASP B 145 -1.44 61.67 49.04
C ASP B 145 -1.54 62.55 47.80
N CYS B 146 -1.99 61.96 46.70
CA CYS B 146 -2.14 62.70 45.45
C CYS B 146 -3.38 63.58 45.51
N GLY B 147 -3.60 64.35 44.45
CA GLY B 147 -4.72 65.29 44.45
C GLY B 147 -6.04 64.58 44.65
N SER B 148 -6.89 65.17 45.50
CA SER B 148 -8.22 64.63 45.72
C SER B 148 -9.15 64.89 44.54
N MET B 149 -8.76 65.75 43.61
CA MET B 149 -9.47 66.10 42.39
C MET B 149 -8.75 65.51 41.18
N PRO B 150 -9.46 65.03 40.17
CA PRO B 150 -8.78 64.38 39.05
C PRO B 150 -7.77 65.31 38.39
N SER B 151 -6.63 64.75 38.02
CA SER B 151 -5.52 65.49 37.43
C SER B 151 -4.96 64.71 36.24
N GLU B 152 -4.05 65.36 35.52
CA GLU B 152 -3.46 64.73 34.34
C GLU B 152 -2.61 63.53 34.77
N PRO B 153 -2.49 62.53 33.91
CA PRO B 153 -1.63 61.38 34.24
C PRO B 153 -0.21 61.86 34.51
N LYS B 154 0.40 61.31 35.55
CA LYS B 154 1.71 61.75 36.01
C LYS B 154 2.74 60.68 35.69
N GLU B 155 3.63 60.98 34.74
CA GLU B 155 4.72 60.08 34.40
C GLU B 155 5.70 60.04 35.56
N ARG B 156 5.95 58.84 36.09
CA ARG B 156 6.79 58.68 37.26
C ARG B 156 8.19 58.18 36.91
N GLY B 157 8.59 58.27 35.66
CA GLY B 157 9.90 57.85 35.21
C GLY B 157 9.79 56.97 33.98
N GLU B 158 10.91 56.34 33.63
CA GLU B 158 10.97 55.42 32.51
C GLU B 158 11.02 53.98 33.05
N PHE B 159 11.03 53.01 32.14
CA PHE B 159 11.05 51.59 32.51
C PHE B 159 12.50 51.12 32.60
N ASN B 160 13.18 51.55 33.66
CA ASN B 160 14.54 51.14 33.94
C ASN B 160 14.69 50.78 35.41
N HIS B 161 15.65 49.91 35.69
CA HIS B 161 15.89 49.48 37.07
C HIS B 161 16.32 50.62 37.97
N GLU B 162 16.80 51.72 37.41
CA GLU B 162 17.18 52.88 38.20
C GLU B 162 15.94 53.57 38.75
N ARG B 163 16.15 54.42 39.76
CA ARG B 163 15.07 55.11 40.46
C ARG B 163 14.34 54.15 41.38
N GLY B 164 14.95 52.98 41.61
CA GLY B 164 14.36 51.96 42.46
C GLY B 164 12.91 51.65 42.12
N GLU B 165 12.02 51.88 43.07
CA GLU B 165 10.59 51.66 42.90
C GLU B 165 9.90 52.99 42.66
N ARG B 166 8.57 52.94 42.53
CA ARG B 166 7.75 54.11 42.29
C ARG B 166 6.67 54.21 43.35
N LYS B 167 6.29 55.45 43.68
CA LYS B 167 5.21 55.67 44.63
C LYS B 167 3.86 55.51 43.95
N VAL B 168 2.84 55.23 44.75
CA VAL B 168 1.49 54.96 44.26
C VAL B 168 0.53 55.94 44.90
N CYS B 169 -0.30 56.57 44.06
CA CYS B 169 -1.36 57.43 44.58
C CYS B 169 -2.39 56.57 45.31
N ARG B 170 -2.59 56.85 46.60
CA ARG B 170 -3.51 56.04 47.39
C ARG B 170 -4.96 56.35 47.03
N PHE B 171 -5.81 55.36 47.28
CA PHE B 171 -7.25 55.47 47.00
C PHE B 171 -8.00 55.16 48.29
N LYS B 172 -8.76 56.14 48.78
CA LYS B 172 -9.50 55.96 50.01
C LYS B 172 -10.92 55.50 49.73
N LEU B 173 -11.41 54.60 50.59
CA LEU B 173 -12.74 54.03 50.42
C LEU B 173 -13.86 55.04 50.62
N ASP B 174 -13.56 56.19 51.21
CA ASP B 174 -14.62 57.17 51.48
C ASP B 174 -15.31 57.63 50.20
N TRP B 175 -14.57 57.66 49.09
CA TRP B 175 -15.15 58.14 47.84
C TRP B 175 -16.27 57.22 47.35
N LEU B 176 -16.24 55.94 47.75
CA LEU B 176 -17.25 54.98 47.34
C LEU B 176 -18.45 55.06 48.30
N GLY B 177 -19.09 56.22 48.30
CA GLY B 177 -20.21 56.44 49.18
C GLY B 177 -21.32 55.43 48.97
N ASN B 178 -21.90 54.98 50.08
CA ASN B 178 -22.95 53.97 50.09
C ASN B 178 -22.42 52.56 49.80
N CYS B 179 -21.14 52.45 49.45
CA CYS B 179 -20.57 51.15 49.11
C CYS B 179 -19.18 50.94 49.70
N SER B 180 -18.70 51.87 50.52
CA SER B 180 -17.40 51.70 51.14
C SER B 180 -17.43 50.59 52.19
N GLY B 181 -18.59 50.35 52.80
CA GLY B 181 -18.73 49.37 53.85
C GLY B 181 -18.37 49.89 55.23
N LEU B 182 -17.88 51.12 55.33
CA LEU B 182 -17.55 51.71 56.62
C LEU B 182 -18.80 51.83 57.48
N ASN B 183 -19.76 52.63 57.02
CA ASN B 183 -21.01 52.76 57.76
C ASN B 183 -22.04 51.74 57.28
N ASP B 184 -22.11 51.52 55.97
CA ASP B 184 -23.06 50.54 55.43
C ASP B 184 -22.66 49.14 55.85
N GLU B 185 -23.65 48.33 56.21
CA GLU B 185 -23.45 46.95 56.59
C GLU B 185 -23.91 46.04 55.46
N SER B 186 -23.11 45.01 55.17
CA SER B 186 -23.35 44.14 54.03
C SER B 186 -23.36 44.95 52.73
N TYR B 187 -22.65 46.08 52.74
CA TYR B 187 -22.59 46.96 51.59
C TYR B 187 -23.99 47.36 51.15
N GLY B 188 -24.40 46.95 49.95
CA GLY B 188 -25.67 47.39 49.43
C GLY B 188 -26.72 46.31 49.34
N TYR B 189 -26.36 45.06 49.62
CA TYR B 189 -27.27 43.97 49.33
C TYR B 189 -28.37 43.85 50.38
N LYS B 190 -29.02 44.98 50.65
CA LYS B 190 -30.30 44.99 51.34
C LYS B 190 -31.40 44.98 50.30
N GLU B 191 -32.64 45.26 50.70
CA GLU B 191 -33.77 45.13 49.79
C GLU B 191 -33.54 46.00 48.56
N GLY B 192 -33.25 45.36 47.44
CA GLY B 192 -33.11 46.05 46.16
C GLY B 192 -32.07 47.15 46.12
N LYS B 193 -30.87 46.89 46.63
CA LYS B 193 -29.78 47.87 46.58
C LYS B 193 -28.46 47.22 46.17
N PRO B 194 -28.46 46.42 45.10
CA PRO B 194 -27.22 45.77 44.69
C PRO B 194 -26.14 46.79 44.37
N CYS B 195 -24.92 46.47 44.76
CA CYS B 195 -23.77 47.35 44.56
C CYS B 195 -22.64 46.56 43.90
N ILE B 196 -22.12 47.07 42.80
CA ILE B 196 -21.00 46.45 42.09
C ILE B 196 -19.92 47.50 41.90
N ILE B 197 -18.67 47.09 42.05
CA ILE B 197 -17.52 47.98 41.92
C ILE B 197 -16.89 47.71 40.55
N ILE B 198 -16.86 48.73 39.70
CA ILE B 198 -16.30 48.57 38.36
C ILE B 198 -14.83 48.98 38.38
N LYS B 199 -13.98 48.15 37.76
CA LYS B 199 -12.56 48.41 37.70
C LYS B 199 -12.07 48.12 36.30
N LEU B 200 -10.99 48.80 35.92
CA LEU B 200 -10.40 48.68 34.60
C LEU B 200 -9.18 47.77 34.67
N ASN B 201 -9.09 46.82 33.74
CA ASN B 201 -7.99 45.87 33.75
C ASN B 201 -6.65 46.60 33.63
N ARG B 202 -5.71 46.20 34.48
CA ARG B 202 -4.40 46.85 34.48
C ARG B 202 -3.64 46.52 33.21
N VAL B 203 -3.14 47.55 32.53
CA VAL B 203 -2.29 47.41 31.36
C VAL B 203 -1.03 48.23 31.60
N LEU B 204 0.12 47.60 31.47
CA LEU B 204 1.38 48.26 31.79
C LEU B 204 1.65 49.39 30.81
N GLY B 205 1.99 50.56 31.34
CA GLY B 205 2.32 51.71 30.51
C GLY B 205 1.19 52.14 29.60
N PHE B 206 -0.03 52.20 30.13
CA PHE B 206 -1.21 52.56 29.36
C PHE B 206 -1.82 53.82 29.95
N LYS B 207 -2.02 54.83 29.11
CA LYS B 207 -2.62 56.09 29.54
C LYS B 207 -3.95 56.28 28.83
N PRO B 208 -5.08 56.05 29.50
CA PRO B 208 -6.38 56.22 28.83
C PRO B 208 -6.58 57.65 28.37
N LYS B 209 -7.21 57.80 27.21
CA LYS B 209 -7.52 59.12 26.67
C LYS B 209 -9.03 59.34 26.72
N PRO B 210 -9.51 60.28 27.54
CA PRO B 210 -10.94 60.53 27.59
C PRO B 210 -11.46 61.03 26.25
N PRO B 211 -12.73 60.78 25.94
CA PRO B 211 -13.25 61.18 24.62
C PRO B 211 -13.12 62.68 24.40
N LYS B 212 -12.81 63.05 23.17
CA LYS B 212 -12.69 64.46 22.81
C LYS B 212 -14.05 65.14 22.86
N ASN B 213 -14.03 66.42 23.23
CA ASN B 213 -15.26 67.23 23.26
C ASN B 213 -15.73 67.63 21.87
N GLU B 214 -15.09 67.14 20.82
CA GLU B 214 -15.51 67.48 19.46
C GLU B 214 -16.92 67.01 19.20
N SER B 215 -17.26 65.79 19.62
CA SER B 215 -18.59 65.23 19.44
C SER B 215 -19.22 64.99 20.81
N LEU B 216 -20.53 65.22 20.89
CA LEU B 216 -21.25 65.00 22.14
C LEU B 216 -21.32 63.51 22.45
N GLU B 217 -20.59 63.10 23.49
CA GLU B 217 -20.62 61.70 23.91
C GLU B 217 -22.06 61.21 24.07
N THR B 218 -22.78 61.78 25.02
CA THR B 218 -24.13 61.38 25.35
C THR B 218 -24.91 62.59 25.86
N TYR B 219 -26.02 62.34 26.55
CA TYR B 219 -26.77 63.41 27.20
C TYR B 219 -25.81 64.35 27.90
N PRO B 220 -26.13 65.66 27.95
CA PRO B 220 -25.21 66.62 28.58
C PRO B 220 -24.76 66.17 29.97
N LEU B 221 -23.47 65.89 30.13
CA LEU B 221 -22.95 65.44 31.41
C LEU B 221 -22.77 66.58 32.39
N THR B 222 -22.81 67.83 31.92
CA THR B 222 -22.58 68.98 32.78
C THR B 222 -21.17 68.95 33.34
N MET B 223 -20.91 68.00 34.24
CA MET B 223 -19.57 67.79 34.78
C MET B 223 -18.73 66.91 33.87
N LYS B 224 -18.62 67.31 32.60
CA LYS B 224 -17.88 66.52 31.62
C LYS B 224 -16.45 66.27 32.10
N TYR B 225 -15.68 67.34 32.26
CA TYR B 225 -14.33 67.25 32.84
C TYR B 225 -13.51 66.19 32.13
N ASN B 226 -13.57 66.17 30.81
CA ASN B 226 -12.86 65.18 30.00
C ASN B 226 -11.35 65.23 30.18
N PRO B 227 -10.76 66.37 30.56
CA PRO B 227 -9.30 66.40 30.71
C PRO B 227 -8.73 65.33 31.63
N ASN B 228 -9.44 64.99 32.72
CA ASN B 228 -8.88 64.09 33.72
C ASN B 228 -9.87 63.06 34.23
N VAL B 229 -10.84 62.63 33.42
CA VAL B 229 -11.77 61.59 33.80
C VAL B 229 -12.09 60.74 32.58
N LEU B 230 -12.18 59.42 32.79
CA LEU B 230 -12.59 58.51 31.74
C LEU B 230 -14.05 58.12 31.97
N PRO B 231 -14.99 58.57 31.14
CA PRO B 231 -16.40 58.33 31.44
C PRO B 231 -16.74 56.85 31.45
N VAL B 232 -17.66 56.48 32.34
CA VAL B 232 -18.22 55.13 32.40
C VAL B 232 -19.71 55.27 32.65
N GLN B 233 -20.50 54.53 31.87
CA GLN B 233 -21.96 54.61 31.94
C GLN B 233 -22.53 53.20 31.95
N CYS B 234 -23.62 53.03 32.70
CA CYS B 234 -24.32 51.74 32.79
C CYS B 234 -25.78 51.95 32.43
N THR B 235 -26.30 51.10 31.55
CA THR B 235 -27.67 51.20 31.06
C THR B 235 -28.19 49.81 30.76
N GLY B 236 -29.52 49.70 30.65
CA GLY B 236 -30.14 48.45 30.30
C GLY B 236 -29.62 47.90 28.99
N LYS B 237 -29.35 46.59 28.96
CA LYS B 237 -28.76 45.99 27.76
C LYS B 237 -29.67 46.18 26.55
N ARG B 238 -30.96 45.91 26.71
CA ARG B 238 -31.92 46.04 25.62
C ARG B 238 -33.05 47.00 26.02
N ASP B 239 -33.84 47.39 25.02
CA ASP B 239 -34.85 48.40 25.23
C ASP B 239 -35.78 48.02 26.37
N GLU B 240 -36.15 46.74 26.46
CA GLU B 240 -37.07 46.32 27.50
C GLU B 240 -36.50 46.56 28.90
N ASP B 241 -35.20 46.28 29.08
CA ASP B 241 -34.60 46.36 30.40
C ASP B 241 -34.61 47.79 30.94
N LYS B 242 -34.44 48.78 30.07
CA LYS B 242 -34.36 50.16 30.52
C LYS B 242 -35.59 50.55 31.34
N ASP B 243 -36.75 49.97 31.04
CA ASP B 243 -37.95 50.32 31.79
C ASP B 243 -37.85 49.88 33.24
N LYS B 244 -37.30 48.69 33.48
CA LYS B 244 -37.28 48.11 34.82
C LYS B 244 -35.98 48.37 35.57
N VAL B 245 -34.92 48.82 34.89
CA VAL B 245 -33.64 49.00 35.56
C VAL B 245 -33.70 50.10 36.62
N GLY B 246 -34.70 50.97 36.57
CA GLY B 246 -34.76 52.06 37.53
C GLY B 246 -33.63 53.05 37.29
N ASN B 247 -33.15 53.63 38.38
CA ASN B 247 -32.07 54.61 38.33
C ASN B 247 -30.77 53.99 38.84
N ILE B 248 -29.66 54.61 38.44
CA ILE B 248 -28.33 54.12 38.77
C ILE B 248 -27.57 55.25 39.48
N GLU B 249 -26.90 54.91 40.56
CA GLU B 249 -26.10 55.86 41.33
C GLU B 249 -24.63 55.53 41.17
N TYR B 250 -23.82 56.52 40.82
CA TYR B 250 -22.39 56.36 40.63
C TYR B 250 -21.64 57.04 41.77
N PHE B 251 -20.67 56.34 42.34
CA PHE B 251 -19.81 56.88 43.39
C PHE B 251 -18.36 56.75 42.93
N GLY B 252 -17.73 57.89 42.65
CA GLY B 252 -16.34 57.93 42.24
C GLY B 252 -15.57 59.01 42.99
N MET B 253 -14.30 59.13 42.62
CA MET B 253 -13.44 60.13 43.24
C MET B 253 -13.86 61.52 42.81
N GLY B 254 -14.10 62.40 43.79
CA GLY B 254 -14.49 63.76 43.51
C GLY B 254 -15.89 63.92 42.93
N GLY B 255 -16.70 62.87 42.90
CA GLY B 255 -18.04 62.93 42.38
C GLY B 255 -18.17 62.68 40.89
N PHE B 256 -17.06 62.57 40.16
CA PHE B 256 -17.12 62.31 38.74
C PHE B 256 -17.37 60.83 38.47
N TYR B 257 -18.02 60.54 37.35
CA TYR B 257 -18.39 59.18 36.99
C TYR B 257 -17.36 58.56 36.04
N GLY B 258 -16.18 58.28 36.59
CA GLY B 258 -15.13 57.69 35.80
C GLY B 258 -13.87 57.49 36.61
N PHE B 259 -12.89 56.88 35.96
CA PHE B 259 -11.61 56.65 36.61
C PHE B 259 -10.72 57.88 36.47
N PRO B 260 -10.23 58.46 37.56
CA PRO B 260 -9.32 59.59 37.44
C PRO B 260 -8.05 59.18 36.69
N LEU B 261 -7.53 60.12 35.89
CA LEU B 261 -6.36 59.82 35.08
C LEU B 261 -5.06 59.91 35.85
N GLN B 262 -5.08 60.49 37.06
CA GLN B 262 -3.83 60.70 37.79
C GLN B 262 -3.19 59.38 38.18
N TYR B 263 -3.98 58.31 38.28
CA TYR B 263 -3.44 57.04 38.72
C TYR B 263 -2.55 56.38 37.65
N TYR B 264 -2.93 56.50 36.39
CA TYR B 264 -2.14 55.90 35.33
C TYR B 264 -0.89 56.72 35.04
N PRO B 265 0.11 56.13 34.38
CA PRO B 265 0.11 54.73 33.91
C PRO B 265 0.59 53.73 34.96
N TYR B 266 0.22 52.47 34.76
CA TYR B 266 0.69 51.39 35.61
C TYR B 266 2.11 51.00 35.22
N TYR B 267 2.89 50.52 36.19
CA TYR B 267 4.31 50.28 35.98
C TYR B 267 4.74 48.82 36.18
N GLY B 268 3.79 47.89 36.24
CA GLY B 268 4.11 46.49 36.03
C GLY B 268 4.28 45.63 37.27
N LYS B 269 4.00 46.15 38.46
CA LYS B 269 4.00 45.31 39.65
C LYS B 269 5.41 44.93 40.07
N LEU B 270 6.41 45.28 39.27
CA LEU B 270 7.79 45.13 39.68
C LEU B 270 8.37 46.47 40.12
N LEU B 271 8.22 47.49 39.28
CA LEU B 271 8.62 48.84 39.65
C LEU B 271 7.62 49.48 40.61
N GLN B 272 6.34 49.09 40.53
CA GLN B 272 5.27 49.73 41.28
C GLN B 272 4.42 48.65 41.96
N PRO B 273 5.00 47.92 42.92
CA PRO B 273 4.20 46.94 43.66
C PRO B 273 3.21 47.63 44.59
N LYS B 274 2.16 46.90 44.94
CA LYS B 274 1.11 47.41 45.81
C LYS B 274 0.33 48.54 45.14
N TYR B 275 0.30 48.53 43.81
CA TYR B 275 -0.44 49.54 43.07
C TYR B 275 -1.94 49.37 43.29
N LEU B 276 -2.64 50.47 43.53
CA LEU B 276 -4.08 50.47 43.76
C LEU B 276 -4.76 51.13 42.58
N GLN B 277 -5.55 50.36 41.85
CA GLN B 277 -6.25 50.91 40.70
C GLN B 277 -7.49 51.68 41.15
N PRO B 278 -7.90 52.71 40.43
CA PRO B 278 -9.11 53.44 40.79
C PRO B 278 -10.35 52.57 40.61
N LEU B 279 -11.37 52.86 41.41
CA LEU B 279 -12.61 52.10 41.39
C LEU B 279 -13.78 53.03 41.20
N LEU B 280 -14.88 52.51 40.65
CA LEU B 280 -16.11 53.24 40.44
C LEU B 280 -17.27 52.37 40.90
N ALA B 281 -17.81 52.66 42.07
CA ALA B 281 -18.91 51.87 42.60
C ALA B 281 -20.24 52.31 41.99
N VAL B 282 -21.05 51.35 41.60
CA VAL B 282 -22.35 51.60 41.00
C VAL B 282 -23.42 50.90 41.84
N GLN B 283 -24.46 51.64 42.21
CA GLN B 283 -25.55 51.09 43.01
C GLN B 283 -26.87 51.53 42.40
N PHE B 284 -27.82 50.60 42.31
CA PHE B 284 -29.06 50.85 41.58
C PHE B 284 -30.13 51.43 42.51
N THR B 285 -30.41 50.75 43.61
CA THR B 285 -31.28 51.29 44.66
C THR B 285 -32.74 51.30 44.27
N ASN B 286 -33.06 50.97 43.02
CA ASN B 286 -34.44 50.90 42.56
C ASN B 286 -34.50 50.08 41.29
N LEU B 287 -35.12 48.91 41.37
CA LEU B 287 -35.28 48.05 40.20
C LEU B 287 -36.42 47.09 40.45
N THR B 288 -36.96 46.54 39.36
CA THR B 288 -38.10 45.65 39.45
C THR B 288 -37.73 44.39 40.24
N LEU B 289 -38.74 43.85 40.93
CA LEU B 289 -38.56 42.71 41.80
C LEU B 289 -38.95 41.42 41.09
N ASP B 290 -38.17 40.37 41.31
CA ASP B 290 -38.43 39.05 40.72
C ASP B 290 -38.39 39.10 39.19
N THR B 291 -37.64 40.05 38.64
CA THR B 291 -37.46 40.19 37.21
C THR B 291 -35.98 40.31 36.92
N GLU B 292 -35.50 39.56 35.93
CA GLU B 292 -34.08 39.57 35.60
C GLU B 292 -33.79 40.68 34.59
N ILE B 293 -32.85 41.56 34.94
CA ILE B 293 -32.52 42.72 34.12
C ILE B 293 -31.11 42.54 33.57
N ARG B 294 -30.97 42.67 32.26
CA ARG B 294 -29.66 42.66 31.63
C ARG B 294 -29.12 44.08 31.57
N ILE B 295 -28.00 44.32 32.25
CA ILE B 295 -27.41 45.65 32.36
C ILE B 295 -26.02 45.61 31.76
N GLU B 296 -25.71 46.59 30.92
CA GLU B 296 -24.42 46.68 30.25
C GLU B 296 -23.71 47.96 30.68
N CYS B 297 -22.48 47.84 31.14
CA CYS B 297 -21.65 48.98 31.50
C CYS B 297 -20.55 49.17 30.47
N LYS B 298 -20.37 50.42 30.04
CA LYS B 298 -19.47 50.75 28.95
C LYS B 298 -18.53 51.86 29.36
N ALA B 299 -17.27 51.77 28.94
CA ALA B 299 -16.28 52.81 29.18
C ALA B 299 -15.99 53.51 27.86
N TYR B 300 -16.19 54.83 27.84
CA TYR B 300 -16.06 55.62 26.62
C TYR B 300 -14.72 56.33 26.61
N GLY B 301 -13.96 56.14 25.53
CA GLY B 301 -12.69 56.81 25.38
C GLY B 301 -12.13 56.55 24.00
N GLU B 302 -11.41 57.55 23.47
CA GLU B 302 -10.80 57.38 22.16
C GLU B 302 -9.78 56.26 22.17
N ASN B 303 -9.01 56.15 23.25
CA ASN B 303 -8.04 55.07 23.37
C ASN B 303 -8.74 53.73 23.60
N ILE B 304 -9.87 53.74 24.30
CA ILE B 304 -10.57 52.50 24.61
C ILE B 304 -11.21 51.93 23.36
N GLY B 305 -11.24 50.60 23.28
CA GLY B 305 -11.82 49.94 22.12
C GLY B 305 -12.87 48.91 22.48
N TYR B 306 -13.56 48.38 21.47
CA TYR B 306 -14.61 47.40 21.68
C TYR B 306 -14.46 46.30 20.64
N SER B 307 -15.01 45.13 20.96
CA SER B 307 -14.99 43.99 20.04
C SER B 307 -16.25 43.16 20.22
N GLU B 308 -16.74 42.61 19.11
CA GLU B 308 -17.89 41.72 19.18
C GLU B 308 -17.50 40.35 19.74
N LYS B 309 -16.32 39.85 19.37
CA LYS B 309 -15.89 38.54 19.86
C LYS B 309 -15.71 38.54 21.37
N ASP B 310 -15.09 39.59 21.91
CA ASP B 310 -14.76 39.68 23.33
C ASP B 310 -15.78 40.60 24.00
N ARG B 311 -16.62 40.01 24.84
CA ARG B 311 -17.69 40.79 25.48
C ARG B 311 -17.15 41.63 26.63
N PHE B 312 -16.00 41.26 27.18
CA PHE B 312 -15.46 41.94 28.35
C PHE B 312 -14.37 42.95 27.99
N GLN B 313 -14.37 43.43 26.75
CA GLN B 313 -13.38 44.40 26.29
C GLN B 313 -14.01 45.78 26.37
N GLY B 314 -13.87 46.43 27.52
CA GLY B 314 -14.44 47.75 27.71
C GLY B 314 -15.94 47.79 27.87
N ARG B 315 -16.57 46.68 28.26
CA ARG B 315 -18.02 46.60 28.35
C ARG B 315 -18.40 45.52 29.36
N PHE B 316 -19.65 45.60 29.85
CA PHE B 316 -20.18 44.64 30.78
C PHE B 316 -21.39 43.92 30.17
N ASP B 317 -21.62 42.70 30.66
CA ASP B 317 -22.87 41.99 30.46
C ASP B 317 -23.22 41.36 31.80
N VAL B 318 -24.06 42.05 32.58
CA VAL B 318 -24.40 41.62 33.93
C VAL B 318 -25.91 41.56 34.05
N LYS B 319 -26.41 40.48 34.64
CA LYS B 319 -27.84 40.26 34.82
C LYS B 319 -28.14 40.19 36.31
N ILE B 320 -29.12 40.98 36.76
CA ILE B 320 -29.43 41.12 38.18
C ILE B 320 -30.90 40.77 38.37
N GLU B 321 -31.19 39.98 39.41
CA GLU B 321 -32.56 39.62 39.75
C GLU B 321 -32.68 39.58 41.27
N VAL B 322 -33.52 40.45 41.82
CA VAL B 322 -33.75 40.49 43.27
C VAL B 322 -35.05 39.74 43.53
N LYS B 323 -34.92 38.55 44.12
CA LYS B 323 -36.09 37.74 44.43
C LYS B 323 -36.77 38.24 45.70
N SER B 324 -37.96 38.79 45.57
CA SER B 324 -38.69 39.31 46.72
C SER B 324 -38.98 38.21 47.72
AL ALF C . 2.73 -26.32 -19.39
F1 ALF C . 3.11 -25.40 -20.89
F2 ALF C . 2.37 -27.22 -17.88
F3 ALF C . 4.10 -27.44 -19.72
F4 ALF C . 1.37 -25.19 -19.07
MG MG D . 2.08 -23.77 -20.45
K K E . -1.78 11.22 14.49
K K F . 1.59 11.30 11.55
K K G . -2.68 -15.69 -6.25
C1 CLR H . 2.54 -3.86 20.25
C2 CLR H . 2.00 -5.12 19.58
C3 CLR H . 3.08 -6.19 19.49
C4 CLR H . 3.54 -6.55 20.90
C5 CLR H . 3.96 -5.30 21.63
C6 CLR H . 5.16 -5.31 22.24
C7 CLR H . 5.71 -4.13 22.99
C8 CLR H . 4.59 -3.21 23.42
C9 CLR H . 3.73 -2.87 22.21
C10 CLR H . 3.02 -4.12 21.66
C11 CLR H . 2.76 -1.70 22.46
C12 CLR H . 3.44 -0.51 23.14
C13 CLR H . 4.11 -0.93 24.43
C14 CLR H . 5.16 -1.93 24.04
C15 CLR H . 6.01 -2.09 25.28
C16 CLR H . 6.00 -0.70 25.89
C17 CLR H . 4.94 0.13 25.16
C18 CLR H . 3.09 -1.53 25.42
C19 CLR H . 1.82 -4.49 22.53
C20 CLR H . 4.21 1.08 26.11
C21 CLR H . 3.13 1.89 25.40
C22 CLR H . 5.21 2.03 26.79
C23 CLR H . 4.55 2.93 27.83
C24 CLR H . 5.59 3.51 28.78
C25 CLR H . 4.93 4.35 29.88
C26 CLR H . 5.94 4.70 30.97
C27 CLR H . 4.31 5.62 29.32
O1 CLR H . 2.56 -7.35 18.84
H11 CLR H . 1.76 -3.10 20.25
H12 CLR H . 3.37 -3.47 19.64
H21 CLR H . 1.65 -4.88 18.58
H22 CLR H . 1.15 -5.50 20.15
H3 CLR H . 3.93 -5.79 18.92
H41 CLR H . 4.38 -7.24 20.82
H42 CLR H . 2.74 -7.05 21.43
H6 CLR H . 5.77 -6.19 22.17
H71 CLR H . 6.25 -4.48 23.88
H72 CLR H . 6.41 -3.58 22.37
H8 CLR H . 3.98 -3.74 24.17
H9 CLR H . 4.42 -2.54 21.42
H111 CLR H . 1.91 -2.02 23.07
H112 CLR H . 2.36 -1.37 21.50
H121 CLR H . 2.68 0.26 23.32
H122 CLR H . 4.18 -0.09 22.47
H14 CLR H . 5.79 -1.46 23.26
H151 CLR H . 5.57 -2.82 25.97
H152 CLR H . 7.03 -2.41 25.01
H161 CLR H . 5.78 -0.76 26.95
H162 CLR H . 6.98 -0.23 25.77
H17 CLR H . 5.45 0.73 24.40
H181 CLR H . 2.64 -2.40 25.03
H182 CLR H . 2.32 -0.82 25.60
H183 CLR H . 3.57 -1.76 26.33
H191 CLR H . 1.55 -5.50 22.35
H192 CLR H . 1.00 -3.87 22.28
H193 CLR H . 2.05 -4.37 23.55
H20 CLR H . 3.74 0.49 26.91
H211 CLR H . 3.55 2.35 24.54
H212 CLR H . 2.73 2.62 26.04
H213 CLR H . 2.35 1.24 25.09
H221 CLR H . 5.68 2.66 26.03
H222 CLR H . 6.00 1.46 27.28
H231 CLR H . 3.81 2.36 28.39
H232 CLR H . 4.03 3.74 27.33
H241 CLR H . 6.29 4.14 28.22
H242 CLR H . 6.16 2.71 29.24
H25 CLR H . 4.14 3.75 30.34
H261 CLR H . 5.46 5.27 31.72
H262 CLR H . 6.74 5.26 30.55
H263 CLR H . 6.32 3.80 31.39
H271 CLR H . 5.01 6.13 28.73
H272 CLR H . 3.99 6.24 30.11
H273 CLR H . 3.46 5.36 28.72
H1 CLR H . 3.25 -8.03 18.78
C1 PCW I . 12.71 32.40 36.08
C2 PCW I . 13.42 31.05 36.05
C3 PCW I . 14.34 30.94 34.85
C4 PCW I . 12.91 36.61 33.12
C5 PCW I . 13.96 37.16 32.15
C6 PCW I . 15.88 36.03 33.15
C7 PCW I . 16.18 37.91 31.72
C8 PCW I . 15.26 38.24 33.89
C11 PCW I . 16.06 29.36 33.96
C12 PCW I . 16.37 27.96 33.50
C13 PCW I . 15.29 27.49 32.51
C14 PCW I . 14.06 26.98 33.26
C15 PCW I . 12.96 26.60 32.28
C16 PCW I . 11.78 26.00 33.02
C17 PCW I . 10.73 25.47 32.02
C18 PCW I . 9.63 24.72 32.73
C19 PCW I . 8.82 23.95 31.71
C20 PCW I . 8.86 22.62 31.70
C21 PCW I . 8.06 21.85 30.69
C22 PCW I . 9.02 21.07 29.79
C23 PCW I . 8.26 20.08 28.91
C24 PCW I . 9.22 19.28 28.04
C25 PCW I . 8.53 18.01 27.53
C26 PCW I . 9.46 17.16 26.68
C27 PCW I . 8.86 15.78 26.45
C28 PCW I . 9.80 14.90 25.66
C31 PCW I . 13.36 30.47 38.38
C32 PCW I . 14.00 29.75 39.54
C33 PCW I . 12.94 29.14 40.44
C34 PCW I . 12.13 28.04 39.77
C35 PCW I . 12.99 26.82 39.44
C36 PCW I . 12.44 25.55 40.06
C37 PCW I . 11.03 25.23 39.55
C38 PCW I . 10.90 23.76 39.20
C39 PCW I . 9.44 23.42 38.99
C40 PCW I . 9.02 22.50 38.12
C41 PCW I . 9.99 21.71 37.27
C42 PCW I . 9.36 20.37 36.92
C43 PCW I . 10.22 19.62 35.92
C44 PCW I . 9.56 18.31 35.50
C45 PCW I . 10.33 17.66 34.36
C46 PCW I . 9.75 16.30 34.00
C47 PCW I . 8.34 16.41 33.43
C48 PCW I . 7.89 15.09 32.83
N PCW I . 15.31 37.33 32.75
O2 PCW I . 14.18 30.88 37.26
O3 PCW I . 14.87 29.63 34.77
O11 PCW I . 16.79 30.29 33.68
O31 PCW I . 12.17 30.71 38.38
O1P PCW I . 12.29 35.41 35.85
O2P PCW I . 11.01 34.12 33.97
O3P PCW I . 13.14 33.21 34.98
O4P PCW I . 13.22 35.28 33.52
P PCW I . 12.31 34.54 34.62
H11 PCW I . 12.95 32.92 37.01
H12 PCW I . 11.64 32.26 36.03
H2 PCW I . 12.66 30.25 35.99
H31 PCW I . 15.15 31.67 34.93
H32 PCW I . 13.78 31.17 33.93
H41 PCW I . 12.85 37.26 34.01
H42 PCW I . 11.93 36.62 32.64
H51 PCW I . 13.62 38.13 31.78
H52 PCW I . 14.03 36.49 31.30
H61 PCW I . 15.71 35.32 32.39
H62 PCW I . 15.43 35.70 34.06
H63 PCW I . 16.92 36.14 33.29
H71 PCW I . 15.79 38.85 31.43
H72 PCW I . 16.22 37.28 30.88
H73 PCW I . 17.15 38.04 32.11
H81 PCW I . 14.86 37.74 34.74
H82 PCW I . 14.65 39.07 33.66
H83 PCW I . 16.25 38.56 34.12
H121 PCW I . 17.34 27.95 33.00
H122 PCW I . 16.41 27.28 34.35
H131 PCW I . 15.01 28.33 31.87
H132 PCW I . 15.70 26.71 31.89
H141 PCW I . 13.70 27.74 33.94
H142 PCW I . 14.34 26.11 33.85
H151 PCW I . 13.35 25.88 31.55
H152 PCW I . 12.64 27.49 31.73
H161 PCW I . 11.32 26.75 33.66
H162 PCW I . 12.12 25.17 33.65
H171 PCW I . 11.22 24.81 31.31
H172 PCW I . 10.31 26.32 31.47
H181 PCW I . 8.98 25.42 33.26
H182 PCW I . 10.06 24.03 33.46
H19 PCW I . 8.22 24.48 31.00
H20 PCW I . 9.46 22.10 32.42
H211 PCW I . 7.46 22.53 30.08
H212 PCW I . 7.38 21.16 31.19
H221 PCW I . 9.74 20.53 30.41
H222 PCW I . 9.57 21.76 29.16
H231 PCW I . 7.55 20.62 28.28
H232 PCW I . 7.70 19.40 29.55
H241 PCW I . 10.11 19.01 28.61
H242 PCW I . 9.54 19.89 27.18
H251 PCW I . 7.66 18.29 26.94
H252 PCW I . 8.19 17.43 28.38
H261 PCW I . 10.42 17.06 27.19
H262 PCW I . 9.64 17.65 25.73
H271 PCW I . 7.92 15.88 25.92
H272 PCW I . 8.65 15.31 27.42
H281 PCW I . 10.00 15.35 24.72
H282 PCW I . 10.71 14.79 26.19
H283 PCW I . 9.37 13.96 25.52
H321 PCW I . 14.67 28.96 39.17
H322 PCW I . 14.61 30.45 40.11
H331 PCW I . 13.41 28.73 41.34
H332 PCW I . 12.26 29.93 40.78
H341 PCW I . 11.68 28.42 38.84
H342 PCW I . 11.32 27.73 40.43
H351 PCW I . 14.01 26.99 39.80
H352 PCW I . 13.04 26.70 38.35
H361 PCW I . 12.41 25.66 41.15
H362 PCW I . 13.10 24.71 39.82
H371 PCW I . 10.82 25.84 38.66
H372 PCW I . 10.31 25.50 40.32
H381 PCW I . 11.31 23.15 40.01
H382 PCW I . 11.47 23.56 38.30
H39 PCW I . 8.70 23.95 39.59
H40 PCW I . 7.97 22.31 38.03
H411 PCW I . 10.92 21.54 37.80
H412 PCW I . 10.22 22.26 36.36
H421 PCW I . 8.36 20.53 36.50
H422 PCW I . 9.25 19.78 37.83
H431 PCW I . 11.19 19.40 36.37
H432 PCW I . 10.40 20.24 35.04
H441 PCW I . 8.53 18.52 35.18
H442 PCW I . 9.52 17.63 36.36
H451 PCW I . 11.37 17.54 34.65
H452 PCW I . 10.29 18.30 33.48
H461 PCW I . 10.40 15.80 33.27
H462 PCW I . 9.72 15.67 34.90
H471 PCW I . 7.65 16.71 34.22
H472 PCW I . 8.33 17.19 32.65
H481 PCW I . 7.92 14.35 33.59
H482 PCW I . 6.91 15.19 32.47
H483 PCW I . 8.54 14.83 32.05
C11 PCW J . -11.16 33.47 3.20
C12 PCW J . -11.04 32.17 3.97
C13 PCW J . -10.48 31.08 3.07
C14 PCW J . -10.20 29.83 3.89
C15 PCW J . -9.58 28.71 3.05
C16 PCW J . -8.90 27.71 3.97
C17 PCW J . -8.71 26.35 3.33
C18 PCW J . -8.16 25.37 4.35
C19 PCW J . -8.07 23.97 3.77
C20 PCW J . -7.00 23.22 4.03
C21 PCW J . -6.90 21.84 3.47
C22 PCW J . -5.53 21.62 2.84
C23 PCW J . -5.48 20.28 2.13
C24 PCW J . -4.11 20.07 1.46
C25 PCW J . -4.10 18.78 0.64
C26 PCW J . -2.75 18.59 -0.04
C27 PCW J . -2.70 17.27 -0.79
C28 PCW J . -3.57 17.28 -2.03
C33 PCW J . -15.92 32.66 7.67
C34 PCW J . -15.36 31.27 7.36
C35 PCW J . -15.60 30.31 8.53
C36 PCW J . -14.62 29.30 7.93
C37 PCW J . -14.85 27.91 8.54
C38 PCW J . -14.00 26.85 7.86
C39 PCW J . -14.45 26.66 6.42
C40 PCW J . -13.76 25.92 5.54
C41 PCW J . -12.49 25.19 5.88
C42 PCW J . -12.79 23.70 5.96
C43 PCW J . -11.51 22.88 6.12
C44 PCW J . -11.84 21.45 6.53
C45 PCW J . -10.60 20.56 6.50
C46 PCW J . -10.89 19.20 7.12
C47 PCW J . -9.73 18.24 6.91
C48 PCW J . -8.51 18.66 7.69
O11 PCW J . -11.47 34.50 3.77
H121 PCW J . -12.02 31.88 4.34
H122 PCW J . -10.39 32.32 4.83
H131 PCW J . -9.55 31.43 2.60
H132 PCW J . -11.19 30.85 2.28
H141 PCW J . -11.13 29.47 4.33
H142 PCW J . -9.52 30.08 4.71
H151 PCW J . -8.86 29.13 2.36
H152 PCW J . -10.36 28.21 2.48
H161 PCW J . -9.49 27.59 4.88
H162 PCW J . -7.92 28.11 4.27
H171 PCW J . -8.00 26.43 2.49
H172 PCW J . -9.66 25.99 2.94
H181 PCW J . -8.81 25.35 5.23
H182 PCW J . -7.18 25.69 4.68
H19 PCW J . -8.85 23.59 3.15
H20 PCW J . -6.21 23.61 4.66
H211 PCW J . -7.68 21.68 2.71
H212 PCW J . -7.06 21.09 4.26
H221 PCW J . -4.77 21.66 3.61
H222 PCW J . -5.33 22.42 2.12
H231 PCW J . -6.27 20.22 1.38
H232 PCW J . -5.64 19.47 2.86
H241 PCW J . -3.33 20.03 2.22
H242 PCW J . -3.91 20.92 0.80
H251 PCW J . -4.89 18.82 -0.09
H252 PCW J . -4.29 17.93 1.31
H261 PCW J . -2.59 19.42 -0.74
H262 PCW J . -1.96 18.62 0.70
H271 PCW J . -1.67 17.06 -1.08
H272 PCW J . -3.02 16.47 -0.13
H281 PCW J . -3.43 16.40 -2.58
H282 PCW J . -4.60 17.35 -1.74
H283 PCW J . -3.32 18.13 -2.63
H331 PCW J . -15.77 33.31 6.80
H332 PCW J . -16.99 32.58 7.84
H341 PCW J . -14.29 31.36 7.15
H342 PCW J . -15.85 30.90 6.46
H351 PCW J . -15.45 31.24 9.08
H352 PCW J . -14.98 30.07 9.40
H361 PCW J . -13.59 29.60 8.15
H362 PCW J . -14.73 29.23 6.85
H371 PCW J . -15.91 27.65 8.42
H372 PCW J . -14.62 27.93 9.60
H381 PCW J . -12.96 27.16 7.88
H382 PCW J . -14.09 25.89 8.39
H39 PCW J . -15.34 27.15 6.10
H40 PCW J . -14.15 25.84 4.53
H411 PCW J . -12.06 25.52 6.82
H412 PCW J . -11.74 25.36 5.09
H421 PCW J . -13.31 23.38 5.06
H422 PCW J . -13.44 23.51 6.81
H431 PCW J . -10.87 23.34 6.87
H432 PCW J . -10.97 22.86 5.16
H441 PCW J . -12.60 21.04 5.86
H442 PCW J . -12.26 21.45 7.55
H451 PCW J . -9.80 21.06 7.06
H452 PCW J . -10.28 20.44 5.47
H461 PCW J . -11.79 18.78 6.68
H462 PCW J . -11.06 19.32 8.20
H471 PCW J . -10.03 17.23 7.22
H472 PCW J . -9.49 18.19 5.85
H481 PCW J . -8.13 19.57 7.30
H482 PCW J . -7.76 17.91 7.61
H483 PCW J . -8.76 18.78 8.71
C11 PCW K . 3.54 13.22 -9.07
C12 PCW K . 2.55 12.86 -7.99
C13 PCW K . 2.47 13.98 -6.97
C14 PCW K . 1.63 13.58 -5.77
C15 PCW K . 0.13 13.67 -6.06
C16 PCW K . -0.67 13.09 -4.90
C17 PCW K . -2.15 13.41 -5.03
C18 PCW K . -2.89 12.90 -3.79
C19 PCW K . -4.37 13.19 -3.92
C20 PCW K . -5.28 12.58 -3.16
C21 PCW K . -4.93 11.57 -2.10
C22 PCW K . -5.66 11.95 -0.81
C23 PCW K . -5.33 10.99 0.32
C24 PCW K . -5.96 11.47 1.62
C25 PCW K . -6.23 10.30 2.57
C26 PCW K . -7.10 10.75 3.73
C27 PCW K . -7.62 9.55 4.51
C28 PCW K . -8.63 9.98 5.55
O3 PCW K . 3.84 12.29 -10.14
O11 PCW K . 4.11 14.31 -9.05
H121 PCW K . 2.86 11.94 -7.50
H122 PCW K . 1.57 12.69 -8.44
H131 PCW K . 2.03 14.87 -7.44
H132 PCW K . 3.48 14.25 -6.64
H141 PCW K . 1.86 14.23 -4.92
H142 PCW K . 1.87 12.55 -5.49
H151 PCW K . -0.10 13.13 -6.98
H152 PCW K . -0.14 14.71 -6.22
H161 PCW K . -0.53 12.00 -4.88
H162 PCW K . -0.28 13.49 -3.96
H171 PCW K . -2.56 12.93 -5.92
H172 PCW K . -2.29 14.48 -5.12
H181 PCW K . -2.49 13.38 -2.90
H182 PCW K . -2.72 11.82 -3.70
H19 PCW K . -4.69 13.89 -4.66
H20 PCW K . -6.31 12.83 -3.32
H211 PCW K . -3.86 11.54 -1.89
H212 PCW K . -5.23 10.57 -2.41
H221 PCW K . -6.74 11.93 -0.99
H222 PCW K . -5.37 12.96 -0.52
H231 PCW K . -4.24 10.92 0.45
H232 PCW K . -5.69 9.99 0.08
H241 PCW K . -6.89 11.98 1.40
H242 PCW K . -5.29 12.18 2.11
H251 PCW K . -5.29 9.92 2.95
H252 PCW K . -6.74 9.50 2.02
H261 PCW K . -7.94 11.33 3.36
H262 PCW K . -6.53 11.40 4.40
H271 PCW K . -6.79 9.04 5.00
H272 PCW K . -8.10 8.85 3.82
H281 PCW K . -8.17 10.63 6.25
H282 PCW K . -8.99 9.13 6.06
H283 PCW K . -9.44 10.48 5.08
C1 PCW L . 25.30 17.69 -5.65
C2 PCW L . 24.41 18.39 -4.63
C3 PCW L . 24.71 17.92 -3.21
C4 PCW L . 26.72 13.02 -7.08
C5 PCW L . 26.97 11.70 -6.35
C6 PCW L . 29.34 11.36 -6.67
C7 PCW L . 27.86 9.49 -6.55
C8 PCW L . 27.84 10.90 -8.48
C11 PCW L . 24.35 18.77 -0.88
C12 PCW L . 24.09 19.94 0.03
C13 PCW L . 23.97 19.51 1.49
C14 PCW L . 22.52 19.26 1.89
C15 PCW L . 21.81 20.56 2.24
C16 PCW L . 22.15 21.00 3.66
C17 PCW L . 21.25 20.32 4.68
C18 PCW L . 19.90 21.05 4.80
C19 PCW L . 19.06 20.38 5.86
C20 PCW L . 18.12 21.03 6.54
C21 PCW L . 17.80 22.49 6.31
C22 PCW L . 16.31 22.74 6.46
C23 PCW L . 15.92 22.93 7.93
C24 PCW L . 14.53 23.54 8.02
C31 PCW L . 23.76 20.50 -5.60
C32 PCW L . 23.71 22.01 -5.59
C33 PCW L . 23.36 22.52 -4.19
C34 PCW L . 24.50 22.26 -3.21
C35 PCW L . 24.84 23.50 -2.37
C36 PCW L . 23.94 23.65 -1.16
C37 PCW L . 22.57 24.21 -1.52
C38 PCW L . 21.79 24.60 -0.26
C39 PCW L . 20.37 24.92 -0.64
C40 PCW L . 19.31 24.42 0.02
C41 PCW L . 19.46 23.53 1.22
C42 PCW L . 18.08 23.16 1.77
C43 PCW L . 17.38 24.35 2.42
C44 PCW L . 15.92 24.01 2.69
C45 PCW L . 15.18 25.20 3.28
C46 PCW L . 13.70 25.19 2.93
C47 PCW L . 13.47 25.52 1.46
C48 PCW L . 12.08 26.05 1.24
N PCW L . 28.00 10.88 -7.02
O2 PCW L . 24.63 19.80 -4.69
O3 PCW L . 24.29 18.95 -2.32
O11 PCW L . 24.59 17.66 -0.44
O31 PCW L . 23.06 19.87 -6.38
O1P PCW L . 26.82 16.01 -7.47
O2P PCW L . 24.36 15.16 -7.64
O3P PCW L . 25.23 16.27 -5.54
O4P PCW L . 26.08 13.96 -6.22
P PCW L . 25.61 15.37 -6.82
H11 PCW L . 25.01 17.98 -6.66
H12 PCW L . 26.34 18.01 -5.49
H2 PCW L . 23.36 18.15 -4.86
H31 PCW L . 25.78 17.74 -3.10
H32 PCW L . 24.19 17.00 -3.00
H41 PCW L . 27.66 13.44 -7.42
H42 PCW L . 26.09 12.85 -7.96
H51 PCW L . 26.02 11.14 -6.32
H52 PCW L . 27.27 11.91 -5.33
H61 PCW L . 29.47 11.33 -5.62
H62 PCW L . 29.47 12.36 -7.00
H63 PCW L . 30.07 10.74 -7.11
H71 PCW L . 26.92 9.10 -6.87
H72 PCW L . 28.64 8.91 -6.96
H73 PCW L . 27.92 9.46 -5.50
H81 PCW L . 28.24 11.80 -8.87
H82 PCW L . 28.36 10.08 -8.90
H83 PCW L . 26.82 10.84 -8.72
H121 PCW L . 23.16 20.44 -0.28
H122 PCW L . 24.90 20.67 -0.07
H131 PCW L . 24.40 20.29 2.13
H132 PCW L . 24.55 18.60 1.66
H141 PCW L . 22.49 18.58 2.74
H142 PCW L . 22.00 18.77 1.06
H151 PCW L . 20.73 20.42 2.14
H152 PCW L . 22.11 21.34 1.53
H161 PCW L . 22.03 22.09 3.74
H162 PCW L . 23.18 20.76 3.89
H171 PCW L . 21.74 20.33 5.66
H172 PCW L . 21.08 19.28 4.40
H181 PCW L . 20.09 22.09 5.06
H182 PCW L . 19.39 21.02 3.84
H19 PCW L . 19.23 19.34 6.08
H20 PCW L . 17.55 20.49 7.28
H211 PCW L . 18.36 23.11 7.02
H212 PCW L . 18.10 22.79 5.30
H221 PCW L . 15.76 21.89 6.06
H222 PCW L . 16.03 23.63 5.90
H231 PCW L . 15.94 21.97 8.44
H232 PCW L . 16.64 23.59 8.41
H241 PCW L . 14.56 24.59 7.71
H242 PCW L . 13.85 23.02 7.35
H321 PCW L . 22.97 22.36 -6.30
H322 PCW L . 24.68 22.41 -5.90
H331 PCW L . 22.46 22.03 -3.84
H332 PCW L . 23.15 23.59 -4.24
H341 PCW L . 24.22 21.44 -2.55
H342 PCW L . 25.39 21.94 -3.75
H351 PCW L . 24.77 24.39 -3.00
H352 PCW L . 25.88 23.41 -2.04
H361 PCW L . 24.42 24.31 -0.43
H362 PCW L . 23.82 22.68 -0.66
H371 PCW L . 21.99 23.45 -2.06
H372 PCW L . 22.69 25.08 -2.16
H381 PCW L . 22.26 25.49 0.19
H382 PCW L . 21.85 23.78 0.46
H39 PCW L . 20.19 25.55 -1.49
H40 PCW L . 18.32 24.69 -0.31
H411 PCW L . 20.04 24.05 1.99
H412 PCW L . 20.00 22.62 0.95
H421 PCW L . 18.19 22.36 2.51
H422 PCW L . 17.47 22.78 0.95
H431 PCW L . 17.44 25.22 1.76
H432 PCW L . 17.87 24.60 3.37
H441 PCW L . 15.86 23.17 3.39
H442 PCW L . 15.45 23.70 1.76
H451 PCW L . 15.30 25.21 4.36
H452 PCW L . 15.63 26.13 2.90
H461 PCW L . 13.17 25.91 3.55
H462 PCW L . 13.29 24.19 3.14
H471 PCW L . 14.20 26.25 1.12
H472 PCW L . 13.60 24.62 0.86
H481 PCW L . 11.37 25.35 1.56
H482 PCW L . 11.93 26.25 0.20
H483 PCW L . 11.95 26.96 1.78
C1 PCW M . 12.12 -7.91 15.80
C2 PCW M . 11.39 -7.04 16.81
C3 PCW M . 9.96 -6.77 16.38
C4 PCW M . 17.22 -8.69 15.38
C5 PCW M . 18.33 -8.20 16.31
C6 PCW M . 20.08 -7.51 14.79
C7 PCW M . 20.63 -8.41 16.93
C8 PCW M . 19.76 -9.84 15.23
C11 PCW M . 8.02 -5.86 17.71
C12 PCW M . 7.55 -4.92 18.79
C13 PCW M . 7.68 -3.47 18.34
C14 PCW M . 8.21 -2.59 19.46
C15 PCW M . 7.76 -1.14 19.27
C16 PCW M . 8.37 -0.23 20.33
C17 PCW M . 7.48 0.99 20.55
C18 PCW M . 8.19 2.09 21.33
C19 PCW M . 7.22 3.22 21.58
C20 PCW M . 7.52 4.21 22.42
C21 PCW M . 6.51 5.31 22.64
C22 PCW M . 6.92 6.22 23.79
C23 PCW M . 6.82 7.68 23.36
C24 PCW M . 7.29 8.63 24.45
C25 PCW M . 6.24 8.79 25.54
C26 PCW M . 6.85 8.54 26.92
C27 PCW M . 5.90 8.94 28.03
C28 PCW M . 6.53 8.68 29.39
C31 PCW M . 12.27 -7.11 19.05
C32 PCW M . 11.83 -6.90 20.49
C33 PCW M . 11.30 -5.48 20.68
C34 PCW M . 11.02 -5.19 22.14
C35 PCW M . 10.57 -3.73 22.36
C36 PCW M . 10.67 -3.39 23.85
C37 PCW M . 10.11 -2.01 24.19
C38 PCW M . 10.35 -1.75 25.68
C39 PCW M . 9.68 -0.51 26.22
C40 PCW M . 9.57 0.62 25.51
C41 PCW M . 8.88 1.80 26.15
C42 PCW M . 9.62 3.09 25.83
C43 PCW M . 9.45 4.14 26.92
C44 PCW M . 10.14 5.43 26.53
C45 PCW M . 10.07 6.50 27.61
C46 PCW M . 10.76 7.77 27.14
C47 PCW M . 10.63 8.90 28.17
C48 PCW M . 11.42 10.11 27.75
N PCW M . 19.68 -8.49 15.81
O2 PCW M . 11.34 -7.68 18.09
O3 PCW M . 9.41 -5.82 17.31
O11 PCW M . 7.25 -6.64 17.16
O31 PCW M . 13.39 -6.81 18.69
O1P PCW M . 14.54 -7.87 13.69
O2P PCW M . 14.44 -9.99 15.22
O3P PCW M . 13.53 -7.76 16.00
O4P PCW M . 16.00 -8.06 15.75
P PCW M . 14.61 -8.49 15.06
H11 PCW M . 11.84 -8.96 15.92
H12 PCW M . 11.86 -7.60 14.78
H2 PCW M . 11.92 -6.08 16.90
H31 PCW M . 9.38 -7.69 16.39
H32 PCW M . 9.95 -6.36 15.37
H41 PCW M . 17.47 -8.45 14.35
H42 PCW M . 17.12 -9.77 15.47
H51 PCW M . 18.21 -8.66 17.29
H52 PCW M . 18.23 -7.12 16.45
H61 PCW M . 20.12 -6.55 15.22
H62 PCW M . 19.37 -7.50 13.99
H63 PCW M . 21.03 -7.76 14.40
H71 PCW M . 20.40 -9.17 17.64
H72 PCW M . 20.56 -7.46 17.38
H73 PCW M . 21.62 -8.55 16.56
H81 PCW M . 19.33 -9.85 14.27
H82 PCW M . 19.22 -10.52 15.86
H83 PCW M . 20.77 -10.14 15.17
H121 PCW M . 8.14 -5.08 19.69
H122 PCW M . 6.50 -5.14 19.03
H131 PCW M . 6.70 -3.11 18.01
H132 PCW M . 8.36 -3.43 17.48
H141 PCW M . 9.30 -2.63 19.47
H142 PCW M . 7.85 -2.96 20.42
H151 PCW M . 6.67 -1.09 19.33
H152 PCW M . 8.06 -0.79 18.27
H161 PCW M . 9.36 0.09 20.01
H162 PCW M . 8.48 -0.78 21.26
H171 PCW M . 6.58 0.69 21.10
H172 PCW M . 7.16 1.39 19.58
H181 PCW M . 8.55 1.69 22.28
H182 PCW M . 9.05 2.45 20.76
H19 PCW M . 6.27 3.22 21.07
H20 PCW M . 8.47 4.21 22.93
H211 PCW M . 5.54 4.89 22.84
H212 PCW M . 6.44 5.92 21.73
H221 PCW M . 6.26 6.04 24.65
H222 PCW M . 7.94 6.00 24.10
H231 PCW M . 7.43 7.83 22.46
H232 PCW M . 5.78 7.91 23.10
H241 PCW M . 7.51 9.61 24.01
H242 PCW M . 8.21 8.25 24.89
H251 PCW M . 5.42 8.08 25.37
H252 PCW M . 5.82 9.79 25.50
H261 PCW M . 7.79 9.10 26.99
H262 PCW M . 7.09 7.47 27.01
H271 PCW M . 4.98 8.38 27.94
H272 PCW M . 5.67 10.00 27.94
H281 PCW M . 5.87 9.00 30.15
H282 PCW M . 7.44 9.21 29.46
H283 PCW M . 6.72 7.64 29.49
H321 PCW M . 11.05 -7.61 20.75
H322 PCW M . 12.68 -7.07 21.16
H331 PCW M . 10.39 -5.35 20.09
H332 PCW M . 12.05 -4.77 20.31
H341 PCW M . 11.91 -5.38 22.74
H342 PCW M . 10.23 -5.85 22.49
H351 PCW M . 9.55 -3.60 22.02
H352 PCW M . 11.22 -3.07 21.79
H361 PCW M . 11.72 -3.44 24.16
H362 PCW M . 10.12 -4.15 24.42
H371 PCW M . 9.04 -1.98 23.98
H372 PCW M . 10.61 -1.25 23.59
H381 PCW M . 11.43 -1.68 25.86
H382 PCW M . 10.00 -2.62 26.24
H39 PCW M . 9.27 -0.55 27.21
H40 PCW M . 9.97 0.69 24.52
H411 PCW M . 8.84 1.66 27.24
H412 PCW M . 7.86 1.87 25.79
H421 PCW M . 9.25 3.49 24.89
H422 PCW M . 10.68 2.88 25.70
H431 PCW M . 9.86 3.76 27.86
H432 PCW M . 8.38 4.32 27.08
H441 PCW M . 9.70 5.82 25.61
H442 PCW M . 11.20 5.22 26.31
H451 PCW M . 10.54 6.13 28.52
H452 PCW M . 9.02 6.71 27.84
H461 PCW M . 10.33 8.10 26.20
H462 PCW M . 11.82 7.57 26.98
H471 PCW M . 10.99 8.54 29.15
H472 PCW M . 9.58 9.16 28.28
H481 PCW M . 12.44 9.85 27.64
H482 PCW M . 11.32 10.87 28.48
H483 PCW M . 11.05 10.46 26.83
C1 NAG N . -26.25 56.78 50.89
C2 NAG N . -27.12 56.61 52.12
C3 NAG N . -27.89 57.90 52.40
C4 NAG N . -26.94 59.08 52.46
C5 NAG N . -26.07 59.13 51.22
C6 NAG N . -25.01 60.21 51.28
C7 NAG N . -28.67 54.92 53.01
C8 NAG N . -29.58 53.78 52.67
N2 NAG N . -28.04 55.48 51.98
O3 NAG N . -28.61 57.77 53.63
O4 NAG N . -27.68 60.29 52.56
O5 NAG N . -25.36 57.88 51.07
O6 NAG N . -24.20 60.20 50.11
O7 NAG N . -28.52 55.32 54.16
C1 CLR O . 17.58 -2.18 23.69
C2 CLR O . 17.93 -3.13 22.55
C3 CLR O . 16.71 -3.96 22.16
C4 CLR O . 15.59 -3.04 21.68
C5 CLR O . 15.30 -2.03 22.76
C6 CLR O . 14.03 -1.91 23.17
C7 CLR O . 13.60 -0.97 24.27
C8 CLR O . 14.62 0.13 24.48
C9 CLR O . 16.02 -0.47 24.60
C10 CLR O . 16.44 -1.22 23.34
C11 CLR O . 17.03 0.60 25.04
C12 CLR O . 16.61 1.38 26.28
C13 CLR O . 15.25 2.01 26.08
C14 CLR O . 14.31 0.87 25.77
C15 CLR O . 12.91 1.47 25.90
C16 CLR O . 13.07 2.48 27.04
C17 CLR O . 14.57 2.60 27.32
C18 CLR O . 15.26 3.05 24.96
C19 CLR O . 16.91 -0.25 22.26
C20 CLR O . 14.96 4.02 27.72
C21 CLR O . 16.45 4.21 27.91
C22 CLR O . 14.27 4.40 29.03
C23 CLR O . 13.55 5.75 28.92
C24 CLR O . 12.74 6.04 30.18
C25 CLR O . 13.58 6.15 31.45
C26 CLR O . 14.68 7.21 31.31
C27 CLR O . 12.69 6.47 32.65
O1 CLR O . 17.07 -4.88 21.11
H11 CLR O . 18.46 -1.60 23.95
H12 CLR O . 17.30 -2.77 24.56
H21 CLR O . 18.74 -3.78 22.86
H22 CLR O . 18.27 -2.55 21.68
H3 CLR O . 16.37 -4.52 23.04
H41 CLR O . 14.71 -3.64 21.47
H42 CLR O . 15.90 -2.54 20.76
H6 CLR O . 13.27 -2.52 22.70
H71 CLR O . 12.64 -0.53 24.02
H72 CLR O . 13.49 -1.54 25.20
H8 CLR O . 14.57 0.81 23.63
H9 CLR O . 15.97 -1.20 25.41
H111 CLR O . 17.23 1.30 24.23
H112 CLR O . 17.98 0.10 25.26
H121 CLR O . 17.36 2.17 26.47
H122 CLR O . 16.59 0.73 27.14
H14 CLR O . 14.40 0.13 26.59
H151 CLR O . 12.63 1.97 24.97
H152 CLR O . 12.18 0.71 26.15
H161 CLR O . 12.67 3.45 26.75
H162 CLR O . 12.55 2.12 27.93
H17 CLR O . 14.81 1.94 28.17
H181 CLR O . 15.54 2.61 24.05
H182 CLR O . 15.95 3.81 25.19
H183 CLR O . 14.30 3.49 24.85
H191 CLR O . 16.94 -0.75 21.32
H192 CLR O . 17.87 0.10 22.49
H193 CLR O . 16.23 0.57 22.20
H20 CLR O . 14.62 4.72 26.94
H211 CLR O . 16.83 3.41 28.49
H212 CLR O . 16.64 5.13 28.42
H213 CLR O . 16.94 4.23 26.98
H221 CLR O . 15.02 4.47 29.82
H222 CLR O . 13.55 3.64 29.32
H231 CLR O . 12.88 5.73 28.06
H232 CLR O . 14.28 6.55 28.75
H241 CLR O . 12.00 5.25 30.32
H242 CLR O . 12.19 6.98 30.03
H25 CLR O . 14.06 5.19 31.63
H261 CLR O . 15.12 7.38 32.26
H262 CLR O . 14.26 8.11 30.95
H263 CLR O . 15.42 6.86 30.64
H271 CLR O . 12.19 7.37 32.48
H272 CLR O . 13.29 6.54 33.52
H273 CLR O . 11.99 5.69 32.77
H1 CLR O . 16.30 -5.42 20.89
C1 PCW P . 12.75 40.06 18.97
C2 PCW P . 12.63 39.13 17.78
C3 PCW P . 12.71 39.98 16.52
C4 PCW P . 10.48 44.65 19.69
C5 PCW P . 9.20 45.16 19.05
C6 PCW P . 9.88 47.46 19.20
C7 PCW P . 7.55 46.90 19.12
C8 PCW P . 8.84 46.38 21.08
C11 PCW P . 12.22 39.82 14.09
C12 PCW P . 12.18 39.00 12.81
C13 PCW P . 13.60 38.80 12.28
C14 PCW P . 13.74 37.44 11.61
C15 PCW P . 13.64 36.33 12.66
C16 PCW P . 14.56 36.60 13.83
C17 PCW P . 14.54 35.45 14.83
C18 PCW P . 14.99 34.16 14.17
C19 PCW P . 16.38 34.37 13.60
C20 PCW P . 17.24 33.36 13.58
C21 PCW P . 16.84 32.00 14.12
C22 PCW P . 16.77 31.01 12.97
C23 PCW P . 18.04 31.04 12.13
C24 PCW P . 19.24 30.55 12.94
C25 PCW P . 20.52 30.61 12.10
C26 PCW P . 20.36 29.80 10.81
C27 PCW P . 21.61 29.88 9.95
C28 PCW P . 22.81 29.32 10.69
C31 PCW P . 13.41 37.03 18.63
C32 PCW P . 14.52 36.14 19.10
C33 PCW P . 13.99 34.79 19.56
C34 PCW P . 15.01 34.10 20.44
C35 PCW P . 14.93 32.58 20.33
C36 PCW P . 15.33 32.12 18.94
C37 PCW P . 16.09 30.81 18.99
C38 PCW P . 17.45 30.98 19.65
C39 PCW P . 18.24 29.69 19.53
C40 PCW P . 19.46 29.71 19.01
N PCW P . 8.87 46.47 19.62
O2 PCW P . 13.71 38.20 17.82
O3 PCW P . 12.56 39.18 15.35
O11 PCW P . 11.98 41.01 14.07
O31 PCW P . 12.25 36.78 18.91
O1P PCW P . 13.38 43.24 19.05
O2P PCW P . 11.94 42.27 21.01
O3P PCW P . 11.92 41.20 18.72
O4P PCW P . 10.85 43.43 19.04
P PCW P . 12.12 42.57 19.54
#